data_5VY6
# 
_entry.id   5VY6 
# 
_audit_conform.dict_name       mmcif_pdbx.dic 
_audit_conform.dict_version    5.387 
_audit_conform.dict_location   http://mmcif.pdb.org/dictionaries/ascii/mmcif_pdbx.dic 
# 
loop_
_database_2.database_id 
_database_2.database_code 
_database_2.pdbx_database_accession 
_database_2.pdbx_DOI 
PDB   5VY6         pdb_00005vy6 10.2210/pdb5vy6/pdb 
WWPDB D_1000228141 ?            ?                   
# 
loop_
_pdbx_audit_revision_history.ordinal 
_pdbx_audit_revision_history.data_content_type 
_pdbx_audit_revision_history.major_revision 
_pdbx_audit_revision_history.minor_revision 
_pdbx_audit_revision_history.revision_date 
1 'Structure model' 1 0 2017-08-02 
2 'Structure model' 1 1 2017-08-23 
3 'Structure model' 1 2 2017-09-13 
4 'Structure model' 1 3 2019-11-27 
5 'Structure model' 1 4 2024-03-13 
# 
_pdbx_audit_revision_details.ordinal             1 
_pdbx_audit_revision_details.revision_ordinal    1 
_pdbx_audit_revision_details.data_content_type   'Structure model' 
_pdbx_audit_revision_details.provider            repository 
_pdbx_audit_revision_details.type                'Initial release' 
_pdbx_audit_revision_details.description         ? 
_pdbx_audit_revision_details.details             ? 
# 
loop_
_pdbx_audit_revision_group.ordinal 
_pdbx_audit_revision_group.revision_ordinal 
_pdbx_audit_revision_group.data_content_type 
_pdbx_audit_revision_group.group 
1 2 'Structure model' 'Database references'        
2 3 'Structure model' 'Author supporting evidence' 
3 4 'Structure model' 'Author supporting evidence' 
4 5 'Structure model' 'Data collection'            
5 5 'Structure model' 'Database references'        
# 
loop_
_pdbx_audit_revision_category.ordinal 
_pdbx_audit_revision_category.revision_ordinal 
_pdbx_audit_revision_category.data_content_type 
_pdbx_audit_revision_category.category 
1 2 'Structure model' citation           
2 2 'Structure model' citation_author    
3 3 'Structure model' pdbx_audit_support 
4 4 'Structure model' pdbx_audit_support 
5 5 'Structure model' chem_comp_atom     
6 5 'Structure model' chem_comp_bond     
7 5 'Structure model' database_2         
# 
loop_
_pdbx_audit_revision_item.ordinal 
_pdbx_audit_revision_item.revision_ordinal 
_pdbx_audit_revision_item.data_content_type 
_pdbx_audit_revision_item.item 
1 2 'Structure model' '_citation.journal_volume'                 
2 2 'Structure model' '_citation.page_first'                     
3 2 'Structure model' '_citation.page_last'                      
4 2 'Structure model' '_citation_author.name'                    
5 3 'Structure model' '_pdbx_audit_support.funding_organization' 
6 4 'Structure model' '_pdbx_audit_support.funding_organization' 
7 5 'Structure model' '_database_2.pdbx_DOI'                     
8 5 'Structure model' '_database_2.pdbx_database_accession'      
# 
_pdbx_database_status.status_code                     REL 
_pdbx_database_status.status_code_sf                  REL 
_pdbx_database_status.status_code_mr                  ? 
_pdbx_database_status.entry_id                        5VY6 
_pdbx_database_status.recvd_initial_deposition_date   2017-05-24 
_pdbx_database_status.SG_entry                        N 
_pdbx_database_status.deposit_site                    RCSB 
_pdbx_database_status.process_site                    RCSB 
_pdbx_database_status.status_code_cs                  ? 
_pdbx_database_status.methods_development_category    ? 
_pdbx_database_status.pdb_format_compatible           Y 
_pdbx_database_status.status_code_nmr_data            ? 
# 
_pdbx_database_related.content_type   unspecified 
_pdbx_database_related.db_id          5VY7 
_pdbx_database_related.db_name        PDB 
_pdbx_database_related.details        . 
# 
loop_
_audit_author.name 
_audit_author.pdbx_ordinal 
_audit_author.identifier_ORCID 
'Simmons, C.R.' 1 ? 
'Yan, H.'       2 ? 
# 
_citation.abstract                  ? 
_citation.abstract_id_CAS           ? 
_citation.book_id_ISBN              ? 
_citation.book_publisher            ? 
_citation.book_publisher_city       ? 
_citation.book_title                ? 
_citation.coordinate_linkage        ? 
_citation.country                   US 
_citation.database_id_Medline       ? 
_citation.details                   ? 
_citation.id                        primary 
_citation.journal_abbrev            'J. Am. Chem. Soc.' 
_citation.journal_id_ASTM           JACSAT 
_citation.journal_id_CSD            ? 
_citation.journal_id_ISSN           1520-5126 
_citation.journal_full              ? 
_citation.journal_issue             ? 
_citation.journal_volume            139 
_citation.language                  ? 
_citation.page_first                11254 
_citation.page_last                 11260 
_citation.title                     'Tuning the Cavity Size and Chirality of Self-Assembling 3D DNA Crystals.' 
_citation.year                      2017 
_citation.database_id_CSD           ? 
_citation.pdbx_database_id_DOI      10.1021/jacs.7b06485 
_citation.pdbx_database_id_PubMed   28731332 
_citation.unpublished_flag          ? 
# 
loop_
_citation_author.citation_id 
_citation_author.name 
_citation_author.ordinal 
_citation_author.identifier_ORCID 
primary 'Simmons, C.R.'      1 ? 
primary 'Zhang, F.'          2 ? 
primary 'MacCulloch, T.'     3 ? 
primary 'Fahmi, N.'          4 ? 
primary 'Stephanopoulos, N.' 5 ? 
primary 'Liu, Y.'            6 ? 
primary 'Seeman, N.C.'       7 ? 
primary 'Yan, H.'            8 ? 
# 
loop_
_entity.id 
_entity.type 
_entity.src_method 
_entity.pdbx_description 
_entity.formula_weight 
_entity.pdbx_number_of_molecules 
_entity.pdbx_ec 
_entity.pdbx_mutation 
_entity.pdbx_fragment 
_entity.details 
1 polymer syn 
;DNA (5'-D(*GP*AP*GP*CP*AP*GP*AP*CP*CP*TP*GP*AP*CP*GP*GP*AP*AP*CP*TP*CP*A)-3')
;
6466.201 1 ? ? ? ? 
2 polymer syn 
;DNA (5'-D(P*CP*CP*GP*TP*CP*A)-3')
;
1769.193 1 ? ? ? ? 
3 polymer syn 
;DNA (5'-D(*TP*CP*TP*GP*AP*GP*TP*T)-3')
;
2432.614 1 ? ? ? ? 
4 polymer syn 
;DNA (5'-D(P*GP*GP*TP*CP*TP*GP*C)-3')
;
2129.409 1 ? ? ? ? 
# 
loop_
_entity_poly.entity_id 
_entity_poly.type 
_entity_poly.nstd_linkage 
_entity_poly.nstd_monomer 
_entity_poly.pdbx_seq_one_letter_code 
_entity_poly.pdbx_seq_one_letter_code_can 
_entity_poly.pdbx_strand_id 
_entity_poly.pdbx_target_identifier 
1 polydeoxyribonucleotide no no 
;(DG)(DA)(DG)(DC)(DA)(DG)(DA)(DC)(DC)(DT)(DG)(DA)(DC)(DG)(DG)(DA)(DA)(DC)(DT)(DC)
(DA)
;
GAGCAGACCTGACGGAACTCA A ? 
2 polydeoxyribonucleotide no no '(DC)(DC)(DG)(DT)(DC)(DA)'                                                              CCGTCA B ? 
3 polydeoxyribonucleotide no no '(DT)(DC)(DT)(DG)(DA)(DG)(DT)(DT)'                                                      TCTGAGTT C 
? 
4 polydeoxyribonucleotide no no '(DG)(DG)(DT)(DC)(DT)(DG)(DC)'                                                          GGTCTGC D 
? 
# 
loop_
_entity_poly_seq.entity_id 
_entity_poly_seq.num 
_entity_poly_seq.mon_id 
_entity_poly_seq.hetero 
1 1  DG n 
1 2  DA n 
1 3  DG n 
1 4  DC n 
1 5  DA n 
1 6  DG n 
1 7  DA n 
1 8  DC n 
1 9  DC n 
1 10 DT n 
1 11 DG n 
1 12 DA n 
1 13 DC n 
1 14 DG n 
1 15 DG n 
1 16 DA n 
1 17 DA n 
1 18 DC n 
1 19 DT n 
1 20 DC n 
1 21 DA n 
2 1  DC n 
2 2  DC n 
2 3  DG n 
2 4  DT n 
2 5  DC n 
2 6  DA n 
3 1  DT n 
3 2  DC n 
3 3  DT n 
3 4  DG n 
3 5  DA n 
3 6  DG n 
3 7  DT n 
3 8  DT n 
4 1  DG n 
4 2  DG n 
4 3  DT n 
4 4  DC n 
4 5  DT n 
4 6  DG n 
4 7  DC n 
# 
loop_
_pdbx_entity_src_syn.entity_id 
_pdbx_entity_src_syn.pdbx_src_id 
_pdbx_entity_src_syn.pdbx_alt_source_flag 
_pdbx_entity_src_syn.pdbx_beg_seq_num 
_pdbx_entity_src_syn.pdbx_end_seq_num 
_pdbx_entity_src_syn.organism_scientific 
_pdbx_entity_src_syn.organism_common_name 
_pdbx_entity_src_syn.ncbi_taxonomy_id 
_pdbx_entity_src_syn.details 
1 1 sample ? ? 'synthetic construct' ? 32630 ? 
2 1 sample ? ? 'synthetic construct' ? 32630 ? 
3 1 sample ? ? 'synthetic construct' ? 32630 ? 
4 1 sample ? ? 'synthetic construct' ? 32630 ? 
# 
loop_
_chem_comp.id 
_chem_comp.type 
_chem_comp.mon_nstd_flag 
_chem_comp.name 
_chem_comp.pdbx_synonyms 
_chem_comp.formula 
_chem_comp.formula_weight 
DA 'DNA linking' y "2'-DEOXYADENOSINE-5'-MONOPHOSPHATE" ? 'C10 H14 N5 O6 P' 331.222 
DC 'DNA linking' y "2'-DEOXYCYTIDINE-5'-MONOPHOSPHATE"  ? 'C9 H14 N3 O7 P'  307.197 
DG 'DNA linking' y "2'-DEOXYGUANOSINE-5'-MONOPHOSPHATE" ? 'C10 H14 N5 O7 P' 347.221 
DT 'DNA linking' y "THYMIDINE-5'-MONOPHOSPHATE"         ? 'C10 H15 N2 O8 P' 322.208 
# 
loop_
_pdbx_poly_seq_scheme.asym_id 
_pdbx_poly_seq_scheme.entity_id 
_pdbx_poly_seq_scheme.seq_id 
_pdbx_poly_seq_scheme.mon_id 
_pdbx_poly_seq_scheme.ndb_seq_num 
_pdbx_poly_seq_scheme.pdb_seq_num 
_pdbx_poly_seq_scheme.auth_seq_num 
_pdbx_poly_seq_scheme.pdb_mon_id 
_pdbx_poly_seq_scheme.auth_mon_id 
_pdbx_poly_seq_scheme.pdb_strand_id 
_pdbx_poly_seq_scheme.pdb_ins_code 
_pdbx_poly_seq_scheme.hetero 
A 1 1  DG 1  1  1  DG DG A . n 
A 1 2  DA 2  2  2  DA DA A . n 
A 1 3  DG 3  3  3  DG DG A . n 
A 1 4  DC 4  4  4  DC DC A . n 
A 1 5  DA 5  5  5  DA DA A . n 
A 1 6  DG 6  6  6  DG DG A . n 
A 1 7  DA 7  7  7  DA DA A . n 
A 1 8  DC 8  8  8  DC DC A . n 
A 1 9  DC 9  9  9  DC DC A . n 
A 1 10 DT 10 10 10 DT DT A . n 
A 1 11 DG 11 11 11 DG DG A . n 
A 1 12 DA 12 12 12 DA DA A . n 
A 1 13 DC 13 13 13 DC DC A . n 
A 1 14 DG 14 14 14 DG DG A . n 
A 1 15 DG 15 15 15 DG DG A . n 
A 1 16 DA 16 16 16 DA DA A . n 
A 1 17 DA 17 17 17 DA DA A . n 
A 1 18 DC 18 18 18 DC DC A . n 
A 1 19 DT 19 19 19 DT DT A . n 
A 1 20 DC 20 20 20 DC DC A . n 
A 1 21 DA 21 21 21 DA DA A . n 
B 2 1  DC 1  0  0  DC DC B . n 
B 2 2  DC 2  1  1  DC DC B . n 
B 2 3  DG 3  2  2  DG DG B . n 
B 2 4  DT 4  3  3  DT DT B . n 
B 2 5  DC 5  4  4  DC DC B . n 
B 2 6  DA 6  5  5  DA DA B . n 
C 3 1  DT 1  1  1  DT DT C . n 
C 3 2  DC 2  2  2  DC DC C . n 
C 3 3  DT 3  3  3  DT DT C . n 
C 3 4  DG 4  4  4  DG DG C . n 
C 3 5  DA 5  5  5  DA DA C . n 
C 3 6  DG 6  6  6  DG DG C . n 
C 3 7  DT 7  7  7  DT DT C . n 
C 3 8  DT 8  8  8  DT DT C . n 
D 4 1  DG 1  10 10 DG DG D . n 
D 4 2  DG 2  11 11 DG DG D . n 
D 4 3  DT 3  12 12 DT DT D . n 
D 4 4  DC 4  13 13 DC DC D . n 
D 4 5  DT 5  14 14 DT DT D . n 
D 4 6  DG 6  15 15 DG DG D . n 
D 4 7  DC 7  16 16 DC DC D . n 
# 
loop_
_pdbx_unobs_or_zero_occ_atoms.id 
_pdbx_unobs_or_zero_occ_atoms.PDB_model_num 
_pdbx_unobs_or_zero_occ_atoms.polymer_flag 
_pdbx_unobs_or_zero_occ_atoms.occupancy_flag 
_pdbx_unobs_or_zero_occ_atoms.auth_asym_id 
_pdbx_unobs_or_zero_occ_atoms.auth_comp_id 
_pdbx_unobs_or_zero_occ_atoms.auth_seq_id 
_pdbx_unobs_or_zero_occ_atoms.PDB_ins_code 
_pdbx_unobs_or_zero_occ_atoms.auth_atom_id 
_pdbx_unobs_or_zero_occ_atoms.label_alt_id 
_pdbx_unobs_or_zero_occ_atoms.label_asym_id 
_pdbx_unobs_or_zero_occ_atoms.label_comp_id 
_pdbx_unobs_or_zero_occ_atoms.label_seq_id 
_pdbx_unobs_or_zero_occ_atoms.label_atom_id 
1 1 Y 1 A DG 1 ? "O5'" ? A DG 1 "O5'" 
2 1 Y 1 A DG 1 ? "C5'" ? A DG 1 "C5'" 
3 1 Y 1 C DT 1 ? "O5'" ? C DT 1 "O5'" 
4 1 Y 1 C DT 1 ? "C5'" ? C DT 1 "C5'" 
# 
loop_
_software.citation_id 
_software.classification 
_software.compiler_name 
_software.compiler_version 
_software.contact_author 
_software.contact_author_email 
_software.date 
_software.description 
_software.dependencies 
_software.hardware 
_software.language 
_software.location 
_software.mods 
_software.name 
_software.os 
_software.os_version 
_software.type 
_software.version 
_software.pdbx_ordinal 
? refinement       ? ? ? ? ? ? ? ? ? ? ? PHENIX   ? ? ? 1.11.1_2575 1 
? 'data reduction' ? ? ? ? ? ? ? ? ? ? ? HKL-2000 ? ? ? .           2 
? 'data scaling'   ? ? ? ? ? ? ? ? ? ? ? HKL-2000 ? ? ? .           3 
? phasing          ? ? ? ? ? ? ? ? ? ? ? PHENIX   ? ? ? .           4 
# 
_cell.angle_alpha                  90.00 
_cell.angle_alpha_esd              ? 
_cell.angle_beta                   90.00 
_cell.angle_beta_esd               ? 
_cell.angle_gamma                  120.00 
_cell.angle_gamma_esd              ? 
_cell.entry_id                     5VY6 
_cell.details                      ? 
_cell.formula_units_Z              ? 
_cell.length_a                     68.459 
_cell.length_a_esd                 ? 
_cell.length_b                     68.459 
_cell.length_b_esd                 ? 
_cell.length_c                     55.843 
_cell.length_c_esd                 ? 
_cell.volume                       ? 
_cell.volume_esd                   ? 
_cell.Z_PDB                        3 
_cell.reciprocal_angle_alpha       ? 
_cell.reciprocal_angle_beta        ? 
_cell.reciprocal_angle_gamma       ? 
_cell.reciprocal_angle_alpha_esd   ? 
_cell.reciprocal_angle_beta_esd    ? 
_cell.reciprocal_angle_gamma_esd   ? 
_cell.reciprocal_length_a          ? 
_cell.reciprocal_length_b          ? 
_cell.reciprocal_length_c          ? 
_cell.reciprocal_length_a_esd      ? 
_cell.reciprocal_length_b_esd      ? 
_cell.reciprocal_length_c_esd      ? 
_cell.pdbx_unique_axis             ? 
# 
_symmetry.entry_id                         5VY6 
_symmetry.cell_setting                     ? 
_symmetry.Int_Tables_number                145 
_symmetry.space_group_name_Hall            ? 
_symmetry.space_group_name_H-M             'P 32' 
_symmetry.pdbx_full_space_group_name_H-M   ? 
# 
_exptl.absorpt_coefficient_mu     ? 
_exptl.absorpt_correction_T_max   ? 
_exptl.absorpt_correction_T_min   ? 
_exptl.absorpt_correction_type    ? 
_exptl.absorpt_process_details    ? 
_exptl.entry_id                   5VY6 
_exptl.crystals_number            1 
_exptl.details                    ? 
_exptl.method                     'X-RAY DIFFRACTION' 
_exptl.method_details             ? 
# 
_exptl_crystal.colour                      ? 
_exptl_crystal.density_diffrn              ? 
_exptl_crystal.density_Matthews            5.90 
_exptl_crystal.density_method              ? 
_exptl_crystal.density_percent_sol         79.17 
_exptl_crystal.description                 ? 
_exptl_crystal.F_000                       ? 
_exptl_crystal.id                          1 
_exptl_crystal.preparation                 ? 
_exptl_crystal.size_max                    ? 
_exptl_crystal.size_mid                    ? 
_exptl_crystal.size_min                    ? 
_exptl_crystal.size_rad                    ? 
_exptl_crystal.colour_lustre               ? 
_exptl_crystal.colour_modifier             ? 
_exptl_crystal.colour_primary              ? 
_exptl_crystal.density_meas                ? 
_exptl_crystal.density_meas_esd            ? 
_exptl_crystal.density_meas_gt             ? 
_exptl_crystal.density_meas_lt             ? 
_exptl_crystal.density_meas_temp           ? 
_exptl_crystal.density_meas_temp_esd       ? 
_exptl_crystal.density_meas_temp_gt        ? 
_exptl_crystal.density_meas_temp_lt        ? 
_exptl_crystal.pdbx_crystal_image_url      ? 
_exptl_crystal.pdbx_crystal_image_format   ? 
_exptl_crystal.pdbx_mosaicity              ? 
_exptl_crystal.pdbx_mosaicity_esd          ? 
# 
_exptl_crystal_grow.apparatus       ? 
_exptl_crystal_grow.atmosphere      ? 
_exptl_crystal_grow.crystal_id      1 
_exptl_crystal_grow.details         ? 
_exptl_crystal_grow.method          'VAPOR DIFFUSION, SITTING DROP' 
_exptl_crystal_grow.method_ref      ? 
_exptl_crystal_grow.pH              ? 
_exptl_crystal_grow.pressure        ? 
_exptl_crystal_grow.pressure_esd    ? 
_exptl_crystal_grow.seeding         ? 
_exptl_crystal_grow.seeding_ref     ? 
_exptl_crystal_grow.temp            298 
_exptl_crystal_grow.temp_details    'Crystals form by generating a temperature gradient from 60C-25C over 5 days' 
_exptl_crystal_grow.temp_esd        ? 
_exptl_crystal_grow.time            ? 
_exptl_crystal_grow.pdbx_details    
'50 mM cacodylate pH 6.5, 18 mM MgCl2, 0.9 mM spermine, 0.9 mM cobalt(III)hexamine, and 9% isopropanol' 
_exptl_crystal_grow.pdbx_pH_range   ? 
# 
_diffrn.ambient_environment    ? 
_diffrn.ambient_temp           100 
_diffrn.ambient_temp_details   ? 
_diffrn.ambient_temp_esd       ? 
_diffrn.crystal_id             1 
_diffrn.crystal_support        ? 
_diffrn.crystal_treatment      ? 
_diffrn.details                ? 
_diffrn.id                     1 
_diffrn.ambient_pressure       ? 
_diffrn.ambient_pressure_esd   ? 
_diffrn.ambient_pressure_gt    ? 
_diffrn.ambient_pressure_lt    ? 
_diffrn.ambient_temp_gt        ? 
_diffrn.ambient_temp_lt        ? 
# 
_diffrn_detector.details                      ? 
_diffrn_detector.detector                     CCD 
_diffrn_detector.diffrn_id                    1 
_diffrn_detector.type                         'ADSC QUANTUM 315r' 
_diffrn_detector.area_resol_mean              ? 
_diffrn_detector.dtime                        ? 
_diffrn_detector.pdbx_frames_total            ? 
_diffrn_detector.pdbx_collection_time_total   ? 
_diffrn_detector.pdbx_collection_date         2015-06-16 
# 
_diffrn_radiation.collimation                      ? 
_diffrn_radiation.diffrn_id                        1 
_diffrn_radiation.filter_edge                      ? 
_diffrn_radiation.inhomogeneity                    ? 
_diffrn_radiation.monochromator                    ? 
_diffrn_radiation.polarisn_norm                    ? 
_diffrn_radiation.polarisn_ratio                   ? 
_diffrn_radiation.probe                            ? 
_diffrn_radiation.type                             ? 
_diffrn_radiation.xray_symbol                      ? 
_diffrn_radiation.wavelength_id                    1 
_diffrn_radiation.pdbx_monochromatic_or_laue_m_l   M 
_diffrn_radiation.pdbx_wavelength_list             ? 
_diffrn_radiation.pdbx_wavelength                  ? 
_diffrn_radiation.pdbx_diffrn_protocol             'SINGLE WAVELENGTH' 
_diffrn_radiation.pdbx_analyzer                    ? 
_diffrn_radiation.pdbx_scattering_type             x-ray 
# 
_diffrn_radiation_wavelength.id           1 
_diffrn_radiation_wavelength.wavelength   1.0 
_diffrn_radiation_wavelength.wt           1.0 
# 
_diffrn_source.current                     ? 
_diffrn_source.details                     ? 
_diffrn_source.diffrn_id                   1 
_diffrn_source.power                       ? 
_diffrn_source.size                        ? 
_diffrn_source.source                      SYNCHROTRON 
_diffrn_source.target                      ? 
_diffrn_source.type                        'ALS BEAMLINE 8.2.2' 
_diffrn_source.voltage                     ? 
_diffrn_source.take-off_angle              ? 
_diffrn_source.pdbx_wavelength_list        1.0 
_diffrn_source.pdbx_wavelength             ? 
_diffrn_source.pdbx_synchrotron_beamline   8.2.2 
_diffrn_source.pdbx_synchrotron_site       ALS 
# 
_reflns.B_iso_Wilson_estimate            ? 
_reflns.entry_id                         5VY6 
_reflns.data_reduction_details           ? 
_reflns.data_reduction_method            ? 
_reflns.d_resolution_high                3.05 
_reflns.d_resolution_low                 34.23 
_reflns.details                          ? 
_reflns.limit_h_max                      ? 
_reflns.limit_h_min                      ? 
_reflns.limit_k_max                      ? 
_reflns.limit_k_min                      ? 
_reflns.limit_l_max                      ? 
_reflns.limit_l_min                      ? 
_reflns.number_all                       ? 
_reflns.number_obs                       4710 
_reflns.observed_criterion               ? 
_reflns.observed_criterion_F_max         ? 
_reflns.observed_criterion_F_min         ? 
_reflns.observed_criterion_I_max         ? 
_reflns.observed_criterion_I_min         ? 
_reflns.observed_criterion_sigma_F       ? 
_reflns.observed_criterion_sigma_I       ? 
_reflns.percent_possible_obs             89.25 
_reflns.R_free_details                   ? 
_reflns.Rmerge_F_all                     ? 
_reflns.Rmerge_F_obs                     ? 
_reflns.Friedel_coverage                 ? 
_reflns.number_gt                        ? 
_reflns.threshold_expression             ? 
_reflns.pdbx_redundancy                  7.6 
_reflns.pdbx_Rmerge_I_obs                0.108 
_reflns.pdbx_Rmerge_I_all                ? 
_reflns.pdbx_Rsym_value                  ? 
_reflns.pdbx_netI_over_av_sigmaI         ? 
_reflns.pdbx_netI_over_sigmaI            23.9 
_reflns.pdbx_res_netI_over_av_sigmaI_2   ? 
_reflns.pdbx_res_netI_over_sigmaI_2      ? 
_reflns.pdbx_chi_squared                 ? 
_reflns.pdbx_scaling_rejects             ? 
_reflns.pdbx_d_res_high_opt              ? 
_reflns.pdbx_d_res_low_opt               ? 
_reflns.pdbx_d_res_opt_method            ? 
_reflns.phase_calculation_details        ? 
_reflns.pdbx_Rrim_I_all                  ? 
_reflns.pdbx_Rpim_I_all                  ? 
_reflns.pdbx_d_opt                       ? 
_reflns.pdbx_number_measured_all         ? 
_reflns.pdbx_diffrn_id                   1 
_reflns.pdbx_ordinal                     1 
_reflns.pdbx_CC_half                     ? 
_reflns.pdbx_R_split                     ? 
# 
_reflns_shell.d_res_high                  3.05 
_reflns_shell.d_res_low                   3.10 
_reflns_shell.meanI_over_sigI_all         ? 
_reflns_shell.meanI_over_sigI_obs         1.9 
_reflns_shell.number_measured_all         ? 
_reflns_shell.number_measured_obs         ? 
_reflns_shell.number_possible             ? 
_reflns_shell.number_unique_all           ? 
_reflns_shell.number_unique_obs           ? 
_reflns_shell.percent_possible_all        57.7 
_reflns_shell.percent_possible_obs        ? 
_reflns_shell.Rmerge_F_all                ? 
_reflns_shell.Rmerge_F_obs                ? 
_reflns_shell.Rmerge_I_all                ? 
_reflns_shell.Rmerge_I_obs                0.674 
_reflns_shell.meanI_over_sigI_gt          ? 
_reflns_shell.meanI_over_uI_all           ? 
_reflns_shell.meanI_over_uI_gt            ? 
_reflns_shell.number_measured_gt          ? 
_reflns_shell.number_unique_gt            ? 
_reflns_shell.percent_possible_gt         ? 
_reflns_shell.Rmerge_F_gt                 ? 
_reflns_shell.Rmerge_I_gt                 ? 
_reflns_shell.pdbx_redundancy             6.7 
_reflns_shell.pdbx_Rsym_value             ? 
_reflns_shell.pdbx_chi_squared            ? 
_reflns_shell.pdbx_netI_over_sigmaI_all   ? 
_reflns_shell.pdbx_netI_over_sigmaI_obs   ? 
_reflns_shell.pdbx_Rrim_I_all             ? 
_reflns_shell.pdbx_Rpim_I_all             ? 
_reflns_shell.pdbx_rejects                ? 
_reflns_shell.pdbx_ordinal                1 
_reflns_shell.pdbx_diffrn_id              1 
_reflns_shell.pdbx_CC_half                ? 
_reflns_shell.pdbx_R_split                ? 
# 
_refine.aniso_B[1][1]                            ? 
_refine.aniso_B[1][2]                            ? 
_refine.aniso_B[1][3]                            ? 
_refine.aniso_B[2][2]                            ? 
_refine.aniso_B[2][3]                            ? 
_refine.aniso_B[3][3]                            ? 
_refine.B_iso_max                                ? 
_refine.B_iso_mean                               ? 
_refine.B_iso_min                                ? 
_refine.correlation_coeff_Fo_to_Fc               ? 
_refine.correlation_coeff_Fo_to_Fc_free          ? 
_refine.details                                  ? 
_refine.diff_density_max                         ? 
_refine.diff_density_max_esd                     ? 
_refine.diff_density_min                         ? 
_refine.diff_density_min_esd                     ? 
_refine.diff_density_rms                         ? 
_refine.diff_density_rms_esd                     ? 
_refine.entry_id                                 5VY6 
_refine.pdbx_refine_id                           'X-RAY DIFFRACTION' 
_refine.ls_abs_structure_details                 ? 
_refine.ls_abs_structure_Flack                   ? 
_refine.ls_abs_structure_Flack_esd               ? 
_refine.ls_abs_structure_Rogers                  ? 
_refine.ls_abs_structure_Rogers_esd              ? 
_refine.ls_d_res_high                            3.064 
_refine.ls_d_res_low                             34.230 
_refine.ls_extinction_coef                       ? 
_refine.ls_extinction_coef_esd                   ? 
_refine.ls_extinction_expression                 ? 
_refine.ls_extinction_method                     ? 
_refine.ls_goodness_of_fit_all                   ? 
_refine.ls_goodness_of_fit_all_esd               ? 
_refine.ls_goodness_of_fit_obs                   ? 
_refine.ls_goodness_of_fit_obs_esd               ? 
_refine.ls_hydrogen_treatment                    ? 
_refine.ls_matrix_type                           ? 
_refine.ls_number_constraints                    ? 
_refine.ls_number_parameters                     ? 
_refine.ls_number_reflns_all                     ? 
_refine.ls_number_reflns_obs                     4710 
_refine.ls_number_reflns_R_free                  233 
_refine.ls_number_reflns_R_work                  ? 
_refine.ls_number_restraints                     ? 
_refine.ls_percent_reflns_obs                    85.40 
_refine.ls_percent_reflns_R_free                 4.95 
_refine.ls_R_factor_all                          ? 
_refine.ls_R_factor_obs                          0.2127 
_refine.ls_R_factor_R_free                       0.2366 
_refine.ls_R_factor_R_free_error                 ? 
_refine.ls_R_factor_R_free_error_details         ? 
_refine.ls_R_factor_R_work                       0.2113 
_refine.ls_R_Fsqd_factor_obs                     ? 
_refine.ls_R_I_factor_obs                        ? 
_refine.ls_redundancy_reflns_all                 ? 
_refine.ls_redundancy_reflns_obs                 ? 
_refine.ls_restrained_S_all                      ? 
_refine.ls_restrained_S_obs                      ? 
_refine.ls_shift_over_esd_max                    ? 
_refine.ls_shift_over_esd_mean                   ? 
_refine.ls_structure_factor_coef                 ? 
_refine.ls_weighting_details                     ? 
_refine.ls_weighting_scheme                      ? 
_refine.ls_wR_factor_all                         ? 
_refine.ls_wR_factor_obs                         ? 
_refine.ls_wR_factor_R_free                      ? 
_refine.ls_wR_factor_R_work                      ? 
_refine.occupancy_max                            ? 
_refine.occupancy_min                            ? 
_refine.solvent_model_details                    ? 
_refine.solvent_model_param_bsol                 ? 
_refine.solvent_model_param_ksol                 ? 
_refine.ls_R_factor_gt                           ? 
_refine.ls_goodness_of_fit_gt                    ? 
_refine.ls_goodness_of_fit_ref                   ? 
_refine.ls_shift_over_su_max                     ? 
_refine.ls_shift_over_su_max_lt                  ? 
_refine.ls_shift_over_su_mean                    ? 
_refine.ls_shift_over_su_mean_lt                 ? 
_refine.pdbx_ls_sigma_I                          ? 
_refine.pdbx_ls_sigma_F                          2.00 
_refine.pdbx_ls_sigma_Fsqd                       ? 
_refine.pdbx_data_cutoff_high_absF               ? 
_refine.pdbx_data_cutoff_high_rms_absF           ? 
_refine.pdbx_data_cutoff_low_absF                ? 
_refine.pdbx_isotropic_thermal_model             ? 
_refine.pdbx_ls_cross_valid_method               'FREE R-VALUE' 
_refine.pdbx_method_to_determine_struct          SAD 
_refine.pdbx_starting_model                      ? 
_refine.pdbx_stereochemistry_target_values       ? 
_refine.pdbx_R_Free_selection_details            ? 
_refine.pdbx_stereochem_target_val_spec_case     ? 
_refine.pdbx_overall_ESU_R                       ? 
_refine.pdbx_overall_ESU_R_Free                  ? 
_refine.pdbx_solvent_vdw_probe_radii             1.11 
_refine.pdbx_solvent_ion_probe_radii             ? 
_refine.pdbx_solvent_shrinkage_radii             0.90 
_refine.pdbx_real_space_R                        ? 
_refine.pdbx_density_correlation                 ? 
_refine.pdbx_pd_number_of_powder_patterns        ? 
_refine.pdbx_pd_number_of_points                 ? 
_refine.pdbx_pd_meas_number_of_points            ? 
_refine.pdbx_pd_proc_ls_prof_R_factor            ? 
_refine.pdbx_pd_proc_ls_prof_wR_factor           ? 
_refine.pdbx_pd_Marquardt_correlation_coeff      ? 
_refine.pdbx_pd_Fsqrd_R_factor                   ? 
_refine.pdbx_pd_ls_matrix_band_width             ? 
_refine.pdbx_overall_phase_error                 28.81 
_refine.pdbx_overall_SU_R_free_Cruickshank_DPI   ? 
_refine.pdbx_overall_SU_R_free_Blow_DPI          ? 
_refine.pdbx_overall_SU_R_Blow_DPI               ? 
_refine.pdbx_TLS_residual_ADP_flag               ? 
_refine.pdbx_diffrn_id                           1 
_refine.overall_SU_B                             ? 
_refine.overall_SU_ML                            0.03 
_refine.overall_SU_R_Cruickshank_DPI             ? 
_refine.overall_SU_R_free                        ? 
_refine.overall_FOM_free_R_set                   ? 
_refine.overall_FOM_work_R_set                   ? 
_refine.pdbx_average_fsc_overall                 ? 
_refine.pdbx_average_fsc_work                    ? 
_refine.pdbx_average_fsc_free                    ? 
# 
_refine_hist.pdbx_refine_id                   'X-RAY DIFFRACTION' 
_refine_hist.cycle_id                         LAST 
_refine_hist.pdbx_number_atoms_protein        0 
_refine_hist.pdbx_number_atoms_nucleic_acid   851 
_refine_hist.pdbx_number_atoms_ligand         0 
_refine_hist.number_atoms_solvent             0 
_refine_hist.number_atoms_total               851 
_refine_hist.d_res_high                       3.064 
_refine_hist.d_res_low                        34.230 
# 
loop_
_refine_ls_restr.pdbx_refine_id 
_refine_ls_restr.criterion 
_refine_ls_restr.dev_ideal 
_refine_ls_restr.dev_ideal_target 
_refine_ls_restr.number 
_refine_ls_restr.rejects 
_refine_ls_restr.type 
_refine_ls_restr.weight 
_refine_ls_restr.pdbx_restraint_function 
'X-RAY DIFFRACTION' ? 0.007  ? 952  ? f_bond_d           ? ? 
'X-RAY DIFFRACTION' ? 0.923  ? 1461 ? f_angle_d          ? ? 
'X-RAY DIFFRACTION' ? 35.131 ? 400  ? f_dihedral_angle_d ? ? 
'X-RAY DIFFRACTION' ? 0.048  ? 164  ? f_chiral_restr     ? ? 
'X-RAY DIFFRACTION' ? 0.007  ? 42   ? f_plane_restr      ? ? 
# 
loop_
_refine_ls_shell.pdbx_refine_id 
_refine_ls_shell.d_res_high 
_refine_ls_shell.d_res_low 
_refine_ls_shell.number_reflns_all 
_refine_ls_shell.number_reflns_obs 
_refine_ls_shell.number_reflns_R_free 
_refine_ls_shell.number_reflns_R_work 
_refine_ls_shell.percent_reflns_obs 
_refine_ls_shell.percent_reflns_R_free 
_refine_ls_shell.R_factor_all 
_refine_ls_shell.R_factor_obs 
_refine_ls_shell.R_factor_R_free 
_refine_ls_shell.R_factor_R_free_error 
_refine_ls_shell.R_factor_R_work 
_refine_ls_shell.redundancy_reflns_all 
_refine_ls_shell.redundancy_reflns_obs 
_refine_ls_shell.wR_factor_all 
_refine_ls_shell.wR_factor_obs 
_refine_ls_shell.wR_factor_R_free 
_refine_ls_shell.wR_factor_R_work 
_refine_ls_shell.pdbx_total_number_of_bins_used 
_refine_ls_shell.pdbx_phase_error 
_refine_ls_shell.pdbx_fsc_work 
_refine_ls_shell.pdbx_fsc_free 
'X-RAY DIFFRACTION' 3.0644 3.8600  . . 94  1901 72.00 . . . 0.2416 . 0.2369 . . . . . . . . . . 
'X-RAY DIFFRACTION' 3.8600 34.2316 . . 139 2576 99.00 . . . 0.2346 . 0.2018 . . . . . . . . . . 
# 
_struct.entry_id                     5VY6 
_struct.title                        'A self-assembling D-form DNA crystal lattice' 
_struct.pdbx_model_details           ? 
_struct.pdbx_formula_weight          ? 
_struct.pdbx_formula_weight_method   ? 
_struct.pdbx_model_type_details      ? 
_struct.pdbx_CASP_flag               N 
# 
_struct_keywords.entry_id        5VY6 
_struct_keywords.text            'DNA nanotechnology, self-assembly, DNA structure, DNA' 
_struct_keywords.pdbx_keywords   DNA 
# 
loop_
_struct_asym.id 
_struct_asym.pdbx_blank_PDB_chainid_flag 
_struct_asym.pdbx_modified 
_struct_asym.entity_id 
_struct_asym.details 
A N N 1 ? 
B N N 2 ? 
C N N 3 ? 
D N N 4 ? 
# 
loop_
_struct_ref.id 
_struct_ref.db_name 
_struct_ref.db_code 
_struct_ref.pdbx_db_accession 
_struct_ref.pdbx_db_isoform 
_struct_ref.entity_id 
_struct_ref.pdbx_seq_one_letter_code 
_struct_ref.pdbx_align_begin 
1 PDB 5VY6 5VY6 ? 1 ? 1 
2 PDB 5VY6 5VY6 ? 2 ? 1 
3 PDB 5VY6 5VY6 ? 3 ? 1 
4 PDB 5VY6 5VY6 ? 4 ? 1 
# 
loop_
_struct_ref_seq.align_id 
_struct_ref_seq.ref_id 
_struct_ref_seq.pdbx_PDB_id_code 
_struct_ref_seq.pdbx_strand_id 
_struct_ref_seq.seq_align_beg 
_struct_ref_seq.pdbx_seq_align_beg_ins_code 
_struct_ref_seq.seq_align_end 
_struct_ref_seq.pdbx_seq_align_end_ins_code 
_struct_ref_seq.pdbx_db_accession 
_struct_ref_seq.db_align_beg 
_struct_ref_seq.pdbx_db_align_beg_ins_code 
_struct_ref_seq.db_align_end 
_struct_ref_seq.pdbx_db_align_end_ins_code 
_struct_ref_seq.pdbx_auth_seq_align_beg 
_struct_ref_seq.pdbx_auth_seq_align_end 
1 1 5VY6 A 1 ? 21 ? 5VY6 1  ? 21 ? 1  21 
2 2 5VY6 B 1 ? 6  ? 5VY6 0  ? 5  ? 0  5  
3 3 5VY6 C 1 ? 8  ? 5VY6 1  ? 8  ? 1  8  
4 4 5VY6 D 1 ? 7  ? 5VY6 10 ? 16 ? 10 16 
# 
_pdbx_struct_assembly.id                   1 
_pdbx_struct_assembly.details              author_defined_assembly 
_pdbx_struct_assembly.method_details       ? 
_pdbx_struct_assembly.oligomeric_details   tetrameric 
_pdbx_struct_assembly.oligomeric_count     4 
# 
_pdbx_struct_assembly_gen.assembly_id       1 
_pdbx_struct_assembly_gen.oper_expression   1 
_pdbx_struct_assembly_gen.asym_id_list      A,B,C,D 
# 
_pdbx_struct_assembly_auth_evidence.id                     1 
_pdbx_struct_assembly_auth_evidence.assembly_id            1 
_pdbx_struct_assembly_auth_evidence.experimental_support   none 
_pdbx_struct_assembly_auth_evidence.details                ? 
# 
_pdbx_struct_oper_list.id                   1 
_pdbx_struct_oper_list.type                 'identity operation' 
_pdbx_struct_oper_list.name                 1_555 
_pdbx_struct_oper_list.symmetry_operation   x,y,z 
_pdbx_struct_oper_list.matrix[1][1]         1.0000000000 
_pdbx_struct_oper_list.matrix[1][2]         0.0000000000 
_pdbx_struct_oper_list.matrix[1][3]         0.0000000000 
_pdbx_struct_oper_list.vector[1]            0.0000000000 
_pdbx_struct_oper_list.matrix[2][1]         0.0000000000 
_pdbx_struct_oper_list.matrix[2][2]         1.0000000000 
_pdbx_struct_oper_list.matrix[2][3]         0.0000000000 
_pdbx_struct_oper_list.vector[2]            0.0000000000 
_pdbx_struct_oper_list.matrix[3][1]         0.0000000000 
_pdbx_struct_oper_list.matrix[3][2]         0.0000000000 
_pdbx_struct_oper_list.matrix[3][3]         1.0000000000 
_pdbx_struct_oper_list.vector[3]            0.0000000000 
# 
loop_
_struct_conn.id 
_struct_conn.conn_type_id 
_struct_conn.pdbx_leaving_atom_flag 
_struct_conn.pdbx_PDB_id 
_struct_conn.ptnr1_label_asym_id 
_struct_conn.ptnr1_label_comp_id 
_struct_conn.ptnr1_label_seq_id 
_struct_conn.ptnr1_label_atom_id 
_struct_conn.pdbx_ptnr1_label_alt_id 
_struct_conn.pdbx_ptnr1_PDB_ins_code 
_struct_conn.pdbx_ptnr1_standard_comp_id 
_struct_conn.ptnr1_symmetry 
_struct_conn.ptnr2_label_asym_id 
_struct_conn.ptnr2_label_comp_id 
_struct_conn.ptnr2_label_seq_id 
_struct_conn.ptnr2_label_atom_id 
_struct_conn.pdbx_ptnr2_label_alt_id 
_struct_conn.pdbx_ptnr2_PDB_ins_code 
_struct_conn.ptnr1_auth_asym_id 
_struct_conn.ptnr1_auth_comp_id 
_struct_conn.ptnr1_auth_seq_id 
_struct_conn.ptnr2_auth_asym_id 
_struct_conn.ptnr2_auth_comp_id 
_struct_conn.ptnr2_auth_seq_id 
_struct_conn.ptnr2_symmetry 
_struct_conn.pdbx_ptnr3_label_atom_id 
_struct_conn.pdbx_ptnr3_label_seq_id 
_struct_conn.pdbx_ptnr3_label_comp_id 
_struct_conn.pdbx_ptnr3_label_asym_id 
_struct_conn.pdbx_ptnr3_label_alt_id 
_struct_conn.pdbx_ptnr3_PDB_ins_code 
_struct_conn.details 
_struct_conn.pdbx_dist_value 
_struct_conn.pdbx_value_order 
_struct_conn.pdbx_role 
hydrog1  hydrog ? ? A DG 3  N1 ? ? ? 1_555 D DC 7 N3 ? ? A DG 3  D DC 16 1_555 ? ? ? ? ? ? WATSON-CRICK ? ? ? 
hydrog2  hydrog ? ? A DG 3  N2 ? ? ? 1_555 D DC 7 O2 ? ? A DG 3  D DC 16 1_555 ? ? ? ? ? ? WATSON-CRICK ? ? ? 
hydrog3  hydrog ? ? A DG 3  O6 ? ? ? 1_555 D DC 7 N4 ? ? A DG 3  D DC 16 1_555 ? ? ? ? ? ? WATSON-CRICK ? ? ? 
hydrog4  hydrog ? ? A DC 4  N3 ? ? ? 1_555 D DG 6 N1 ? ? A DC 4  D DG 15 1_555 ? ? ? ? ? ? WATSON-CRICK ? ? ? 
hydrog5  hydrog ? ? A DC 4  N4 ? ? ? 1_555 D DG 6 O6 ? ? A DC 4  D DG 15 1_555 ? ? ? ? ? ? WATSON-CRICK ? ? ? 
hydrog6  hydrog ? ? A DC 4  O2 ? ? ? 1_555 D DG 6 N2 ? ? A DC 4  D DG 15 1_555 ? ? ? ? ? ? WATSON-CRICK ? ? ? 
hydrog7  hydrog ? ? A DA 5  N1 ? ? ? 1_555 D DT 5 N3 ? ? A DA 5  D DT 14 1_555 ? ? ? ? ? ? WATSON-CRICK ? ? ? 
hydrog8  hydrog ? ? A DA 5  N6 ? ? ? 1_555 D DT 5 O4 ? ? A DA 5  D DT 14 1_555 ? ? ? ? ? ? WATSON-CRICK ? ? ? 
hydrog9  hydrog ? ? A DG 6  N1 ? ? ? 1_555 D DC 4 N3 ? ? A DG 6  D DC 13 1_555 ? ? ? ? ? ? WATSON-CRICK ? ? ? 
hydrog10 hydrog ? ? A DG 6  N2 ? ? ? 1_555 D DC 4 O2 ? ? A DG 6  D DC 13 1_555 ? ? ? ? ? ? WATSON-CRICK ? ? ? 
hydrog11 hydrog ? ? A DG 6  O6 ? ? ? 1_555 D DC 4 N4 ? ? A DG 6  D DC 13 1_555 ? ? ? ? ? ? WATSON-CRICK ? ? ? 
hydrog12 hydrog ? ? A DA 7  N1 ? ? ? 1_555 D DT 3 N3 ? ? A DA 7  D DT 12 1_555 ? ? ? ? ? ? WATSON-CRICK ? ? ? 
hydrog13 hydrog ? ? A DA 7  N6 ? ? ? 1_555 D DT 3 O4 ? ? A DA 7  D DT 12 1_555 ? ? ? ? ? ? WATSON-CRICK ? ? ? 
hydrog14 hydrog ? ? A DC 8  N3 ? ? ? 1_555 D DG 2 N1 ? ? A DC 8  D DG 11 1_555 ? ? ? ? ? ? WATSON-CRICK ? ? ? 
hydrog15 hydrog ? ? A DC 8  N4 ? ? ? 1_555 D DG 2 O6 ? ? A DC 8  D DG 11 1_555 ? ? ? ? ? ? WATSON-CRICK ? ? ? 
hydrog16 hydrog ? ? A DC 8  O2 ? ? ? 1_555 D DG 2 N2 ? ? A DC 8  D DG 11 1_555 ? ? ? ? ? ? WATSON-CRICK ? ? ? 
hydrog17 hydrog ? ? A DC 9  N3 ? ? ? 1_555 D DG 1 N1 ? ? A DC 9  D DG 10 1_555 ? ? ? ? ? ? WATSON-CRICK ? ? ? 
hydrog18 hydrog ? ? A DC 9  N4 ? ? ? 1_555 D DG 1 O6 ? ? A DC 9  D DG 10 1_555 ? ? ? ? ? ? WATSON-CRICK ? ? ? 
hydrog19 hydrog ? ? A DC 9  O2 ? ? ? 1_555 D DG 1 N2 ? ? A DC 9  D DG 10 1_555 ? ? ? ? ? ? WATSON-CRICK ? ? ? 
hydrog20 hydrog ? ? A DT 10 N3 ? ? ? 1_555 B DA 6 N1 ? ? A DT 10 B DA 5  1_555 ? ? ? ? ? ? WATSON-CRICK ? ? ? 
hydrog21 hydrog ? ? A DT 10 O4 ? ? ? 1_555 B DA 6 N6 ? ? A DT 10 B DA 5  1_555 ? ? ? ? ? ? WATSON-CRICK ? ? ? 
hydrog22 hydrog ? ? A DG 11 N1 ? ? ? 1_555 B DC 5 N3 ? ? A DG 11 B DC 4  1_555 ? ? ? ? ? ? WATSON-CRICK ? ? ? 
hydrog23 hydrog ? ? A DG 11 N2 ? ? ? 1_555 B DC 5 O2 ? ? A DG 11 B DC 4  1_555 ? ? ? ? ? ? WATSON-CRICK ? ? ? 
hydrog24 hydrog ? ? A DG 11 O6 ? ? ? 1_555 B DC 5 N4 ? ? A DG 11 B DC 4  1_555 ? ? ? ? ? ? WATSON-CRICK ? ? ? 
hydrog25 hydrog ? ? A DA 12 N1 ? ? ? 1_555 B DT 4 N3 ? ? A DA 12 B DT 3  1_555 ? ? ? ? ? ? WATSON-CRICK ? ? ? 
hydrog26 hydrog ? ? A DA 12 N6 ? ? ? 1_555 B DT 4 O4 ? ? A DA 12 B DT 3  1_555 ? ? ? ? ? ? WATSON-CRICK ? ? ? 
hydrog27 hydrog ? ? A DC 13 N3 ? ? ? 1_555 B DG 3 N1 ? ? A DC 13 B DG 2  1_555 ? ? ? ? ? ? WATSON-CRICK ? ? ? 
hydrog28 hydrog ? ? A DC 13 N4 ? ? ? 1_555 B DG 3 O6 ? ? A DC 13 B DG 2  1_555 ? ? ? ? ? ? WATSON-CRICK ? ? ? 
hydrog29 hydrog ? ? A DC 13 O2 ? ? ? 1_555 B DG 3 N2 ? ? A DC 13 B DG 2  1_555 ? ? ? ? ? ? WATSON-CRICK ? ? ? 
hydrog30 hydrog ? ? A DG 14 N1 ? ? ? 1_555 B DC 2 N3 ? ? A DG 14 B DC 1  1_555 ? ? ? ? ? ? WATSON-CRICK ? ? ? 
hydrog31 hydrog ? ? A DG 14 N2 ? ? ? 1_555 B DC 2 O2 ? ? A DG 14 B DC 1  1_555 ? ? ? ? ? ? WATSON-CRICK ? ? ? 
hydrog32 hydrog ? ? A DG 14 O6 ? ? ? 1_555 B DC 2 N4 ? ? A DG 14 B DC 1  1_555 ? ? ? ? ? ? WATSON-CRICK ? ? ? 
hydrog33 hydrog ? ? A DG 15 N1 ? ? ? 1_555 B DC 1 N3 ? ? A DG 15 B DC 0  1_555 ? ? ? ? ? ? WATSON-CRICK ? ? ? 
hydrog34 hydrog ? ? A DG 15 N2 ? ? ? 1_555 B DC 1 O2 ? ? A DG 15 B DC 0  1_555 ? ? ? ? ? ? WATSON-CRICK ? ? ? 
hydrog35 hydrog ? ? A DG 15 O6 ? ? ? 1_555 B DC 1 N4 ? ? A DG 15 B DC 0  1_555 ? ? ? ? ? ? WATSON-CRICK ? ? ? 
hydrog36 hydrog ? ? A DA 16 N1 ? ? ? 1_555 C DT 8 N3 ? ? A DA 16 C DT 8  1_555 ? ? ? ? ? ? WATSON-CRICK ? ? ? 
hydrog37 hydrog ? ? A DA 16 N6 ? ? ? 1_555 C DT 8 O4 ? ? A DA 16 C DT 8  1_555 ? ? ? ? ? ? WATSON-CRICK ? ? ? 
hydrog38 hydrog ? ? A DA 17 N1 ? ? ? 1_555 C DT 7 N3 ? ? A DA 17 C DT 7  1_555 ? ? ? ? ? ? WATSON-CRICK ? ? ? 
hydrog39 hydrog ? ? A DA 17 N6 ? ? ? 1_555 C DT 7 O4 ? ? A DA 17 C DT 7  1_555 ? ? ? ? ? ? WATSON-CRICK ? ? ? 
hydrog40 hydrog ? ? A DC 18 N3 ? ? ? 1_555 C DG 6 N1 ? ? A DC 18 C DG 6  1_555 ? ? ? ? ? ? WATSON-CRICK ? ? ? 
hydrog41 hydrog ? ? A DC 18 N4 ? ? ? 1_555 C DG 6 O6 ? ? A DC 18 C DG 6  1_555 ? ? ? ? ? ? WATSON-CRICK ? ? ? 
hydrog42 hydrog ? ? A DC 18 O2 ? ? ? 1_555 C DG 6 N2 ? ? A DC 18 C DG 6  1_555 ? ? ? ? ? ? WATSON-CRICK ? ? ? 
hydrog43 hydrog ? ? A DT 19 N3 ? ? ? 1_555 C DA 5 N1 ? ? A DT 19 C DA 5  1_555 ? ? ? ? ? ? WATSON-CRICK ? ? ? 
hydrog44 hydrog ? ? A DT 19 O4 ? ? ? 1_555 C DA 5 N6 ? ? A DT 19 C DA 5  1_555 ? ? ? ? ? ? WATSON-CRICK ? ? ? 
hydrog45 hydrog ? ? A DC 20 N3 ? ? ? 1_555 C DG 4 N1 ? ? A DC 20 C DG 4  1_555 ? ? ? ? ? ? WATSON-CRICK ? ? ? 
hydrog46 hydrog ? ? A DC 20 N4 ? ? ? 1_555 C DG 4 O6 ? ? A DC 20 C DG 4  1_555 ? ? ? ? ? ? WATSON-CRICK ? ? ? 
hydrog47 hydrog ? ? A DC 20 O2 ? ? ? 1_555 C DG 4 N2 ? ? A DC 20 C DG 4  1_555 ? ? ? ? ? ? WATSON-CRICK ? ? ? 
hydrog48 hydrog ? ? A DA 21 N1 ? ? ? 1_555 C DT 3 N3 ? ? A DA 21 C DT 3  1_555 ? ? ? ? ? ? WATSON-CRICK ? ? ? 
hydrog49 hydrog ? ? A DA 21 N6 ? ? ? 1_555 C DT 3 O4 ? ? A DA 21 C DT 3  1_555 ? ? ? ? ? ? WATSON-CRICK ? ? ? 
# 
_struct_conn_type.id          hydrog 
_struct_conn_type.criteria    ? 
_struct_conn_type.reference   ? 
# 
loop_
_pdbx_validate_symm_contact.id 
_pdbx_validate_symm_contact.PDB_model_num 
_pdbx_validate_symm_contact.auth_atom_id_1 
_pdbx_validate_symm_contact.auth_asym_id_1 
_pdbx_validate_symm_contact.auth_comp_id_1 
_pdbx_validate_symm_contact.auth_seq_id_1 
_pdbx_validate_symm_contact.PDB_ins_code_1 
_pdbx_validate_symm_contact.label_alt_id_1 
_pdbx_validate_symm_contact.site_symmetry_1 
_pdbx_validate_symm_contact.auth_atom_id_2 
_pdbx_validate_symm_contact.auth_asym_id_2 
_pdbx_validate_symm_contact.auth_comp_id_2 
_pdbx_validate_symm_contact.auth_seq_id_2 
_pdbx_validate_symm_contact.PDB_ins_code_2 
_pdbx_validate_symm_contact.label_alt_id_2 
_pdbx_validate_symm_contact.site_symmetry_2 
_pdbx_validate_symm_contact.dist 
1 1 O6  A DG 1 ? ? 1_555 H42   C DC 2 ? ? 1_445 1.38 
2 1 OP2 B DC 0 ? ? 1_555 "O3'" B DA 5 ? ? 3_655 2.09 
# 
loop_
_pdbx_validate_rmsd_angle.id 
_pdbx_validate_rmsd_angle.PDB_model_num 
_pdbx_validate_rmsd_angle.auth_atom_id_1 
_pdbx_validate_rmsd_angle.auth_asym_id_1 
_pdbx_validate_rmsd_angle.auth_comp_id_1 
_pdbx_validate_rmsd_angle.auth_seq_id_1 
_pdbx_validate_rmsd_angle.PDB_ins_code_1 
_pdbx_validate_rmsd_angle.label_alt_id_1 
_pdbx_validate_rmsd_angle.auth_atom_id_2 
_pdbx_validate_rmsd_angle.auth_asym_id_2 
_pdbx_validate_rmsd_angle.auth_comp_id_2 
_pdbx_validate_rmsd_angle.auth_seq_id_2 
_pdbx_validate_rmsd_angle.PDB_ins_code_2 
_pdbx_validate_rmsd_angle.label_alt_id_2 
_pdbx_validate_rmsd_angle.auth_atom_id_3 
_pdbx_validate_rmsd_angle.auth_asym_id_3 
_pdbx_validate_rmsd_angle.auth_comp_id_3 
_pdbx_validate_rmsd_angle.auth_seq_id_3 
_pdbx_validate_rmsd_angle.PDB_ins_code_3 
_pdbx_validate_rmsd_angle.label_alt_id_3 
_pdbx_validate_rmsd_angle.angle_value 
_pdbx_validate_rmsd_angle.angle_target_value 
_pdbx_validate_rmsd_angle.angle_deviation 
_pdbx_validate_rmsd_angle.angle_standard_deviation 
_pdbx_validate_rmsd_angle.linker_flag 
1 1 "O4'" B DC 0 ? ? "C4'" B DC 0 ? ? "C3'" B DC 0 ? ? 101.13 104.50 -3.37 0.40 N 
2 1 "O4'" B DC 0 ? ? "C1'" B DC 0 ? ? N1    B DC 0 ? ? 110.94 108.30 2.64  0.30 N 
# 
loop_
_chem_comp_atom.comp_id 
_chem_comp_atom.atom_id 
_chem_comp_atom.type_symbol 
_chem_comp_atom.pdbx_aromatic_flag 
_chem_comp_atom.pdbx_stereo_config 
_chem_comp_atom.pdbx_ordinal 
DA OP3    O N N 1   
DA P      P N N 2   
DA OP1    O N N 3   
DA OP2    O N N 4   
DA "O5'"  O N N 5   
DA "C5'"  C N N 6   
DA "C4'"  C N R 7   
DA "O4'"  O N N 8   
DA "C3'"  C N S 9   
DA "O3'"  O N N 10  
DA "C2'"  C N N 11  
DA "C1'"  C N R 12  
DA N9     N Y N 13  
DA C8     C Y N 14  
DA N7     N Y N 15  
DA C5     C Y N 16  
DA C6     C Y N 17  
DA N6     N N N 18  
DA N1     N Y N 19  
DA C2     C Y N 20  
DA N3     N Y N 21  
DA C4     C Y N 22  
DA HOP3   H N N 23  
DA HOP2   H N N 24  
DA "H5'"  H N N 25  
DA "H5''" H N N 26  
DA "H4'"  H N N 27  
DA "H3'"  H N N 28  
DA "HO3'" H N N 29  
DA "H2'"  H N N 30  
DA "H2''" H N N 31  
DA "H1'"  H N N 32  
DA H8     H N N 33  
DA H61    H N N 34  
DA H62    H N N 35  
DA H2     H N N 36  
DC OP3    O N N 37  
DC P      P N N 38  
DC OP1    O N N 39  
DC OP2    O N N 40  
DC "O5'"  O N N 41  
DC "C5'"  C N N 42  
DC "C4'"  C N R 43  
DC "O4'"  O N N 44  
DC "C3'"  C N S 45  
DC "O3'"  O N N 46  
DC "C2'"  C N N 47  
DC "C1'"  C N R 48  
DC N1     N N N 49  
DC C2     C N N 50  
DC O2     O N N 51  
DC N3     N N N 52  
DC C4     C N N 53  
DC N4     N N N 54  
DC C5     C N N 55  
DC C6     C N N 56  
DC HOP3   H N N 57  
DC HOP2   H N N 58  
DC "H5'"  H N N 59  
DC "H5''" H N N 60  
DC "H4'"  H N N 61  
DC "H3'"  H N N 62  
DC "HO3'" H N N 63  
DC "H2'"  H N N 64  
DC "H2''" H N N 65  
DC "H1'"  H N N 66  
DC H41    H N N 67  
DC H42    H N N 68  
DC H5     H N N 69  
DC H6     H N N 70  
DG OP3    O N N 71  
DG P      P N N 72  
DG OP1    O N N 73  
DG OP2    O N N 74  
DG "O5'"  O N N 75  
DG "C5'"  C N N 76  
DG "C4'"  C N R 77  
DG "O4'"  O N N 78  
DG "C3'"  C N S 79  
DG "O3'"  O N N 80  
DG "C2'"  C N N 81  
DG "C1'"  C N R 82  
DG N9     N Y N 83  
DG C8     C Y N 84  
DG N7     N Y N 85  
DG C5     C Y N 86  
DG C6     C N N 87  
DG O6     O N N 88  
DG N1     N N N 89  
DG C2     C N N 90  
DG N2     N N N 91  
DG N3     N N N 92  
DG C4     C Y N 93  
DG HOP3   H N N 94  
DG HOP2   H N N 95  
DG "H5'"  H N N 96  
DG "H5''" H N N 97  
DG "H4'"  H N N 98  
DG "H3'"  H N N 99  
DG "HO3'" H N N 100 
DG "H2'"  H N N 101 
DG "H2''" H N N 102 
DG "H1'"  H N N 103 
DG H8     H N N 104 
DG H1     H N N 105 
DG H21    H N N 106 
DG H22    H N N 107 
DT OP3    O N N 108 
DT P      P N N 109 
DT OP1    O N N 110 
DT OP2    O N N 111 
DT "O5'"  O N N 112 
DT "C5'"  C N N 113 
DT "C4'"  C N R 114 
DT "O4'"  O N N 115 
DT "C3'"  C N S 116 
DT "O3'"  O N N 117 
DT "C2'"  C N N 118 
DT "C1'"  C N R 119 
DT N1     N N N 120 
DT C2     C N N 121 
DT O2     O N N 122 
DT N3     N N N 123 
DT C4     C N N 124 
DT O4     O N N 125 
DT C5     C N N 126 
DT C7     C N N 127 
DT C6     C N N 128 
DT HOP3   H N N 129 
DT HOP2   H N N 130 
DT "H5'"  H N N 131 
DT "H5''" H N N 132 
DT "H4'"  H N N 133 
DT "H3'"  H N N 134 
DT "HO3'" H N N 135 
DT "H2'"  H N N 136 
DT "H2''" H N N 137 
DT "H1'"  H N N 138 
DT H3     H N N 139 
DT H71    H N N 140 
DT H72    H N N 141 
DT H73    H N N 142 
DT H6     H N N 143 
# 
loop_
_chem_comp_bond.comp_id 
_chem_comp_bond.atom_id_1 
_chem_comp_bond.atom_id_2 
_chem_comp_bond.value_order 
_chem_comp_bond.pdbx_aromatic_flag 
_chem_comp_bond.pdbx_stereo_config 
_chem_comp_bond.pdbx_ordinal 
DA OP3   P      sing N N 1   
DA OP3   HOP3   sing N N 2   
DA P     OP1    doub N N 3   
DA P     OP2    sing N N 4   
DA P     "O5'"  sing N N 5   
DA OP2   HOP2   sing N N 6   
DA "O5'" "C5'"  sing N N 7   
DA "C5'" "C4'"  sing N N 8   
DA "C5'" "H5'"  sing N N 9   
DA "C5'" "H5''" sing N N 10  
DA "C4'" "O4'"  sing N N 11  
DA "C4'" "C3'"  sing N N 12  
DA "C4'" "H4'"  sing N N 13  
DA "O4'" "C1'"  sing N N 14  
DA "C3'" "O3'"  sing N N 15  
DA "C3'" "C2'"  sing N N 16  
DA "C3'" "H3'"  sing N N 17  
DA "O3'" "HO3'" sing N N 18  
DA "C2'" "C1'"  sing N N 19  
DA "C2'" "H2'"  sing N N 20  
DA "C2'" "H2''" sing N N 21  
DA "C1'" N9     sing N N 22  
DA "C1'" "H1'"  sing N N 23  
DA N9    C8     sing Y N 24  
DA N9    C4     sing Y N 25  
DA C8    N7     doub Y N 26  
DA C8    H8     sing N N 27  
DA N7    C5     sing Y N 28  
DA C5    C6     sing Y N 29  
DA C5    C4     doub Y N 30  
DA C6    N6     sing N N 31  
DA C6    N1     doub Y N 32  
DA N6    H61    sing N N 33  
DA N6    H62    sing N N 34  
DA N1    C2     sing Y N 35  
DA C2    N3     doub Y N 36  
DA C2    H2     sing N N 37  
DA N3    C4     sing Y N 38  
DC OP3   P      sing N N 39  
DC OP3   HOP3   sing N N 40  
DC P     OP1    doub N N 41  
DC P     OP2    sing N N 42  
DC P     "O5'"  sing N N 43  
DC OP2   HOP2   sing N N 44  
DC "O5'" "C5'"  sing N N 45  
DC "C5'" "C4'"  sing N N 46  
DC "C5'" "H5'"  sing N N 47  
DC "C5'" "H5''" sing N N 48  
DC "C4'" "O4'"  sing N N 49  
DC "C4'" "C3'"  sing N N 50  
DC "C4'" "H4'"  sing N N 51  
DC "O4'" "C1'"  sing N N 52  
DC "C3'" "O3'"  sing N N 53  
DC "C3'" "C2'"  sing N N 54  
DC "C3'" "H3'"  sing N N 55  
DC "O3'" "HO3'" sing N N 56  
DC "C2'" "C1'"  sing N N 57  
DC "C2'" "H2'"  sing N N 58  
DC "C2'" "H2''" sing N N 59  
DC "C1'" N1     sing N N 60  
DC "C1'" "H1'"  sing N N 61  
DC N1    C2     sing N N 62  
DC N1    C6     sing N N 63  
DC C2    O2     doub N N 64  
DC C2    N3     sing N N 65  
DC N3    C4     doub N N 66  
DC C4    N4     sing N N 67  
DC C4    C5     sing N N 68  
DC N4    H41    sing N N 69  
DC N4    H42    sing N N 70  
DC C5    C6     doub N N 71  
DC C5    H5     sing N N 72  
DC C6    H6     sing N N 73  
DG OP3   P      sing N N 74  
DG OP3   HOP3   sing N N 75  
DG P     OP1    doub N N 76  
DG P     OP2    sing N N 77  
DG P     "O5'"  sing N N 78  
DG OP2   HOP2   sing N N 79  
DG "O5'" "C5'"  sing N N 80  
DG "C5'" "C4'"  sing N N 81  
DG "C5'" "H5'"  sing N N 82  
DG "C5'" "H5''" sing N N 83  
DG "C4'" "O4'"  sing N N 84  
DG "C4'" "C3'"  sing N N 85  
DG "C4'" "H4'"  sing N N 86  
DG "O4'" "C1'"  sing N N 87  
DG "C3'" "O3'"  sing N N 88  
DG "C3'" "C2'"  sing N N 89  
DG "C3'" "H3'"  sing N N 90  
DG "O3'" "HO3'" sing N N 91  
DG "C2'" "C1'"  sing N N 92  
DG "C2'" "H2'"  sing N N 93  
DG "C2'" "H2''" sing N N 94  
DG "C1'" N9     sing N N 95  
DG "C1'" "H1'"  sing N N 96  
DG N9    C8     sing Y N 97  
DG N9    C4     sing Y N 98  
DG C8    N7     doub Y N 99  
DG C8    H8     sing N N 100 
DG N7    C5     sing Y N 101 
DG C5    C6     sing N N 102 
DG C5    C4     doub Y N 103 
DG C6    O6     doub N N 104 
DG C6    N1     sing N N 105 
DG N1    C2     sing N N 106 
DG N1    H1     sing N N 107 
DG C2    N2     sing N N 108 
DG C2    N3     doub N N 109 
DG N2    H21    sing N N 110 
DG N2    H22    sing N N 111 
DG N3    C4     sing N N 112 
DT OP3   P      sing N N 113 
DT OP3   HOP3   sing N N 114 
DT P     OP1    doub N N 115 
DT P     OP2    sing N N 116 
DT P     "O5'"  sing N N 117 
DT OP2   HOP2   sing N N 118 
DT "O5'" "C5'"  sing N N 119 
DT "C5'" "C4'"  sing N N 120 
DT "C5'" "H5'"  sing N N 121 
DT "C5'" "H5''" sing N N 122 
DT "C4'" "O4'"  sing N N 123 
DT "C4'" "C3'"  sing N N 124 
DT "C4'" "H4'"  sing N N 125 
DT "O4'" "C1'"  sing N N 126 
DT "C3'" "O3'"  sing N N 127 
DT "C3'" "C2'"  sing N N 128 
DT "C3'" "H3'"  sing N N 129 
DT "O3'" "HO3'" sing N N 130 
DT "C2'" "C1'"  sing N N 131 
DT "C2'" "H2'"  sing N N 132 
DT "C2'" "H2''" sing N N 133 
DT "C1'" N1     sing N N 134 
DT "C1'" "H1'"  sing N N 135 
DT N1    C2     sing N N 136 
DT N1    C6     sing N N 137 
DT C2    O2     doub N N 138 
DT C2    N3     sing N N 139 
DT N3    C4     sing N N 140 
DT N3    H3     sing N N 141 
DT C4    O4     doub N N 142 
DT C4    C5     sing N N 143 
DT C5    C7     sing N N 144 
DT C5    C6     doub N N 145 
DT C7    H71    sing N N 146 
DT C7    H72    sing N N 147 
DT C7    H73    sing N N 148 
DT C6    H6     sing N N 149 
# 
loop_
_ndb_struct_conf_na.entry_id 
_ndb_struct_conf_na.feature 
5VY6 'double helix'        
5VY6 'a-form double helix' 
5VY6 'b-form double helix' 
# 
loop_
_ndb_struct_na_base_pair.model_number 
_ndb_struct_na_base_pair.i_label_asym_id 
_ndb_struct_na_base_pair.i_label_comp_id 
_ndb_struct_na_base_pair.i_label_seq_id 
_ndb_struct_na_base_pair.i_symmetry 
_ndb_struct_na_base_pair.j_label_asym_id 
_ndb_struct_na_base_pair.j_label_comp_id 
_ndb_struct_na_base_pair.j_label_seq_id 
_ndb_struct_na_base_pair.j_symmetry 
_ndb_struct_na_base_pair.shear 
_ndb_struct_na_base_pair.stretch 
_ndb_struct_na_base_pair.stagger 
_ndb_struct_na_base_pair.buckle 
_ndb_struct_na_base_pair.propeller 
_ndb_struct_na_base_pair.opening 
_ndb_struct_na_base_pair.pair_number 
_ndb_struct_na_base_pair.pair_name 
_ndb_struct_na_base_pair.i_auth_asym_id 
_ndb_struct_na_base_pair.i_auth_seq_id 
_ndb_struct_na_base_pair.i_PDB_ins_code 
_ndb_struct_na_base_pair.j_auth_asym_id 
_ndb_struct_na_base_pair.j_auth_seq_id 
_ndb_struct_na_base_pair.j_PDB_ins_code 
_ndb_struct_na_base_pair.hbond_type_28 
_ndb_struct_na_base_pair.hbond_type_12 
1 A DG 3  1_555 D DC 7 1_555 -0.120 -0.176 0.754  2.928  -13.067 -3.935  1  A_DG3:DC16_D A 3  ? D 16 ? 19 1 
1 A DC 4  1_555 D DG 6 1_555 0.110  -0.122 0.500  -3.074 -4.521  -2.289  2  A_DC4:DG15_D A 4  ? D 15 ? 19 1 
1 A DA 5  1_555 D DT 5 1_555 0.173  0.030  0.435  -0.310 -6.968  -10.453 3  A_DA5:DT14_D A 5  ? D 14 ? 20 1 
1 A DG 6  1_555 D DC 4 1_555 -0.166 -0.186 0.252  -3.573 -7.038  -3.056  4  A_DG6:DC13_D A 6  ? D 13 ? 19 1 
1 A DA 7  1_555 D DT 3 1_555 0.036  -0.100 0.061  3.382  1.267   -6.626  5  A_DA7:DT12_D A 7  ? D 12 ? 20 1 
1 A DC 8  1_555 D DG 2 1_555 0.223  -0.225 0.053  7.495  1.270   2.473   6  A_DC8:DG11_D A 8  ? D 11 ? 19 1 
1 A DC 9  1_555 D DG 1 1_555 0.216  -0.146 0.299  -1.310 -4.212  -0.703  7  A_DC9:DG10_D A 9  ? D 10 ? 19 1 
1 A DT 10 1_555 B DA 6 1_555 -0.434 0.103  0.961  -3.648 -4.439  5.007   8  A_DT10:DA5_B A 10 ? B 5  ? 20 1 
1 A DG 11 1_555 B DC 5 1_555 -0.115 -0.130 0.657  10.223 0.827   1.800   9  A_DG11:DC4_B A 11 ? B 4  ? 19 1 
1 A DA 12 1_555 B DT 4 1_555 0.234  -0.018 0.574  2.962  -5.408  -6.672  10 A_DA12:DT3_B A 12 ? B 3  ? 20 1 
1 A DC 13 1_555 B DG 3 1_555 0.130  -0.257 0.683  -3.269 -4.416  -3.595  11 A_DC13:DG2_B A 13 ? B 2  ? 19 1 
1 A DG 14 1_555 B DC 2 1_555 -0.109 -0.182 0.591  3.269  -6.530  -4.312  12 A_DG14:DC1_B A 14 ? B 1  ? 19 1 
1 A DG 15 1_555 B DC 1 1_555 -0.249 -0.125 -0.103 1.247  -6.631  5.026   13 A_DG15:DC0_B A 15 ? B 0  ? 19 1 
1 A DA 16 1_555 C DT 8 1_555 0.064  -0.033 0.526  4.569  -7.220  -2.460  14 A_DA16:DT8_C A 16 ? C 8  ? 20 1 
1 A DA 17 1_555 C DT 7 1_555 0.241  -0.143 0.570  9.959  -10.289 -2.098  15 A_DA17:DT7_C A 17 ? C 7  ? 20 1 
1 A DC 18 1_555 C DG 6 1_555 0.139  -0.256 0.273  -3.454 -2.984  1.074   16 A_DC18:DG6_C A 18 ? C 6  ? 19 1 
1 A DT 19 1_555 C DA 5 1_555 -0.225 -0.125 0.160  -4.433 -8.597  -2.350  17 A_DT19:DA5_C A 19 ? C 5  ? 20 1 
1 A DC 20 1_555 C DG 4 1_555 0.149  -0.208 -0.303 -3.478 -1.389  -0.285  18 A_DC20:DG4_C A 20 ? C 4  ? 19 1 
1 A DA 21 1_555 C DT 3 1_555 0.162  -0.064 0.225  0.551  -6.594  -0.802  19 A_DA21:DT3_C A 21 ? C 3  ? 20 1 
# 
loop_
_ndb_struct_na_base_pair_step.model_number 
_ndb_struct_na_base_pair_step.i_label_asym_id_1 
_ndb_struct_na_base_pair_step.i_label_comp_id_1 
_ndb_struct_na_base_pair_step.i_label_seq_id_1 
_ndb_struct_na_base_pair_step.i_symmetry_1 
_ndb_struct_na_base_pair_step.j_label_asym_id_1 
_ndb_struct_na_base_pair_step.j_label_comp_id_1 
_ndb_struct_na_base_pair_step.j_label_seq_id_1 
_ndb_struct_na_base_pair_step.j_symmetry_1 
_ndb_struct_na_base_pair_step.i_label_asym_id_2 
_ndb_struct_na_base_pair_step.i_label_comp_id_2 
_ndb_struct_na_base_pair_step.i_label_seq_id_2 
_ndb_struct_na_base_pair_step.i_symmetry_2 
_ndb_struct_na_base_pair_step.j_label_asym_id_2 
_ndb_struct_na_base_pair_step.j_label_comp_id_2 
_ndb_struct_na_base_pair_step.j_label_seq_id_2 
_ndb_struct_na_base_pair_step.j_symmetry_2 
_ndb_struct_na_base_pair_step.shift 
_ndb_struct_na_base_pair_step.slide 
_ndb_struct_na_base_pair_step.rise 
_ndb_struct_na_base_pair_step.tilt 
_ndb_struct_na_base_pair_step.roll 
_ndb_struct_na_base_pair_step.twist 
_ndb_struct_na_base_pair_step.x_displacement 
_ndb_struct_na_base_pair_step.y_displacement 
_ndb_struct_na_base_pair_step.helical_rise 
_ndb_struct_na_base_pair_step.inclination 
_ndb_struct_na_base_pair_step.tip 
_ndb_struct_na_base_pair_step.helical_twist 
_ndb_struct_na_base_pair_step.step_number 
_ndb_struct_na_base_pair_step.step_name 
_ndb_struct_na_base_pair_step.i_auth_asym_id_1 
_ndb_struct_na_base_pair_step.i_auth_seq_id_1 
_ndb_struct_na_base_pair_step.i_PDB_ins_code_1 
_ndb_struct_na_base_pair_step.j_auth_asym_id_1 
_ndb_struct_na_base_pair_step.j_auth_seq_id_1 
_ndb_struct_na_base_pair_step.j_PDB_ins_code_1 
_ndb_struct_na_base_pair_step.i_auth_asym_id_2 
_ndb_struct_na_base_pair_step.i_auth_seq_id_2 
_ndb_struct_na_base_pair_step.i_PDB_ins_code_2 
_ndb_struct_na_base_pair_step.j_auth_asym_id_2 
_ndb_struct_na_base_pair_step.j_auth_seq_id_2 
_ndb_struct_na_base_pair_step.j_PDB_ins_code_2 
1 A DG 3  1_555 D DC 7 1_555 A DC 4  1_555 D DG 6 1_555 0.432  -0.638 3.437 3.340  -0.355 38.716 -0.913 -0.220 3.467 -0.534 -5.027 
38.855 1  AA_DG3DC4:DG15DC16_DD A 3  ? D 16 ? A 4  ? D 15 ? 
1 A DC 4  1_555 D DG 6 1_555 A DA 5  1_555 D DT 5 1_555 -0.769 0.314  3.313 -2.235 0.727  32.843 0.428  0.967  3.362 1.284  3.946  
32.925 2  AA_DC4DA5:DT14DG15_DD A 4  ? D 15 ? A 5  ? D 14 ? 
1 A DA 5  1_555 D DT 5 1_555 A DG 6  1_555 D DC 4 1_555 0.673  -0.929 3.406 0.493  0.714  27.665 -2.121 -1.282 3.393 1.492  -1.031 
27.679 3  AA_DA5DG6:DC13DT14_DD A 5  ? D 14 ? A 6  ? D 13 ? 
1 A DG 6  1_555 D DC 4 1_555 A DA 7  1_555 D DT 3 1_555 0.047  -0.671 3.025 2.463  2.845  39.500 -1.293 0.195  2.969 4.197  -3.634 
39.672 4  AA_DG6DA7:DT12DC13_DD A 6  ? D 13 ? A 7  ? D 12 ? 
1 A DA 7  1_555 D DT 3 1_555 A DC 8  1_555 D DG 2 1_555 0.923  -1.168 3.242 -4.394 5.064  32.272 -2.876 -2.335 2.884 8.989  7.800  
32.943 5  AA_DA7DC8:DG11DT12_DD A 7  ? D 12 ? A 8  ? D 11 ? 
1 A DC 8  1_555 D DG 2 1_555 A DC 9  1_555 D DG 1 1_555 -0.946 -1.581 3.494 -5.513 -1.083 35.027 -2.422 0.665  3.642 -1.785 9.087  
35.461 6  AA_DC8DC9:DG10DG11_DD A 8  ? D 11 ? A 9  ? D 10 ? 
1 A DC 9  1_555 D DG 1 1_555 A DT 10 1_555 B DA 6 1_555 -0.676 -2.183 3.299 -4.086 -2.600 19.540 -4.962 -0.085 3.619 -7.514 11.807 
20.126 7  AA_DC9DT10:DA5DG10_BD A 9  ? D 10 ? A 10 ? B 5  ? 
1 A DT 10 1_555 B DA 6 1_555 A DG 11 1_555 B DC 5 1_555 -0.382 0.688  3.208 0.803  2.241  31.275 0.857  0.856  3.238 4.149  -1.487 
31.364 8  AA_DT10DG11:DC4DA5_BB A 10 ? B 5  ? A 11 ? B 4  ? 
1 A DG 11 1_555 B DC 5 1_555 A DA 12 1_555 B DT 4 1_555 -0.559 0.028  3.481 -1.444 5.632  40.206 -0.628 0.633  3.471 8.141  2.087  
40.606 9  AA_DG11DA12:DT3DC4_BB A 11 ? B 4  ? A 12 ? B 3  ? 
1 A DA 12 1_555 B DT 4 1_555 A DC 13 1_555 B DG 3 1_555 0.356  -1.236 3.312 -1.933 1.316  35.265 -2.230 -0.873 3.242 2.169  3.187  
35.340 10 AA_DA12DC13:DG2DT3_BB A 12 ? B 3  ? A 13 ? B 2  ? 
1 A DC 13 1_555 B DG 3 1_555 A DG 14 1_555 B DC 2 1_555 -0.438 -0.310 3.162 -1.902 4.476  31.285 -1.366 0.464  3.110 8.238  3.500  
31.652 11 AA_DC13DG14:DC1DG2_BB A 13 ? B 2  ? A 14 ? B 1  ? 
1 A DG 14 1_555 B DC 2 1_555 A DG 15 1_555 B DC 1 1_555 0.277  -0.399 3.519 -1.639 2.323  33.030 -1.117 -0.780 3.467 4.077  2.876  
33.148 12 AA_DG14DG15:DC0DC1_BB A 14 ? B 1  ? A 15 ? B 0  ? 
1 A DG 15 1_555 B DC 1 1_555 A DA 16 1_555 C DT 8 1_555 -1.561 -1.020 2.976 -7.357 -4.176 30.538 -1.110 1.522  3.358 -7.744 13.642 
31.661 13 AA_DG15DA16:DT8DC0_CB A 15 ? B 0  ? A 16 ? C 8  ? 
1 A DA 16 1_555 C DT 8 1_555 A DA 17 1_555 C DT 7 1_555 -0.146 -0.426 2.984 -3.137 -1.516 38.867 -0.470 -0.128 3.000 -2.273 4.703  
39.017 14 AA_DA16DA17:DT7DT8_CC A 16 ? C 8  ? A 17 ? C 7  ? 
1 A DA 17 1_555 C DT 7 1_555 A DC 18 1_555 C DG 6 1_555 0.155  -1.102 3.589 -1.898 -2.996 33.576 -1.358 -0.609 3.656 -5.169 3.275  
33.758 15 AA_DA17DC18:DG6DT7_CC A 17 ? C 7  ? A 18 ? C 6  ? 
1 A DC 18 1_555 C DG 6 1_555 A DT 19 1_555 C DA 5 1_555 -0.563 -0.981 3.217 2.901  1.030  37.984 -1.630 1.219  3.141 1.579  -4.448 
38.104 16 AA_DC18DT19:DA5DG6_CC A 18 ? C 6  ? A 19 ? C 5  ? 
1 A DT 19 1_555 C DA 5 1_555 A DC 20 1_555 C DG 4 1_555 0.989  1.543  3.406 6.004  -4.719 37.798 2.945  -0.728 3.310 -7.195 -9.153 
38.534 17 AA_DT19DC20:DG4DA5_CC A 19 ? C 5  ? A 20 ? C 4  ? 
1 A DC 20 1_555 C DG 4 1_555 A DA 21 1_555 C DT 3 1_555 -0.348 1.447  3.355 -4.628 2.874  36.125 1.892  -0.116 3.473 4.602  7.412  
36.520 18 AA_DC20DA21:DT3DG4_CC A 20 ? C 4  ? A 21 ? C 3  ? 
# 
loop_
_pdbx_audit_support.funding_organization 
_pdbx_audit_support.country 
_pdbx_audit_support.grant_number 
_pdbx_audit_support.ordinal 
'National Science Foundation (NSF, United States)'                                         'United States' 1360635     1 
'National Science Foundation (NSF, United States)'                                         'United States' 1334109     2 
'National Institutes of Health/National Institute of General Medical Sciences (NIH/NIGMS)' 'United States' R01GM104960 3 
# 
_atom_sites.entry_id                    5VY6 
_atom_sites.fract_transf_matrix[1][1]   -0.01036441 
_atom_sites.fract_transf_matrix[1][2]   0.00895219 
_atom_sites.fract_transf_matrix[1][3]   0.00984551 
_atom_sites.fract_transf_matrix[2][1]   -0.00023317 
_atom_sites.fract_transf_matrix[2][2]   -0.00269016 
_atom_sites.fract_transf_matrix[2][3]   0.01664946 
_atom_sites.fract_transf_matrix[3][1]   0.01275816 
_atom_sites.fract_transf_matrix[3][2]   0.01237520 
_atom_sites.fract_transf_matrix[3][3]   0.00217821 
_atom_sites.fract_transf_vector[1]      0.242018 
_atom_sites.fract_transf_vector[2]      -0.282636 
_atom_sites.fract_transf_vector[3]      0.225991 
# 
loop_
_atom_type.symbol 
C 
H 
N 
O 
P 
# 
loop_
_atom_site.group_PDB 
_atom_site.id 
_atom_site.type_symbol 
_atom_site.label_atom_id 
_atom_site.label_alt_id 
_atom_site.label_comp_id 
_atom_site.label_asym_id 
_atom_site.label_entity_id 
_atom_site.label_seq_id 
_atom_site.pdbx_PDB_ins_code 
_atom_site.Cartn_x 
_atom_site.Cartn_y 
_atom_site.Cartn_z 
_atom_site.occupancy 
_atom_site.B_iso_or_equiv 
_atom_site.pdbx_formal_charge 
_atom_site.auth_seq_id 
_atom_site.auth_comp_id 
_atom_site.auth_asym_id 
_atom_site.auth_atom_id 
_atom_site.pdbx_PDB_model_num 
ATOM 1    C "C4'"  . DG A 1 1  ? 11.479  -0.029  -33.967 1.00 61.75  ? 1  DG A "C4'"  1 
ATOM 2    O "O4'"  . DG A 1 1  ? 12.689  -0.807  -34.047 1.00 57.44  ? 1  DG A "O4'"  1 
ATOM 3    C "C3'"  . DG A 1 1  ? 10.498  -0.951  -33.266 1.00 77.70  ? 1  DG A "C3'"  1 
ATOM 4    O "O3'"  . DG A 1 1  ? 9.155   -0.626  -33.611 1.00 88.07  ? 1  DG A "O3'"  1 
ATOM 5    C "C2'"  . DG A 1 1  ? 10.907  -2.348  -33.756 1.00 71.28  ? 1  DG A "C2'"  1 
ATOM 6    C "C1'"  . DG A 1 1  ? 12.355  -2.177  -34.202 1.00 48.76  ? 1  DG A "C1'"  1 
ATOM 7    N N9     . DG A 1 1  ? 13.320  -2.986  -33.453 1.00 43.45  ? 1  DG A N9     1 
ATOM 8    C C8     . DG A 1 1  ? 14.513  -2.553  -32.924 1.00 44.04  ? 1  DG A C8     1 
ATOM 9    N N7     . DG A 1 1  ? 15.198  -3.492  -32.339 1.00 41.87  ? 1  DG A N7     1 
ATOM 10   C C5     . DG A 1 1  ? 14.417  -4.629  -32.487 1.00 46.54  ? 1  DG A C5     1 
ATOM 11   C C6     . DG A 1 1  ? 14.654  -5.954  -32.047 1.00 50.19  ? 1  DG A C6     1 
ATOM 12   O O6     . DG A 1 1  ? 15.631  -6.385  -31.422 1.00 46.61  ? 1  DG A O6     1 
ATOM 13   N N1     . DG A 1 1  ? 13.619  -6.814  -32.400 1.00 50.11  ? 1  DG A N1     1 
ATOM 14   C C2     . DG A 1 1  ? 12.490  -6.440  -33.092 1.00 61.03  ? 1  DG A C2     1 
ATOM 15   N N2     . DG A 1 1  ? 11.602  -7.418  -33.341 1.00 70.65  ? 1  DG A N2     1 
ATOM 16   N N3     . DG A 1 1  ? 12.249  -5.190  -33.516 1.00 55.72  ? 1  DG A N3     1 
ATOM 17   C C4     . DG A 1 1  ? 13.255  -4.341  -33.174 1.00 48.67  ? 1  DG A C4     1 
ATOM 18   H "H3'"  . DG A 1 1  ? 10.617  -0.890  -32.305 1.00 93.24  ? 1  DG A "H3'"  1 
ATOM 19   H "H2'"  . DG A 1 1  ? 10.848  -2.992  -33.034 1.00 85.54  ? 1  DG A "H2'"  1 
ATOM 20   H "H2''" . DG A 1 1  ? 10.352  -2.622  -34.503 1.00 85.54  ? 1  DG A "H2''" 1 
ATOM 21   H "H1'"  . DG A 1 1  ? 12.420  -2.408  -35.142 1.00 58.51  ? 1  DG A "H1'"  1 
ATOM 22   H H8     . DG A 1 1  ? 14.803  -1.671  -32.979 1.00 52.85  ? 1  DG A H8     1 
ATOM 23   H H1     . DG A 1 1  ? 13.689  -7.639  -32.167 1.00 60.13  ? 1  DG A H1     1 
ATOM 24   H H21    . DG A 1 1  ? 10.875  -7.241  -33.767 1.00 84.79  ? 1  DG A H21    1 
ATOM 25   H H22    . DG A 1 1  ? 11.759  -8.220  -33.074 1.00 84.79  ? 1  DG A H22    1 
ATOM 26   P P      . DA A 1 2  ? 8.012   -0.654  -32.483 1.00 92.87  ? 2  DA A P      1 
ATOM 27   O OP1    . DA A 1 2  ? 6.799   -0.025  -33.072 1.00 60.85  ? 2  DA A OP1    1 
ATOM 28   O OP2    . DA A 1 2  ? 8.634   -0.109  -31.253 1.00 89.35  ? 2  DA A OP2    1 
ATOM 29   O "O5'"  . DA A 1 2  ? 7.761   -2.219  -32.204 1.00 69.51  ? 2  DA A "O5'"  1 
ATOM 30   C "C5'"  . DA A 1 2  ? 6.828   -2.956  -33.008 1.00 74.50  ? 2  DA A "C5'"  1 
ATOM 31   C "C4'"  . DA A 1 2  ? 6.878   -4.445  -32.693 1.00 80.67  ? 2  DA A "C4'"  1 
ATOM 32   O "O4'"  . DA A 1 2  ? 8.264   -4.847  -32.510 1.00 76.70  ? 2  DA A "O4'"  1 
ATOM 33   C "C3'"  . DA A 1 2  ? 6.157   -4.876  -31.414 1.00 88.10  ? 2  DA A "C3'"  1 
ATOM 34   O "O3'"  . DA A 1 2  ? 5.599   -6.193  -31.557 1.00 96.41  ? 2  DA A "O3'"  1 
ATOM 35   C "C2'"  . DA A 1 2  ? 7.262   -4.831  -30.381 1.00 86.52  ? 2  DA A "C2'"  1 
ATOM 36   C "C1'"  . DA A 1 2  ? 8.472   -5.282  -31.181 1.00 68.64  ? 2  DA A "C1'"  1 
ATOM 37   N N9     . DA A 1 2  ? 9.715   -4.722  -30.687 1.00 63.09  ? 2  DA A N9     1 
ATOM 38   C C8     . DA A 1 2  ? 10.061  -3.397  -30.619 1.00 64.03  ? 2  DA A C8     1 
ATOM 39   N N7     . DA A 1 2  ? 11.250  -3.191  -30.107 1.00 53.32  ? 2  DA A N7     1 
ATOM 40   C C5     . DA A 1 2  ? 11.706  -4.465  -29.814 1.00 40.76  ? 2  DA A C5     1 
ATOM 41   C C6     . DA A 1 2  ? 12.899  -4.929  -29.249 1.00 50.44  ? 2  DA A C6     1 
ATOM 42   N N6     . DA A 1 2  ? 13.888  -4.118  -28.873 1.00 57.51  ? 2  DA A N6     1 
ATOM 43   N N1     . DA A 1 2  ? 13.040  -6.267  -29.084 1.00 52.52  ? 2  DA A N1     1 
ATOM 44   C C2     . DA A 1 2  ? 12.041  -7.070  -29.469 1.00 55.48  ? 2  DA A C2     1 
ATOM 45   N N3     . DA A 1 2  ? 10.872  -6.744  -30.015 1.00 53.28  ? 2  DA A N3     1 
ATOM 46   C C4     . DA A 1 2  ? 10.769  -5.415  -30.160 1.00 48.15  ? 2  DA A C4     1 
ATOM 47   H "H5'"  . DA A 1 2  ? 7.042   -2.824  -33.944 1.00 89.40  ? 2  DA A "H5'"  1 
ATOM 48   H "H5''" . DA A 1 2  ? 5.932   -2.626  -32.837 1.00 89.40  ? 2  DA A "H5''" 1 
ATOM 49   H "H4'"  . DA A 1 2  ? 6.506   -4.936  -33.442 1.00 96.81  ? 2  DA A "H4'"  1 
ATOM 50   H "H3'"  . DA A 1 2  ? 5.462   -4.238  -31.190 1.00 105.72 ? 2  DA A "H3'"  1 
ATOM 51   H "H2'"  . DA A 1 2  ? 7.386   -3.928  -30.049 1.00 103.82 ? 2  DA A "H2'"  1 
ATOM 52   H "H2''" . DA A 1 2  ? 7.080   -5.447  -29.655 1.00 103.82 ? 2  DA A "H2''" 1 
ATOM 53   H "H1'"  . DA A 1 2  ? 8.526   -6.251  -31.163 1.00 82.36  ? 2  DA A "H1'"  1 
ATOM 54   H H8     . DA A 1 2  ? 9.510   -2.711  -30.918 1.00 76.83  ? 2  DA A H8     1 
ATOM 55   H H61    . DA A 1 2  ? 14.609  -4.446  -28.538 1.00 69.01  ? 2  DA A H61    1 
ATOM 56   H H62    . DA A 1 2  ? 13.806  -3.267  -28.967 1.00 69.01  ? 2  DA A H62    1 
ATOM 57   H H2     . DA A 1 2  ? 12.185  -7.980  -29.340 1.00 66.58  ? 2  DA A H2     1 
ATOM 58   P P      . DG A 1 3  ? 4.686   -6.822  -30.392 1.00 93.74  ? 3  DG A P      1 
ATOM 59   O OP1    . DG A 1 3  ? 3.840   -7.880  -30.993 1.00 87.67  ? 3  DG A OP1    1 
ATOM 60   O OP2    . DG A 1 3  ? 4.075   -5.707  -29.638 1.00 96.15  ? 3  DG A OP2    1 
ATOM 61   O "O5'"  . DG A 1 3  ? 5.727   -7.572  -29.451 1.00 71.70  ? 3  DG A "O5'"  1 
ATOM 62   C "C5'"  . DG A 1 3  ? 6.103   -8.875  -29.787 1.00 82.77  ? 3  DG A "C5'"  1 
ATOM 63   C "C4'"  . DG A 1 3  ? 7.135   -9.418  -28.825 1.00 81.24  ? 3  DG A "C4'"  1 
ATOM 64   O "O4'"  . DG A 1 3  ? 8.168   -8.442  -28.613 1.00 76.58  ? 3  DG A "O4'"  1 
ATOM 65   C "C3'"  . DG A 1 3  ? 6.609   -9.762  -27.434 1.00 82.90  ? 3  DG A "C3'"  1 
ATOM 66   O "O3'"  . DG A 1 3  ? 6.556   -11.170 -27.290 1.00 91.44  ? 3  DG A "O3'"  1 
ATOM 67   C "C2'"  . DG A 1 3  ? 7.612   -9.093  -26.465 1.00 84.17  ? 3  DG A "C2'"  1 
ATOM 68   C "C1'"  . DG A 1 3  ? 8.764   -8.726  -27.379 1.00 68.25  ? 3  DG A "C1'"  1 
ATOM 69   N N9     . DG A 1 3  ? 9.562   -7.568  -26.979 1.00 60.01  ? 3  DG A N9     1 
ATOM 70   C C8     . DG A 1 3  ? 9.288   -6.236  -27.221 1.00 58.05  ? 3  DG A C8     1 
ATOM 71   N N7     . DG A 1 3  ? 10.219  -5.430  -26.778 1.00 46.87  ? 3  DG A N7     1 
ATOM 72   C C5     . DG A 1 3  ? 11.177  -6.285  -26.233 1.00 52.70  ? 3  DG A C5     1 
ATOM 73   C C6     . DG A 1 3  ? 12.416  -5.997  -25.607 1.00 54.54  ? 3  DG A C6     1 
ATOM 74   O O6     . DG A 1 3  ? 12.939  -4.891  -25.403 1.00 54.85  ? 3  DG A O6     1 
ATOM 75   N N1     . DG A 1 3  ? 13.074  -7.162  -25.208 1.00 52.82  ? 3  DG A N1     1 
ATOM 76   C C2     . DG A 1 3  ? 12.589  -8.439  -25.388 1.00 54.55  ? 3  DG A C2     1 
ATOM 77   N N2     . DG A 1 3  ? 13.356  -9.444  -24.933 1.00 51.06  ? 3  DG A N2     1 
ATOM 78   N N3     . DG A 1 3  ? 11.433  -8.717  -25.967 1.00 52.18  ? 3  DG A N3     1 
ATOM 79   C C4     . DG A 1 3  ? 10.785  -7.601  -26.362 1.00 52.53  ? 3  DG A C4     1 
ATOM 80   H "H5'"  . DG A 1 3  ? 6.475   -8.876  -30.683 1.00 99.33  ? 3  DG A "H5'"  1 
ATOM 81   H "H5''" . DG A 1 3  ? 5.321   -9.447  -29.767 1.00 99.33  ? 3  DG A "H5''" 1 
ATOM 82   H "H4'"  . DG A 1 3  ? 7.534   -10.213 -29.213 1.00 97.48  ? 3  DG A "H4'"  1 
ATOM 83   H "H3'"  . DG A 1 3  ? 5.725   -9.382  -27.311 1.00 99.48  ? 3  DG A "H3'"  1 
ATOM 84   H "H2'"  . DG A 1 3  ? 7.225   -8.299  -26.063 1.00 101.00 ? 3  DG A "H2'"  1 
ATOM 85   H "H2''" . DG A 1 3  ? 7.900   -9.719  -25.783 1.00 101.00 ? 3  DG A "H2''" 1 
ATOM 86   H "H1'"  . DG A 1 3  ? 9.348   -9.494  -27.479 1.00 81.90  ? 3  DG A "H1'"  1 
ATOM 87   H H8     . DG A 1 3  ? 8.513   -5.942  -27.640 1.00 69.66  ? 3  DG A H8     1 
ATOM 88   H H1     . DG A 1 3  ? 13.834  -7.075  -24.814 1.00 63.38  ? 3  DG A H1     1 
ATOM 89   H H21    . DG A 1 3  ? 13.093  -10.258 -25.017 1.00 61.28  ? 3  DG A H21    1 
ATOM 90   H H22    . DG A 1 3  ? 14.111  -9.272  -24.559 1.00 61.28  ? 3  DG A H22    1 
ATOM 91   P P      . DC A 1 4  ? 5.869   -11.838 -26.007 1.00 101.12 ? 4  DC A P      1 
ATOM 92   O OP1    . DC A 1 4  ? 5.681   -13.275 -26.313 1.00 99.97  ? 4  DC A OP1    1 
ATOM 93   O OP2    . DC A 1 4  ? 4.716   -10.992 -25.619 1.00 94.07  ? 4  DC A OP2    1 
ATOM 94   O "O5'"  . DC A 1 4  ? 7.003   -11.731 -24.888 1.00 86.54  ? 4  DC A "O5'"  1 
ATOM 95   C "C5'"  . DC A 1 4  ? 8.281   -12.307 -25.133 1.00 87.70  ? 4  DC A "C5'"  1 
ATOM 96   C "C4'"  . DC A 1 4  ? 9.146   -12.242 -23.893 1.00 86.58  ? 4  DC A "C4'"  1 
ATOM 97   O "O4'"  . DC A 1 4  ? 9.871   -10.977 -23.856 1.00 87.17  ? 4  DC A "O4'"  1 
ATOM 98   C "C3'"  . DC A 1 4  ? 8.366   -12.313 -22.586 1.00 89.39  ? 4  DC A "C3'"  1 
ATOM 99   O "O3'"  . DC A 1 4  ? 9.027   -13.141 -21.659 1.00 84.02  ? 4  DC A "O3'"  1 
ATOM 100  C "C2'"  . DC A 1 4  ? 8.317   -10.861 -22.139 1.00 89.58  ? 4  DC A "C2'"  1 
ATOM 101  C "C1'"  . DC A 1 4  ? 9.680   -10.369 -22.598 1.00 74.15  ? 4  DC A "C1'"  1 
ATOM 102  N N1     . DC A 1 4  ? 9.799   -8.880  -22.750 1.00 61.69  ? 4  DC A N1     1 
ATOM 103  C C2     . DC A 1 4  ? 10.962  -8.218  -22.304 1.00 60.88  ? 4  DC A C2     1 
ATOM 104  O O2     . DC A 1 4  ? 11.881  -8.877  -21.780 1.00 45.73  ? 4  DC A O2     1 
ATOM 105  N N3     . DC A 1 4  ? 11.043  -6.867  -22.457 1.00 56.40  ? 4  DC A N3     1 
ATOM 106  C C4     . DC A 1 4  ? 10.036  -6.198  -23.028 1.00 57.66  ? 4  DC A C4     1 
ATOM 107  N N4     . DC A 1 4  ? 10.151  -4.871  -23.161 1.00 58.49  ? 4  DC A N4     1 
ATOM 108  C C5     . DC A 1 4  ? 8.859   -6.856  -23.485 1.00 60.46  ? 4  DC A C5     1 
ATOM 109  C C6     . DC A 1 4  ? 8.785   -8.180  -23.331 1.00 55.34  ? 4  DC A C6     1 
ATOM 110  H "H5'"  . DC A 1 4  ? 8.717   -11.824 -25.852 1.00 105.24 ? 4  DC A "H5'"  1 
ATOM 111  H "H5''" . DC A 1 4  ? 8.169   -13.234 -25.396 1.00 105.24 ? 4  DC A "H5''" 1 
ATOM 112  H "H4'"  . DC A 1 4  ? 9.786   -12.971 -23.916 1.00 103.89 ? 4  DC A "H4'"  1 
ATOM 113  H "H3'"  . DC A 1 4  ? 7.468   -12.643 -22.750 1.00 107.27 ? 4  DC A "H3'"  1 
ATOM 114  H "H2'"  . DC A 1 4  ? 7.605   -10.381 -22.590 1.00 107.50 ? 4  DC A "H2'"  1 
ATOM 115  H "H2''" . DC A 1 4  ? 8.229   -10.796 -21.175 1.00 107.50 ? 4  DC A "H2''" 1 
ATOM 116  H "H1'"  . DC A 1 4  ? 10.360  -10.685 -21.982 1.00 88.98  ? 4  DC A "H1'"  1 
ATOM 117  H H41    . DC A 1 4  ? 9.520   -4.419  -23.531 1.00 70.19  ? 4  DC A H41    1 
ATOM 118  H H42    . DC A 1 4  ? 10.856  -4.469  -22.875 1.00 70.19  ? 4  DC A H42    1 
ATOM 119  H H5     . DC A 1 4  ? 8.165   -6.378  -23.878 1.00 72.56  ? 4  DC A H5     1 
ATOM 120  H H6     . DC A 1 4  ? 8.024   -8.632  -23.620 1.00 66.41  ? 4  DC A H6     1 
ATOM 121  P P      . DA A 1 5  ? 8.194   -13.811 -20.464 1.00 95.50  ? 5  DA A P      1 
ATOM 122  O OP1    . DA A 1 5  ? 7.217   -14.750 -21.069 1.00 91.54  ? 5  DA A OP1    1 
ATOM 123  O OP2    . DA A 1 5  ? 7.704   -12.694 -19.625 1.00 96.76  ? 5  DA A OP2    1 
ATOM 124  O "O5'"  . DA A 1 5  ? 9.287   -14.643 -19.633 1.00 73.11  ? 5  DA A "O5'"  1 
ATOM 125  C "C5'"  . DA A 1 5  ? 10.688  -14.433 -19.849 1.00 81.74  ? 5  DA A "C5'"  1 
ATOM 126  C "C4'"  . DA A 1 5  ? 11.291  -13.498 -18.805 1.00 85.27  ? 5  DA A "C4'"  1 
ATOM 127  O "O4'"  . DA A 1 5  ? 11.198  -12.118 -19.255 1.00 76.03  ? 5  DA A "O4'"  1 
ATOM 128  C "C3'"  . DA A 1 5  ? 10.625  -13.533 -17.420 1.00 86.73  ? 5  DA A "C3'"  1 
ATOM 129  O "O3'"  . DA A 1 5  ? 11.559  -13.989 -16.445 1.00 97.08  ? 5  DA A "O3'"  1 
ATOM 130  C "C2'"  . DA A 1 5  ? 10.178  -12.082 -17.179 1.00 78.53  ? 5  DA A "C2'"  1 
ATOM 131  C "C1'"  . DA A 1 5  ? 11.066  -11.292 -18.125 1.00 64.60  ? 5  DA A "C1'"  1 
ATOM 132  N N9     . DA A 1 5  ? 10.513  -10.008 -18.544 1.00 59.33  ? 5  DA A N9     1 
ATOM 133  C C8     . DA A 1 5  ? 9.291   -9.801  -19.118 1.00 70.03  ? 5  DA A C8     1 
ATOM 134  N N7     . DA A 1 5  ? 9.041   -8.546  -19.410 1.00 62.19  ? 5  DA A N7     1 
ATOM 135  C C5     . DA A 1 5  ? 10.180  -7.872  -18.998 1.00 61.94  ? 5  DA A C5     1 
ATOM 136  C C6     . DA A 1 5  ? 10.534  -6.506  -19.040 1.00 54.87  ? 5  DA A C6     1 
ATOM 137  N N6     . DA A 1 5  ? 9.727   -5.562  -19.529 1.00 65.73  ? 5  DA A N6     1 
ATOM 138  N N1     . DA A 1 5  ? 11.745  -6.151  -18.549 1.00 55.63  ? 5  DA A N1     1 
ATOM 139  C C2     . DA A 1 5  ? 12.550  -7.116  -18.055 1.00 67.72  ? 5  DA A C2     1 
ATOM 140  N N3     . DA A 1 5  ? 12.325  -8.439  -17.965 1.00 60.92  ? 5  DA A N3     1 
ATOM 141  C C4     . DA A 1 5  ? 11.108  -8.754  -18.462 1.00 66.62  ? 5  DA A C4     1 
ATOM 142  H "H5'"  . DA A 1 5  ? 10.818  -14.048 -20.730 1.00 98.08  ? 5  DA A "H5'"  1 
ATOM 143  H "H5''" . DA A 1 5  ? 11.146  -15.287 -19.808 1.00 98.08  ? 5  DA A "H5''" 1 
ATOM 144  H "H4'"  . DA A 1 5  ? 12.228  -13.723 -18.698 1.00 102.32 ? 5  DA A "H4'"  1 
ATOM 145  H "H3'"  . DA A 1 5  ? 9.853   -14.119 -17.440 1.00 104.08 ? 5  DA A "H3'"  1 
ATOM 146  H "H2'"  . DA A 1 5  ? 9.244   -11.967 -17.411 1.00 94.24  ? 5  DA A "H2'"  1 
ATOM 147  H "H2''" . DA A 1 5  ? 10.341  -11.822 -16.259 1.00 94.24  ? 5  DA A "H2''" 1 
ATOM 148  H "H1'"  . DA A 1 5  ? 11.937  -11.156 -17.718 1.00 77.52  ? 5  DA A "H1'"  1 
ATOM 149  H H8     . DA A 1 5  ? 8.691   -10.490 -19.290 1.00 84.04  ? 5  DA A H8     1 
ATOM 150  H H61    . DA A 1 5  ? 9.976   -4.739  -19.525 1.00 78.88  ? 5  DA A H61    1 
ATOM 151  H H62    . DA A 1 5  ? 8.958   -5.777  -19.848 1.00 78.88  ? 5  DA A H62    1 
ATOM 152  H H2     . DA A 1 5  ? 13.371  -6.824  -17.729 1.00 81.26  ? 5  DA A H2     1 
ATOM 153  P P      . DG A 1 6  ? 11.112  -14.217 -14.921 1.00 107.38 ? 6  DG A P      1 
ATOM 154  O OP1    . DG A 1 6  ? 12.224  -14.939 -14.259 1.00 91.75  ? 6  DG A OP1    1 
ATOM 155  O OP2    . DG A 1 6  ? 9.750   -14.805 -14.935 1.00 103.74 ? 6  DG A OP2    1 
ATOM 156  O "O5'"  . DG A 1 6  ? 11.016  -12.730 -14.326 1.00 101.26 ? 6  DG A "O5'"  1 
ATOM 157  C "C5'"  . DG A 1 6  ? 11.814  -12.346 -13.205 1.00 101.05 ? 6  DG A "C5'"  1 
ATOM 158  C "C4'"  . DG A 1 6  ? 12.521  -11.016 -13.456 1.00 94.13  ? 6  DG A "C4'"  1 
ATOM 159  O "O4'"  . DG A 1 6  ? 11.854  -10.295 -14.512 1.00 75.36  ? 6  DG A "O4'"  1 
ATOM 160  C "C3'"  . DG A 1 6  ? 12.524  -10.063 -12.266 1.00 101.27 ? 6  DG A "C3'"  1 
ATOM 161  O "O3'"  . DG A 1 6  ? 13.737  -10.158 -11.543 1.00 110.33 ? 6  DG A "O3'"  1 
ATOM 162  C "C2'"  . DG A 1 6  ? 12.326  -8.666  -12.875 1.00 84.17  ? 6  DG A "C2'"  1 
ATOM 163  C "C1'"  . DG A 1 6  ? 12.115  -8.917  -14.360 1.00 66.35  ? 6  DG A "C1'"  1 
ATOM 164  N N9     . DG A 1 6  ? 11.000  -8.174  -14.945 1.00 64.42  ? 6  DG A N9     1 
ATOM 165  C C8     . DG A 1 6  ? 9.814   -8.704  -15.398 1.00 69.26  ? 6  DG A C8     1 
ATOM 166  N N7     . DG A 1 6  ? 9.001   -7.817  -15.901 1.00 51.92  ? 6  DG A N7     1 
ATOM 167  C C5     . DG A 1 6  ? 9.687   -6.617  -15.778 1.00 58.59  ? 6  DG A C5     1 
ATOM 168  C C6     . DG A 1 6  ? 9.299   -5.311  -16.158 1.00 65.33  ? 6  DG A C6     1 
ATOM 169  O O6     . DG A 1 6  ? 8.234   -4.954  -16.679 1.00 55.42  ? 6  DG A O6     1 
ATOM 170  N N1     . DG A 1 6  ? 10.282  -4.369  -15.857 1.00 67.12  ? 6  DG A N1     1 
ATOM 171  C C2     . DG A 1 6  ? 11.498  -4.653  -15.272 1.00 68.87  ? 6  DG A C2     1 
ATOM 172  N N2     . DG A 1 6  ? 12.322  -3.607  -15.065 1.00 70.22  ? 6  DG A N2     1 
ATOM 173  N N3     . DG A 1 6  ? 11.881  -5.884  -14.913 1.00 56.98  ? 6  DG A N3     1 
ATOM 174  C C4     . DG A 1 6  ? 10.925  -6.813  -15.194 1.00 60.79  ? 6  DG A C4     1 
ATOM 175  H "H5'"  . DG A 1 6  ? 12.479  -13.032 -13.039 1.00 121.26 ? 6  DG A "H5'"  1 
ATOM 176  H "H5''" . DG A 1 6  ? 11.245  -12.260 -12.425 1.00 121.26 ? 6  DG A "H5''" 1 
ATOM 177  H "H4'"  . DG A 1 6  ? 13.437  -11.192 -13.722 1.00 112.95 ? 6  DG A "H4'"  1 
ATOM 178  H "H3'"  . DG A 1 6  ? 11.778  -10.270 -11.681 1.00 121.52 ? 6  DG A "H3'"  1 
ATOM 179  H "H2'"  . DG A 1 6  ? 11.546  -8.237  -12.490 1.00 101.00 ? 6  DG A "H2'"  1 
ATOM 180  H "H2''" . DG A 1 6  ? 13.117  -8.121  -12.734 1.00 101.00 ? 6  DG A "H2''" 1 
ATOM 181  H "H1'"  . DG A 1 6  ? 12.929  -8.694  -14.837 1.00 79.62  ? 6  DG A "H1'"  1 
ATOM 182  H H8     . DG A 1 6  ? 9.612   -9.611  -15.353 1.00 83.11  ? 6  DG A H8     1 
ATOM 183  H H1     . DG A 1 6  ? 10.121  -3.548  -16.058 1.00 80.55  ? 6  DG A H1     1 
ATOM 184  H H21    . DG A 1 6  ? 13.092  -3.731  -14.703 1.00 84.26  ? 6  DG A H21    1 
ATOM 185  H H22    . DG A 1 6  ? 12.078  -2.815  -15.297 1.00 84.26  ? 6  DG A H22    1 
ATOM 186  P P      . DA A 1 7  ? 13.738  -9.874  -9.964  1.00 113.22 ? 7  DA A P      1 
ATOM 187  O OP1    . DA A 1 7  ? 15.079  -10.241 -9.445  1.00 102.17 ? 7  DA A OP1    1 
ATOM 188  O OP2    . DA A 1 7  ? 12.519  -10.515 -9.419  1.00 99.67  ? 7  DA A OP2    1 
ATOM 189  O "O5'"  . DA A 1 7  ? 13.526  -8.288  -9.856  1.00 86.74  ? 7  DA A "O5'"  1 
ATOM 190  C "C5'"  . DA A 1 7  ? 14.628  -7.409  -10.054 1.00 84.21  ? 7  DA A "C5'"  1 
ATOM 191  C "C4'"  . DA A 1 7  ? 14.176  -5.962  -10.047 1.00 80.36  ? 7  DA A "C4'"  1 
ATOM 192  O "O4'"  . DA A 1 7  ? 13.207  -5.758  -11.103 1.00 78.33  ? 7  DA A "O4'"  1 
ATOM 193  C "C3'"  . DA A 1 7  ? 13.499  -5.502  -8.750  1.00 94.59  ? 7  DA A "C3'"  1 
ATOM 194  O "O3'"  . DA A 1 7  ? 14.227  -4.425  -8.157  1.00 106.00 ? 7  DA A "O3'"  1 
ATOM 195  C "C2'"  . DA A 1 7  ? 12.090  -5.082  -9.183  1.00 93.79  ? 7  DA A "C2'"  1 
ATOM 196  C "C1'"  . DA A 1 7  ? 12.246  -4.833  -10.673 1.00 75.29  ? 7  DA A "C1'"  1 
ATOM 197  N N9     . DA A 1 7  ? 11.021  -5.045  -11.434 1.00 68.52  ? 7  DA A N9     1 
ATOM 198  C C8     . DA A 1 7  ? 10.362  -6.228  -11.594 1.00 70.36  ? 7  DA A C8     1 
ATOM 199  N N7     . DA A 1 7  ? 9.281   -6.140  -12.325 1.00 64.43  ? 7  DA A N7     1 
ATOM 200  C C5     . DA A 1 7  ? 9.223   -4.803  -12.674 1.00 65.27  ? 7  DA A C5     1 
ATOM 201  C C6     . DA A 1 7  ? 8.300   -4.068  -13.446 1.00 71.08  ? 7  DA A C6     1 
ATOM 202  N N6     . DA A 1 7  ? 7.230   -4.618  -14.029 1.00 66.08  ? 7  DA A N6     1 
ATOM 203  N N1     . DA A 1 7  ? 8.524   -2.748  -13.602 1.00 69.14  ? 7  DA A N1     1 
ATOM 204  C C2     . DA A 1 7  ? 9.601   -2.199  -13.013 1.00 74.22  ? 7  DA A C2     1 
ATOM 205  N N3     . DA A 1 7  ? 10.541  -2.791  -12.261 1.00 61.26  ? 7  DA A N3     1 
ATOM 206  C C4     . DA A 1 7  ? 10.288  -4.106  -12.131 1.00 62.17  ? 7  DA A C4     1 
ATOM 207  H "H5'"  . DA A 1 7  ? 15.044  -7.608  -10.908 1.00 101.06 ? 7  DA A "H5'"  1 
ATOM 208  H "H5''" . DA A 1 7  ? 15.275  -7.545  -9.346  1.00 101.06 ? 7  DA A "H5''" 1 
ATOM 209  H "H4'"  . DA A 1 7  ? 14.946  -5.395  -10.215 1.00 96.43  ? 7  DA A "H4'"  1 
ATOM 210  H "H3'"  . DA A 1 7  ? 13.443  -6.244  -8.128  1.00 113.51 ? 7  DA A "H3'"  1 
ATOM 211  H "H2'"  . DA A 1 7  ? 11.455  -5.797  -9.021  1.00 112.55 ? 7  DA A "H2'"  1 
ATOM 212  H "H2''" . DA A 1 7  ? 11.820  -4.270  -8.726  1.00 112.55 ? 7  DA A "H2''" 1 
ATOM 213  H "H1'"  . DA A 1 7  ? 12.571  -3.931  -10.821 1.00 90.34  ? 7  DA A "H1'"  1 
ATOM 214  H H8     . DA A 1 7  ? 10.662  -7.027  -11.224 1.00 84.43  ? 7  DA A H8     1 
ATOM 215  H H61    . DA A 1 7  ? 6.695   -4.130  -14.492 1.00 79.29  ? 7  DA A H61    1 
ATOM 216  H H62    . DA A 1 7  ? 7.077   -5.459  -13.941 1.00 79.29  ? 7  DA A H62    1 
ATOM 217  H H2     . DA A 1 7  ? 9.709   -1.284  -13.145 1.00 89.06  ? 7  DA A H2     1 
ATOM 218  P P      . DC A 1 8  ? 13.755  -3.803  -6.751  1.00 120.77 ? 8  DC A P      1 
ATOM 219  O OP1    . DC A 1 8  ? 14.920  -3.091  -6.175  1.00 117.31 ? 8  DC A OP1    1 
ATOM 220  O OP2    . DC A 1 8  ? 13.092  -4.884  -5.986  1.00 107.33 ? 8  DC A OP2    1 
ATOM 221  O "O5'"  . DC A 1 8  ? 12.644  -2.721  -7.158  1.00 84.15  ? 8  DC A "O5'"  1 
ATOM 222  C "C5'"  . DC A 1 8  ? 13.027  -1.553  -7.871  1.00 86.67  ? 8  DC A "C5'"  1 
ATOM 223  C "C4'"  . DC A 1 8  ? 11.816  -0.750  -8.295  1.00 88.86  ? 8  DC A "C4'"  1 
ATOM 224  O "O4'"  . DC A 1 8  ? 10.981  -1.557  -9.165  1.00 90.81  ? 8  DC A "O4'"  1 
ATOM 225  C "C3'"  . DC A 1 8  ? 10.901  -0.289  -7.149  1.00 84.12  ? 8  DC A "C3'"  1 
ATOM 226  O "O3'"  . DC A 1 8  ? 10.781  1.134   -7.138  1.00 90.79  ? 8  DC A "O3'"  1 
ATOM 227  C "C2'"  . DC A 1 8  ? 9.567   -0.977  -7.442  1.00 84.03  ? 8  DC A "C2'"  1 
ATOM 228  C "C1'"  . DC A 1 8  ? 9.650   -1.194  -8.938  1.00 77.58  ? 8  DC A "C1'"  1 
ATOM 229  N N1     . DC A 1 8  ? 8.740   -2.254  -9.464  1.00 72.08  ? 8  DC A N1     1 
ATOM 230  C C2     . DC A 1 8  ? 7.634   -1.876  -10.233 1.00 67.00  ? 8  DC A C2     1 
ATOM 231  O O2     . DC A 1 8  ? 7.445   -0.674  -10.446 1.00 61.79  ? 8  DC A O2     1 
ATOM 232  N N3     . DC A 1 8  ? 6.803   -2.833  -10.707 1.00 63.43  ? 8  DC A N3     1 
ATOM 233  C C4     . DC A 1 8  ? 7.050   -4.120  -10.447 1.00 75.77  ? 8  DC A C4     1 
ATOM 234  N N4     . DC A 1 8  ? 6.206   -5.032  -10.944 1.00 80.85  ? 8  DC A N4     1 
ATOM 235  C C5     . DC A 1 8  ? 8.177   -4.530  -9.666  1.00 70.32  ? 8  DC A C5     1 
ATOM 236  C C6     . DC A 1 8  ? 8.987   -3.571  -9.199  1.00 68.69  ? 8  DC A C6     1 
ATOM 237  H "H5'"  . DC A 1 8  ? 13.528  -1.814  -8.660  1.00 104.01 ? 8  DC A "H5'"  1 
ATOM 238  H "H5''" . DC A 1 8  ? 13.591  -1.004  -7.305  1.00 104.01 ? 8  DC A "H5''" 1 
ATOM 239  H "H4'"  . DC A 1 8  ? 12.116  0.031   -8.787  1.00 106.64 ? 8  DC A "H4'"  1 
ATOM 240  H "H3'"  . DC A 1 8  ? 11.255  -0.599  -6.299  1.00 100.94 ? 8  DC A "H3'"  1 
ATOM 241  H "H2'"  . DC A 1 8  ? 9.503   -1.823  -6.973  1.00 100.84 ? 8  DC A "H2'"  1 
ATOM 242  H "H2''" . DC A 1 8  ? 8.822   -0.396  -7.218  1.00 100.84 ? 8  DC A "H2''" 1 
ATOM 243  H "H1'"  . DC A 1 8  ? 9.464   -0.358  -9.393  1.00 93.10  ? 8  DC A "H1'"  1 
ATOM 244  H H41    . DC A 1 8  ? 6.337   -5.868  -10.793 1.00 97.02  ? 8  DC A H41    1 
ATOM 245  H H42    . DC A 1 8  ? 5.531   -4.780  -11.416 1.00 97.02  ? 8  DC A H42    1 
ATOM 246  H H5     . DC A 1 8  ? 8.342   -5.428  -9.492  1.00 84.39  ? 8  DC A H5     1 
ATOM 247  H H6     . DC A 1 8  ? 9.731   -3.805  -8.693  1.00 82.42  ? 8  DC A H6     1 
ATOM 248  P P      . DC A 1 9  ? 10.066  1.867   -5.900  1.00 102.65 ? 9  DC A P      1 
ATOM 249  O OP1    . DC A 1 9  ? 10.915  3.007   -5.486  1.00 104.53 ? 9  DC A OP1    1 
ATOM 250  O OP2    . DC A 1 9  ? 9.701   0.807   -4.935  1.00 86.68  ? 9  DC A OP2    1 
ATOM 251  O "O5'"  . DC A 1 9  ? 8.713   2.454   -6.513  1.00 73.98  ? 9  DC A "O5'"  1 
ATOM 252  C "C5'"  . DC A 1 9  ? 8.721   3.713   -7.157  1.00 78.63  ? 9  DC A "C5'"  1 
ATOM 253  C "C4'"  . DC A 1 9  ? 7.431   3.924   -7.920  1.00 89.62  ? 9  DC A "C4'"  1 
ATOM 254  O "O4'"  . DC A 1 9  ? 7.013   2.658   -8.482  1.00 81.37  ? 9  DC A "O4'"  1 
ATOM 255  C "C3'"  . DC A 1 9  ? 6.260   4.435   -7.077  1.00 83.96  ? 9  DC A "C3'"  1 
ATOM 256  O "O3'"  . DC A 1 9  ? 5.901   5.752   -7.493  1.00 79.71  ? 9  DC A "O3'"  1 
ATOM 257  C "C2'"  . DC A 1 9  ? 5.130   3.412   -7.303  1.00 78.96  ? 9  DC A "C2'"  1 
ATOM 258  C "C1'"  . DC A 1 9  ? 5.611   2.583   -8.492  1.00 75.91  ? 9  DC A "C1'"  1 
ATOM 259  N N1     . DC A 1 9  ? 5.217   1.125   -8.444  1.00 59.07  ? 9  DC A N1     1 
ATOM 260  C C2     . DC A 1 9  ? 3.979   0.718   -8.962  1.00 54.97  ? 9  DC A C2     1 
ATOM 261  O O2     . DC A 1 9  ? 3.219   1.572   -9.443  1.00 57.62  ? 9  DC A O2     1 
ATOM 262  N N3     . DC A 1 9  ? 3.646   -0.602  -8.914  1.00 46.19  ? 9  DC A N3     1 
ATOM 263  C C4     . DC A 1 9  ? 4.502   -1.490  -8.389  1.00 51.21  ? 9  DC A C4     1 
ATOM 264  N N4     . DC A 1 9  ? 4.141   -2.782  -8.370  1.00 39.23  ? 9  DC A N4     1 
ATOM 265  C C5     . DC A 1 9  ? 5.767   -1.092  -7.861  1.00 56.43  ? 9  DC A C5     1 
ATOM 266  C C6     . DC A 1 9  ? 6.083   0.209   -7.913  1.00 57.50  ? 9  DC A C6     1 
ATOM 267  H "H5'"  . DC A 1 9  ? 9.468   3.753   -7.775  1.00 94.36  ? 9  DC A "H5'"  1 
ATOM 268  H "H5''" . DC A 1 9  ? 8.817   4.413   -6.492  1.00 94.36  ? 9  DC A "H5''" 1 
ATOM 269  H "H4'"  . DC A 1 9  ? 7.593   4.550   -8.642  1.00 107.54 ? 9  DC A "H4'"  1 
ATOM 270  H "H3'"  . DC A 1 9  ? 6.510   4.443   -6.140  1.00 100.76 ? 9  DC A "H3'"  1 
ATOM 271  H "H2'"  . DC A 1 9  ? 5.019   2.851   -6.520  1.00 94.76  ? 9  DC A "H2'"  1 
ATOM 272  H "H2''" . DC A 1 9  ? 4.300   3.865   -7.519  1.00 94.76  ? 9  DC A "H2''" 1 
ATOM 273  H "H1'"  . DC A 1 9  ? 5.276   2.977   -9.313  1.00 91.09  ? 9  DC A "H1'"  1 
ATOM 274  H H41    . DC A 1 9  ? 4.672   -3.372  -8.039  1.00 47.08  ? 9  DC A H41    1 
ATOM 275  H H42    . DC A 1 9  ? 3.378   -3.019  -8.688  1.00 47.08  ? 9  DC A H42    1 
ATOM 276  H H5     . DC A 1 9  ? 6.354   -1.716  -7.500  1.00 67.72  ? 9  DC A H5     1 
ATOM 277  H H6     . DC A 1 9  ? 6.903   0.494   -7.579  1.00 69.00  ? 9  DC A H6     1 
ATOM 278  P P      . DT A 1 10 ? 4.984   6.682   -6.558  1.00 116.72 ? 10 DT A P      1 
ATOM 279  O OP1    . DT A 1 10 ? 5.098   8.085   -7.027  1.00 106.45 ? 10 DT A OP1    1 
ATOM 280  O OP2    . DT A 1 10 ? 5.284   6.336   -5.151  1.00 118.35 ? 10 DT A OP2    1 
ATOM 281  O "O5'"  . DT A 1 10 ? 3.510   6.176   -6.880  1.00 100.46 ? 10 DT A "O5'"  1 
ATOM 282  C "C5'"  . DT A 1 10 ? 3.085   6.094   -8.225  1.00 92.24  ? 10 DT A "C5'"  1 
ATOM 283  C "C4'"  . DT A 1 10 ? 1.682   5.539   -8.307  1.00 87.33  ? 10 DT A "C4'"  1 
ATOM 284  O "O4'"  . DT A 1 10 ? 1.710   4.104   -8.159  1.00 78.20  ? 10 DT A "O4'"  1 
ATOM 285  C "C3'"  . DT A 1 10 ? 0.731   6.044   -7.218  1.00 88.56  ? 10 DT A "C3'"  1 
ATOM 286  O "O3'"  . DT A 1 10 ? -0.260  6.882   -7.796  1.00 88.55  ? 10 DT A "O3'"  1 
ATOM 287  C "C2'"  . DT A 1 10 ? 0.137   4.762   -6.601  1.00 85.59  ? 10 DT A "C2'"  1 
ATOM 288  C "C1'"  . DT A 1 10 ? 0.467   3.710   -7.639  1.00 71.80  ? 10 DT A "C1'"  1 
ATOM 289  N N1     . DT A 1 10 ? 0.577   2.282   -7.159  1.00 49.89  ? 10 DT A N1     1 
ATOM 290  C C2     . DT A 1 10 ? -0.467  1.415   -7.405  1.00 50.22  ? 10 DT A C2     1 
ATOM 291  O O2     . DT A 1 10 ? -1.508  1.756   -7.933  1.00 56.10  ? 10 DT A O2     1 
ATOM 292  N N3     . DT A 1 10 ? -0.257  0.128   -6.990  1.00 49.21  ? 10 DT A N3     1 
ATOM 293  C C4     . DT A 1 10 ? 0.874   -0.378  -6.382  1.00 54.41  ? 10 DT A C4     1 
ATOM 294  O O4     . DT A 1 10 ? 0.970   -1.559  -6.042  1.00 55.26  ? 10 DT A O4     1 
ATOM 295  C C5     . DT A 1 10 ? 1.940   0.572   -6.173  1.00 54.06  ? 10 DT A C5     1 
ATOM 296  C C7     . DT A 1 10 ? 3.217   0.129   -5.520  1.00 52.94  ? 10 DT A C7     1 
ATOM 297  C C6     . DT A 1 10 ? 1.748   1.844   -6.576  1.00 48.38  ? 10 DT A C6     1 
ATOM 298  H "H5'"  . DT A 1 10 ? 3.687   5.515   -8.716  1.00 110.69 ? 10 DT A "H5'"  1 
ATOM 299  H "H5''" . DT A 1 10 ? 3.101   6.980   -8.619  1.00 110.69 ? 10 DT A "H5''" 1 
ATOM 300  H "H4'"  . DT A 1 10 ? 1.309   5.758   -9.174  1.00 104.80 ? 10 DT A "H4'"  1 
ATOM 301  H "H3'"  . DT A 1 10 ? 1.229   6.535   -6.546  1.00 106.27 ? 10 DT A "H3'"  1 
ATOM 302  H "H2'"  . DT A 1 10 ? 0.566   4.558   -5.755  1.00 102.71 ? 10 DT A "H2'"  1 
ATOM 303  H "H2''" . DT A 1 10 ? -0.824  4.847   -6.491  1.00 102.71 ? 10 DT A "H2''" 1 
ATOM 304  H "H1'"  . DT A 1 10 ? -0.194  3.751   -8.346  1.00 86.16  ? 10 DT A "H1'"  1 
ATOM 305  H H3     . DT A 1 10 ? -0.902  -0.426  -7.121  1.00 59.06  ? 10 DT A H3     1 
ATOM 306  H H71    . DT A 1 10 ? 3.960   0.279   -6.127  1.00 63.53  ? 10 DT A H71    1 
ATOM 307  H H72    . DT A 1 10 ? 3.357   0.636   -4.706  1.00 63.53  ? 10 DT A H72    1 
ATOM 308  H H73    . DT A 1 10 ? 3.160   -0.816  -5.308  1.00 63.53  ? 10 DT A H73    1 
ATOM 309  H H6     . DT A 1 10 ? 2.435   2.457   -6.447  1.00 58.05  ? 10 DT A H6     1 
ATOM 310  P P      . DG A 1 11 ? -0.647  8.280   -7.106  1.00 110.96 ? 11 DG A P      1 
ATOM 311  O OP1    . DG A 1 11 ? -0.395  9.378   -8.069  1.00 106.80 ? 11 DG A OP1    1 
ATOM 312  O OP2    . DG A 1 11 ? -0.006  8.289   -5.768  1.00 109.23 ? 11 DG A OP2    1 
ATOM 313  O "O5'"  . DG A 1 11 ? -2.228  8.175   -6.881  1.00 103.56 ? 11 DG A "O5'"  1 
ATOM 314  C "C5'"  . DG A 1 11 ? -3.030  7.300   -7.681  1.00 88.69  ? 11 DG A "C5'"  1 
ATOM 315  C "C4'"  . DG A 1 11 ? -4.052  6.579   -6.820  1.00 93.14  ? 11 DG A "C4'"  1 
ATOM 316  O "O4'"  . DG A 1 11 ? -3.589  5.227   -6.521  1.00 84.08  ? 11 DG A "O4'"  1 
ATOM 317  C "C3'"  . DG A 1 11 ? -4.319  7.227   -5.454  1.00 92.89  ? 11 DG A "C3'"  1 
ATOM 318  O "O3'"  . DG A 1 11 ? -5.696  7.209   -5.173  1.00 82.92  ? 11 DG A "O3'"  1 
ATOM 319  C "C2'"  . DG A 1 11 ? -3.527  6.342   -4.496  1.00 70.41  ? 11 DG A "C2'"  1 
ATOM 320  C "C1'"  . DG A 1 11 ? -3.754  4.997   -5.136  1.00 66.46  ? 11 DG A "C1'"  1 
ATOM 321  N N9     . DG A 1 11 ? -2.856  3.933   -4.707  1.00 47.63  ? 11 DG A N9     1 
ATOM 322  C C8     . DG A 1 11 ? -1.588  4.040   -4.190  1.00 50.23  ? 11 DG A C8     1 
ATOM 323  N N7     . DG A 1 11 ? -1.046  2.882   -3.910  1.00 51.88  ? 11 DG A N7     1 
ATOM 324  C C5     . DG A 1 11 ? -2.031  1.958   -4.251  1.00 54.20  ? 11 DG A C5     1 
ATOM 325  C C6     . DG A 1 11 ? -2.041  0.539   -4.172  1.00 56.64  ? 11 DG A C6     1 
ATOM 326  O O6     . DG A 1 11 ? -1.149  -0.219  -3.767  1.00 56.46  ? 11 DG A O6     1 
ATOM 327  N N1     . DG A 1 11 ? -3.250  0.004   -4.629  1.00 53.40  ? 11 DG A N1     1 
ATOM 328  C C2     . DG A 1 11 ? -4.309  0.749   -5.095  1.00 55.18  ? 11 DG A C2     1 
ATOM 329  N N2     . DG A 1 11 ? -5.401  0.077   -5.492  1.00 56.78  ? 11 DG A N2     1 
ATOM 330  N N3     . DG A 1 11 ? -4.305  2.068   -5.171  1.00 52.87  ? 11 DG A N3     1 
ATOM 331  C C4     . DG A 1 11 ? -3.144  2.600   -4.736  1.00 51.32  ? 11 DG A C4     1 
ATOM 332  H "H5'"  . DG A 1 11 ? -2.457  6.646   -8.112  1.00 106.42 ? 11 DG A "H5'"  1 
ATOM 333  H "H5''" . DG A 1 11 ? -3.491  7.818   -8.358  1.00 106.42 ? 11 DG A "H5''" 1 
ATOM 334  H "H4'"  . DG A 1 11 ? -4.889  6.523   -7.309  1.00 111.76 ? 11 DG A "H4'"  1 
ATOM 335  H "H3'"  . DG A 1 11 ? -3.979  8.135   -5.437  1.00 111.47 ? 11 DG A "H3'"  1 
ATOM 336  H "H2'"  . DG A 1 11 ? -2.586  6.577   -4.497  1.00 84.49  ? 11 DG A "H2'"  1 
ATOM 337  H "H2''" . DG A 1 11 ? -3.900  6.372   -3.600  1.00 84.49  ? 11 DG A "H2''" 1 
ATOM 338  H "H1'"  . DG A 1 11 ? -4.669  4.720   -4.971  1.00 79.75  ? 11 DG A "H1'"  1 
ATOM 339  H H8     . DG A 1 11 ? -1.148  4.851   -4.077  1.00 60.28  ? 11 DG A H8     1 
ATOM 340  H H1     . DG A 1 11 ? -3.342  -0.850  -4.605  1.00 64.08  ? 11 DG A H1     1 
ATOM 341  H H21    . DG A 1 11 ? -6.082  0.505   -5.798  1.00 68.13  ? 11 DG A H21    1 
ATOM 342  H H22    . DG A 1 11 ? -5.420  -0.781  -5.440  1.00 68.13  ? 11 DG A H22    1 
ATOM 343  P P      . DA A 1 12 ? -6.288  8.136   -4.012  1.00 95.96  ? 12 DA A P      1 
ATOM 344  O OP1    . DA A 1 12 ? -6.452  9.485   -4.607  1.00 81.37  ? 12 DA A OP1    1 
ATOM 345  O OP2    . DA A 1 12 ? -5.447  7.909   -2.807  1.00 71.05  ? 12 DA A OP2    1 
ATOM 346  O "O5'"  . DA A 1 12 ? -7.732  7.508   -3.722  1.00 86.99  ? 12 DA A "O5'"  1 
ATOM 347  C "C5'"  . DA A 1 12 ? -8.493  6.954   -4.786  1.00 70.87  ? 12 DA A "C5'"  1 
ATOM 348  C "C4'"  . DA A 1 12 ? -9.023  5.583   -4.412  1.00 72.07  ? 12 DA A "C4'"  1 
ATOM 349  O "O4'"  . DA A 1 12 ? -7.910  4.666   -4.258  1.00 64.81  ? 12 DA A "O4'"  1 
ATOM 350  C "C3'"  . DA A 1 12 ? -9.813  5.533   -3.105  1.00 68.10  ? 12 DA A "C3'"  1 
ATOM 351  O "O3'"  . DA A 1 12 ? -11.086 4.927   -3.326  1.00 66.81  ? 12 DA A "O3'"  1 
ATOM 352  C "C2'"  . DA A 1 12 ? -8.921  4.722   -2.153  1.00 66.74  ? 12 DA A "C2'"  1 
ATOM 353  C "C1'"  . DA A 1 12 ? -8.083  3.881   -3.104  1.00 54.74  ? 12 DA A "C1'"  1 
ATOM 354  N N9     . DA A 1 12 ? -6.755  3.523   -2.606  1.00 45.95  ? 12 DA A N9     1 
ATOM 355  C C8     . DA A 1 12 ? -5.698  4.368   -2.406  1.00 52.17  ? 12 DA A C8     1 
ATOM 356  N N7     . DA A 1 12 ? -4.613  3.764   -1.975  1.00 51.44  ? 12 DA A N7     1 
ATOM 357  C C5     . DA A 1 12 ? -4.977  2.427   -1.904  1.00 49.04  ? 12 DA A C5     1 
ATOM 358  C C6     . DA A 1 12 ? -4.266  1.263   -1.516  1.00 51.01  ? 12 DA A C6     1 
ATOM 359  N N6     . DA A 1 12 ? -2.992  1.277   -1.115  1.00 49.71  ? 12 DA A N6     1 
ATOM 360  N N1     . DA A 1 12 ? -4.924  0.078   -1.555  1.00 49.79  ? 12 DA A N1     1 
ATOM 361  C C2     . DA A 1 12 ? -6.207  0.071   -1.957  1.00 54.68  ? 12 DA A C2     1 
ATOM 362  N N3     . DA A 1 12 ? -6.977  1.101   -2.341  1.00 41.48  ? 12 DA A N3     1 
ATOM 363  C C4     . DA A 1 12 ? -6.293  2.258   -2.297  1.00 45.01  ? 12 DA A C4     1 
ATOM 364  H "H5'"  . DA A 1 12 ? -7.930  6.875   -5.572  1.00 85.04  ? 12 DA A "H5'"  1 
ATOM 365  H "H5''" . DA A 1 12 ? -9.238  7.542   -4.984  1.00 85.04  ? 12 DA A "H5''" 1 
ATOM 366  H "H4'"  . DA A 1 12 ? -9.592  5.264   -5.131  1.00 86.48  ? 12 DA A "H4'"  1 
ATOM 367  H "H3'"  . DA A 1 12 ? -9.931  6.432   -2.758  1.00 81.72  ? 12 DA A "H3'"  1 
ATOM 368  H "H2'"  . DA A 1 12 ? -8.356  5.310   -1.628  1.00 80.09  ? 12 DA A "H2'"  1 
ATOM 369  H "H2''" . DA A 1 12 ? -9.459  4.156   -1.579  1.00 80.09  ? 12 DA A "H2''" 1 
ATOM 370  H "H1'"  . DA A 1 12 ? -8.570  3.075   -3.333  1.00 65.68  ? 12 DA A "H1'"  1 
ATOM 371  H H8     . DA A 1 12 ? -5.744  5.284   -2.556  1.00 62.60  ? 12 DA A H8     1 
ATOM 372  H H61    . DA A 1 12 ? -2.604  0.545   -0.885  1.00 59.65  ? 12 DA A H61    1 
ATOM 373  H H62    . DA A 1 12 ? -2.558  2.020   -1.089  1.00 59.65  ? 12 DA A H62    1 
ATOM 374  H H2     . DA A 1 12 ? -6.620  -0.762  -1.964  1.00 65.61  ? 12 DA A H2     1 
ATOM 375  P P      . DC A 1 13 ? -12.170 4.867   -2.144  1.00 84.63  ? 13 DC A P      1 
ATOM 376  O OP1    . DC A 1 13 ? -13.503 4.667   -2.764  1.00 78.74  ? 13 DC A OP1    1 
ATOM 377  O OP2    . DC A 1 13 ? -11.926 6.033   -1.265  1.00 84.58  ? 13 DC A OP2    1 
ATOM 378  O "O5'"  . DC A 1 13 ? -11.758 3.554   -1.324  1.00 76.42  ? 13 DC A "O5'"  1 
ATOM 379  C "C5'"  . DC A 1 13 ? -11.784 2.281   -1.965  1.00 69.20  ? 13 DC A "C5'"  1 
ATOM 380  C "C4'"  . DC A 1 13 ? -11.373 1.170   -1.012  1.00 61.83  ? 13 DC A "C4'"  1 
ATOM 381  O "O4'"  . DC A 1 13 ? -9.939  1.125   -0.920  1.00 60.67  ? 13 DC A "O4'"  1 
ATOM 382  C "C3'"  . DC A 1 13 ? -11.861 1.333   0.424   1.00 68.39  ? 13 DC A "C3'"  1 
ATOM 383  O "O3'"  . DC A 1 13 ? -13.028 0.550   0.655   1.00 72.13  ? 13 DC A "O3'"  1 
ATOM 384  C "C2'"  . DC A 1 13 ? -10.678 0.876   1.293   1.00 68.82  ? 13 DC A "C2'"  1 
ATOM 385  C "C1'"  . DC A 1 13 ? -9.578  0.530   0.299   1.00 48.35  ? 13 DC A "C1'"  1 
ATOM 386  N N1     . DC A 1 13 ? -8.241  1.043   0.666   1.00 40.06  ? 13 DC A N1     1 
ATOM 387  C C2     . DC A 1 13 ? -7.262  0.173   1.168   1.00 45.64  ? 13 DC A C2     1 
ATOM 388  O O2     . DC A 1 13 ? -7.532  -1.025  1.327   1.00 51.14  ? 13 DC A O2     1 
ATOM 389  N N3     . DC A 1 13 ? -6.041  0.673   1.471   1.00 45.69  ? 13 DC A N3     1 
ATOM 390  C C4     . DC A 1 13 ? -5.790  1.967   1.283   1.00 47.64  ? 13 DC A C4     1 
ATOM 391  N N4     . DC A 1 13 ? -4.574  2.417   1.590   1.00 56.07  ? 13 DC A N4     1 
ATOM 392  C C5     . DC A 1 13 ? -6.772  2.859   0.768   1.00 39.61  ? 13 DC A C5     1 
ATOM 393  C C6     . DC A 1 13 ? -7.966  2.357   0.470   1.00 41.09  ? 13 DC A C6     1 
ATOM 394  H "H5'"  . DC A 1 13 ? -11.175 2.294   -2.720  1.00 83.04  ? 13 DC A "H5'"  1 
ATOM 395  H "H5''" . DC A 1 13 ? -12.684 2.107   -2.286  1.00 83.04  ? 13 DC A "H5''" 1 
ATOM 396  H "H4'"  . DC A 1 13 ? -11.694 0.323   -1.359  1.00 74.19  ? 13 DC A "H4'"  1 
ATOM 397  H "H3'"  . DC A 1 13 ? -12.053 2.268   0.600   1.00 82.07  ? 13 DC A "H3'"  1 
ATOM 398  H "H2'"  . DC A 1 13 ? -10.390 1.595   1.878   1.00 82.58  ? 13 DC A "H2'"  1 
ATOM 399  H "H2''" . DC A 1 13 ? -10.923 0.094   1.812   1.00 82.58  ? 13 DC A "H2''" 1 
ATOM 400  H "H1'"  . DC A 1 13 ? -9.535  -0.434  0.187   1.00 58.02  ? 13 DC A "H1'"  1 
ATOM 401  H H41    . DC A 1 13 ? -4.378  3.245   1.468   1.00 67.28  ? 13 DC A H41    1 
ATOM 402  H H42    . DC A 1 13 ? -3.985  1.879   1.912   1.00 67.28  ? 13 DC A H42    1 
ATOM 403  H H5     . DC A 1 13 ? -6.581  3.760   0.637   1.00 47.53  ? 13 DC A H5     1 
ATOM 404  H H6     . DC A 1 13 ? -8.626  2.916   0.130   1.00 49.31  ? 13 DC A H6     1 
ATOM 405  P P      . DG A 1 14 ? -13.704 0.539   2.112   1.00 84.77  ? 14 DG A P      1 
ATOM 406  O OP1    . DG A 1 14 ? -15.114 0.116   1.948   1.00 81.67  ? 14 DG A OP1    1 
ATOM 407  O OP2    . DG A 1 14 ? -13.381 1.837   2.751   1.00 61.86  ? 14 DG A OP2    1 
ATOM 408  O "O5'"  . DG A 1 14 ? -12.903 -0.605  2.900   1.00 65.54  ? 14 DG A "O5'"  1 
ATOM 409  C "C5'"  . DG A 1 14 ? -12.764 -1.893  2.313   1.00 73.35  ? 14 DG A "C5'"  1 
ATOM 410  C "C4'"  . DG A 1 14 ? -12.014 -2.837  3.236   1.00 79.84  ? 14 DG A "C4'"  1 
ATOM 411  O "O4'"  . DG A 1 14 ? -10.598 -2.489  3.241   1.00 75.09  ? 14 DG A "O4'"  1 
ATOM 412  C "C3'"  . DG A 1 14 ? -12.465 -2.796  4.694   1.00 78.81  ? 14 DG A "C3'"  1 
ATOM 413  O "O3'"  . DG A 1 14 ? -12.478 -4.102  5.267   1.00 80.86  ? 14 DG A "O3'"  1 
ATOM 414  C "C2'"  . DG A 1 14 ? -11.438 -1.891  5.348   1.00 78.69  ? 14 DG A "C2'"  1 
ATOM 415  C "C1'"  . DG A 1 14 ? -10.174 -2.187  4.555   1.00 61.56  ? 14 DG A "C1'"  1 
ATOM 416  N N9     . DG A 1 14 ? -9.246  -1.063  4.503   1.00 48.64  ? 14 DG A N9     1 
ATOM 417  C C8     . DG A 1 14 ? -9.528  0.217   4.099   1.00 45.77  ? 14 DG A C8     1 
ATOM 418  N N7     . DG A 1 14 ? -8.506  1.019   4.160   1.00 44.58  ? 14 DG A N7     1 
ATOM 419  C C5     . DG A 1 14 ? -7.480  0.224   4.646   1.00 47.71  ? 14 DG A C5     1 
ATOM 420  C C6     . DG A 1 14 ? -6.134  0.550   4.914   1.00 50.34  ? 14 DG A C6     1 
ATOM 421  O O6     . DG A 1 14 ? -5.575  1.646   4.783   1.00 50.87  ? 14 DG A O6     1 
ATOM 422  N N1     . DG A 1 14 ? -5.420  -0.551  5.388   1.00 45.72  ? 14 DG A N1     1 
ATOM 423  C C2     . DG A 1 14 ? -5.948  -1.808  5.570   1.00 46.99  ? 14 DG A C2     1 
ATOM 424  N N2     . DG A 1 14 ? -5.109  -2.744  6.035   1.00 50.29  ? 14 DG A N2     1 
ATOM 425  N N3     . DG A 1 14 ? -7.213  -2.125  5.321   1.00 42.91  ? 14 DG A N3     1 
ATOM 426  C C4     . DG A 1 14 ? -7.917  -1.063  4.864   1.00 44.09  ? 14 DG A C4     1 
ATOM 427  H "H5'"  . DG A 1 14 ? -12.277 -1.811  1.478   1.00 88.02  ? 14 DG A "H5'"  1 
ATOM 428  H "H5''" . DG A 1 14 ? -13.644 -2.257  2.134   1.00 88.02  ? 14 DG A "H5''" 1 
ATOM 429  H "H4'"  . DG A 1 14 ? -12.112 -3.743  2.904   1.00 95.81  ? 14 DG A "H4'"  1 
ATOM 430  H "H3'"  . DG A 1 14 ? -13.347 -2.396  4.757   1.00 94.57  ? 14 DG A "H3'"  1 
ATOM 431  H "H2'"  . DG A 1 14 ? -11.691 -0.959  5.253   1.00 94.43  ? 14 DG A "H2'"  1 
ATOM 432  H "H2''" . DG A 1 14 ? -11.320 -2.124  6.282   1.00 94.43  ? 14 DG A "H2''" 1 
ATOM 433  H "H1'"  . DG A 1 14 ? -9.726  -2.959  4.936   1.00 73.88  ? 14 DG A "H1'"  1 
ATOM 434  H H8     . DG A 1 14 ? -10.369 0.484   3.806   1.00 54.93  ? 14 DG A H8     1 
ATOM 435  H H1     . DG A 1 14 ? -4.589  -0.436  5.580   1.00 54.87  ? 14 DG A H1     1 
ATOM 436  H H21    . DG A 1 14 ? -5.391  -3.545  6.168   1.00 60.35  ? 14 DG A H21    1 
ATOM 437  H H22    . DG A 1 14 ? -4.290  -2.543  6.200   1.00 60.35  ? 14 DG A H22    1 
ATOM 438  P P      . DG A 1 15 ? -12.931 -4.308  6.795   1.00 79.60  ? 15 DG A P      1 
ATOM 439  O OP1    . DG A 1 15 ? -13.646 -5.602  6.857   1.00 92.67  ? 15 DG A OP1    1 
ATOM 440  O OP2    . DG A 1 15 ? -13.600 -3.069  7.253   1.00 73.39  ? 15 DG A OP2    1 
ATOM 441  O "O5'"  . DG A 1 15 ? -11.549 -4.451  7.584   1.00 66.93  ? 15 DG A "O5'"  1 
ATOM 442  C "C5'"  . DG A 1 15 ? -10.711 -5.565  7.317   1.00 76.21  ? 15 DG A "C5'"  1 
ATOM 443  C "C4'"  . DG A 1 15 ? -9.453  -5.520  8.161   1.00 74.76  ? 15 DG A "C4'"  1 
ATOM 444  O "O4'"  . DG A 1 15 ? -8.652  -4.367  7.772   1.00 73.18  ? 15 DG A "O4'"  1 
ATOM 445  C "C3'"  . DG A 1 15 ? -9.685  -5.372  9.664   1.00 80.33  ? 15 DG A "C3'"  1 
ATOM 446  O "O3'"  . DG A 1 15 ? -8.726  -6.130  10.383  1.00 82.64  ? 15 DG A "O3'"  1 
ATOM 447  C "C2'"  . DG A 1 15 ? -9.524  -3.876  9.878   1.00 76.93  ? 15 DG A "C2'"  1 
ATOM 448  C "C1'"  . DG A 1 15 ? -8.412  -3.556  8.902   1.00 60.82  ? 15 DG A "C1'"  1 
ATOM 449  N N9     . DG A 1 15 ? -8.360  -2.159  8.485   1.00 52.24  ? 15 DG A N9     1 
ATOM 450  C C8     . DG A 1 15 ? -9.371  -1.403  7.949   1.00 59.67  ? 15 DG A C8     1 
ATOM 451  N N7     . DG A 1 15 ? -9.012  -0.175  7.673   1.00 62.39  ? 15 DG A N7     1 
ATOM 452  C C5     . DG A 1 15 ? -7.676  -0.125  8.052   1.00 53.21  ? 15 DG A C5     1 
ATOM 453  C C6     . DG A 1 15 ? -6.744  0.942   7.999   1.00 45.80  ? 15 DG A C6     1 
ATOM 454  O O6     . DG A 1 15 ? -6.913  2.098   7.579   1.00 43.37  ? 15 DG A O6     1 
ATOM 455  N N1     . DG A 1 15 ? -5.500  0.554   8.493   1.00 46.11  ? 15 DG A N1     1 
ATOM 456  C C2     . DG A 1 15 ? -5.200  -0.705  8.968   1.00 49.05  ? 15 DG A C2     1 
ATOM 457  N N2     . DG A 1 15 ? -3.951  -0.909  9.397   1.00 41.72  ? 15 DG A N2     1 
ATOM 458  N N3     . DG A 1 15 ? -6.060  -1.696  9.021   1.00 44.97  ? 15 DG A N3     1 
ATOM 459  C C4     . DG A 1 15 ? -7.269  -1.340  8.553   1.00 49.60  ? 15 DG A C4     1 
ATOM 460  H "H5'"  . DG A 1 15 ? -10.464 -5.559  6.379   1.00 91.46  ? 15 DG A "H5'"  1 
ATOM 461  H "H5''" . DG A 1 15 ? -11.196 -6.382  7.513   1.00 91.46  ? 15 DG A "H5''" 1 
ATOM 462  H "H4'"  . DG A 1 15 ? -8.940  -6.328  8.001   1.00 89.71  ? 15 DG A "H4'"  1 
ATOM 463  H "H3'"  . DG A 1 15 ? -10.584 -5.653  9.896   1.00 96.40  ? 15 DG A "H3'"  1 
ATOM 464  H "H2'"  . DG A 1 15 ? -10.337 -3.403  9.645   1.00 92.32  ? 15 DG A "H2'"  1 
ATOM 465  H "H2''" . DG A 1 15 ? -9.253  -3.683  10.789  1.00 92.32  ? 15 DG A "H2''" 1 
ATOM 466  H "H1'"  . DG A 1 15 ? -7.561  -3.803  9.297   1.00 72.99  ? 15 DG A "H1'"  1 
ATOM 467  H H8     . DG A 1 15 ? -10.228 -1.730  7.796   1.00 71.61  ? 15 DG A H8     1 
ATOM 468  H H1     . DG A 1 15 ? -4.870  1.139   8.490   1.00 55.33  ? 15 DG A H1     1 
ATOM 469  H H21    . DG A 1 15 ? -3.722  -1.680  9.704   1.00 50.07  ? 15 DG A H21    1 
ATOM 470  H H22    . DG A 1 15 ? -3.375  -0.270  9.367   1.00 50.07  ? 15 DG A H22    1 
ATOM 471  P P      . DA A 1 16 ? -8.859  -6.325  11.971  1.00 78.55  ? 16 DA A P      1 
ATOM 472  O OP1    . DA A 1 16 ? -9.949  -7.303  12.194  1.00 89.86  ? 16 DA A OP1    1 
ATOM 473  O OP2    . DA A 1 16 ? -8.920  -4.987  12.602  1.00 69.01  ? 16 DA A OP2    1 
ATOM 474  O "O5'"  . DA A 1 16 ? -7.472  -7.011  12.389  1.00 79.97  ? 16 DA A "O5'"  1 
ATOM 475  C "C5'"  . DA A 1 16 ? -6.276  -6.773  11.623  1.00 80.40  ? 16 DA A "C5'"  1 
ATOM 476  C "C4'"  . DA A 1 16 ? -5.294  -5.881  12.375  1.00 82.07  ? 16 DA A "C4'"  1 
ATOM 477  O "O4'"  . DA A 1 16 ? -5.356  -4.529  11.845  1.00 73.57  ? 16 DA A "O4'"  1 
ATOM 478  C "C3'"  . DA A 1 16 ? -5.542  -5.756  13.884  1.00 86.31  ? 16 DA A "C3'"  1 
ATOM 479  O "O3'"  . DA A 1 16 ? -4.377  -6.116  14.612  1.00 88.01  ? 16 DA A "O3'"  1 
ATOM 480  C "C2'"  . DA A 1 16 ? -5.923  -4.285  14.079  1.00 65.02  ? 16 DA A "C2'"  1 
ATOM 481  C "C1'"  . DA A 1 16 ? -5.237  -3.614  12.908  1.00 55.39  ? 16 DA A "C1'"  1 
ATOM 482  N N9     . DA A 1 16 ? -5.830  -2.344  12.497  1.00 49.79  ? 16 DA A N9     1 
ATOM 483  C C8     . DA A 1 16 ? -7.112  -2.135  12.075  1.00 57.68  ? 16 DA A C8     1 
ATOM 484  N N7     . DA A 1 16 ? -7.368  -0.889  11.748  1.00 54.24  ? 16 DA A N7     1 
ATOM 485  C C5     . DA A 1 16 ? -6.167  -0.233  11.964  1.00 52.46  ? 16 DA A C5     1 
ATOM 486  C C6     . DA A 1 16 ? -5.776  1.112   11.792  1.00 50.71  ? 16 DA A C6     1 
ATOM 487  N N6     . DA A 1 16 ? -6.603  2.065   11.358  1.00 50.77  ? 16 DA A N6     1 
ATOM 488  N N1     . DA A 1 16 ? -4.503  1.441   12.100  1.00 48.03  ? 16 DA A N1     1 
ATOM 489  C C2     . DA A 1 16 ? -3.677  0.479   12.537  1.00 43.18  ? 16 DA A C2     1 
ATOM 490  N N3     . DA A 1 16 ? -3.928  -0.821  12.729  1.00 45.75  ? 16 DA A N3     1 
ATOM 491  C C4     . DA A 1 16 ? -5.204  -1.114  12.419  1.00 48.92  ? 16 DA A C4     1 
ATOM 492  H "H5'"  . DA A 1 16 ? -6.517  -6.344  10.787  1.00 96.48  ? 16 DA A "H5'"  1 
ATOM 493  H "H5''" . DA A 1 16 ? -5.849  -7.622  11.431  1.00 96.48  ? 16 DA A "H5''" 1 
ATOM 494  H "H4'"  . DA A 1 16 ? -4.398  -6.226  12.237  1.00 98.48  ? 16 DA A "H4'"  1 
ATOM 495  H "H3'"  . DA A 1 16 ? -6.283  -6.325  14.144  1.00 103.57 ? 16 DA A "H3'"  1 
ATOM 496  H "H2'"  . DA A 1 16 ? -6.884  -4.169  14.028  1.00 78.03  ? 16 DA A "H2'"  1 
ATOM 497  H "H2''" . DA A 1 16 ? -5.576  -3.948  14.920  1.00 78.03  ? 16 DA A "H2''" 1 
ATOM 498  H "H1'"  . DA A 1 16 ? -4.298  -3.480  13.115  1.00 66.47  ? 16 DA A "H1'"  1 
ATOM 499  H H8     . DA A 1 16 ? -7.748  -2.813  12.026  1.00 69.22  ? 16 DA A H8     1 
ATOM 500  H H61    . DA A 1 16 ? -6.321  2.873   11.276  1.00 60.92  ? 16 DA A H61    1 
ATOM 501  H H62    . DA A 1 16 ? -7.416  1.871   11.162  1.00 60.92  ? 16 DA A H62    1 
ATOM 502  H H2     . DA A 1 16 ? -2.811  0.753   12.733  1.00 51.81  ? 16 DA A H2     1 
ATOM 503  P P      . DA A 1 17 ? -4.390  -6.069  16.217  1.00 87.91  ? 17 DA A P      1 
ATOM 504  O OP1    . DA A 1 17 ? -3.782  -7.337  16.686  1.00 76.76  ? 17 DA A OP1    1 
ATOM 505  O OP2    . DA A 1 17 ? -5.748  -5.657  16.660  1.00 54.64  ? 17 DA A OP2    1 
ATOM 506  O "O5'"  . DA A 1 17 ? -3.413  -4.856  16.574  1.00 76.77  ? 17 DA A "O5'"  1 
ATOM 507  C "C5'"  . DA A 1 17 ? -2.071  -4.862  16.111  1.00 63.54  ? 17 DA A "C5'"  1 
ATOM 508  C "C4'"  . DA A 1 17 ? -1.410  -3.527  16.385  1.00 60.95  ? 17 DA A "C4'"  1 
ATOM 509  O "O4'"  . DA A 1 17 ? -2.135  -2.475  15.691  1.00 63.58  ? 17 DA A "O4'"  1 
ATOM 510  C "C3'"  . DA A 1 17 ? -1.388  -3.120  17.853  1.00 54.87  ? 17 DA A "C3'"  1 
ATOM 511  O "O3'"  . DA A 1 17 ? -0.120  -2.574  18.191  1.00 47.02  ? 17 DA A "O3'"  1 
ATOM 512  C "C2'"  . DA A 1 17 ? -2.526  -2.102  17.963  1.00 42.67  ? 17 DA A "C2'"  1 
ATOM 513  C "C1'"  . DA A 1 17 ? -2.507  -1.456  16.597  1.00 43.88  ? 17 DA A "C1'"  1 
ATOM 514  N N9     . DA A 1 17 ? -3.785  -0.908  16.151  1.00 48.31  ? 17 DA A N9     1 
ATOM 515  C C8     . DA A 1 17 ? -4.962  -1.582  15.975  1.00 52.65  ? 17 DA A C8     1 
ATOM 516  N N7     . DA A 1 17 ? -5.943  -0.827  15.526  1.00 48.28  ? 17 DA A N7     1 
ATOM 517  C C5     . DA A 1 17 ? -5.360  0.420   15.374  1.00 45.41  ? 17 DA A C5     1 
ATOM 518  C C6     . DA A 1 17 ? -5.865  1.659   14.929  1.00 47.66  ? 17 DA A C6     1 
ATOM 519  N N6     . DA A 1 17 ? -7.126  1.838   14.529  1.00 45.47  ? 17 DA A N6     1 
ATOM 520  N N1     . DA A 1 17 ? -5.015  2.712   14.900  1.00 45.80  ? 17 DA A N1     1 
ATOM 521  C C2     . DA A 1 17 ? -3.750  2.528   15.296  1.00 48.09  ? 17 DA A C2     1 
ATOM 522  N N3     . DA A 1 17 ? -3.163  1.413   15.732  1.00 46.62  ? 17 DA A N3     1 
ATOM 523  C C4     . DA A 1 17 ? -4.029  0.385   15.741  1.00 47.21  ? 17 DA A C4     1 
ATOM 524  H "H5'"  . DA A 1 17 ? -2.062  -5.033  15.156  1.00 76.24  ? 17 DA A "H5'"  1 
ATOM 525  H "H5''" . DA A 1 17 ? -1.577  -5.563  16.565  1.00 76.24  ? 17 DA A "H5''" 1 
ATOM 526  H "H4'"  . DA A 1 17 ? -0.498  -3.552  16.052  1.00 73.14  ? 17 DA A "H4'"  1 
ATOM 527  H "H3'"  . DA A 1 17 ? -1.577  -3.890  18.411  1.00 65.84  ? 17 DA A "H3'"  1 
ATOM 528  H "H2'"  . DA A 1 17 ? -3.373  -2.548  18.122  1.00 51.20  ? 17 DA A "H2'"  1 
ATOM 529  H "H2''" . DA A 1 17 ? -2.339  -1.450  18.656  1.00 51.20  ? 17 DA A "H2''" 1 
ATOM 530  H "H1'"  . DA A 1 17 ? -1.837  -0.755  16.584  1.00 52.66  ? 17 DA A "H1'"  1 
ATOM 531  H H8     . DA A 1 17 ? -5.061  -2.488  16.161  1.00 63.18  ? 17 DA A H8     1 
ATOM 532  H H61    . DA A 1 17 ? -7.383  2.611   14.252  1.00 54.56  ? 17 DA A H61    1 
ATOM 533  H H62    . DA A 1 17 ? -7.680  1.181   14.549  1.00 54.56  ? 17 DA A H62    1 
ATOM 534  H H2     . DA A 1 17 ? -3.206  3.282   15.267  1.00 57.71  ? 17 DA A H2     1 
ATOM 535  P P      . DC A 1 18 ? 0.216   -2.202  19.718  1.00 74.61  ? 18 DC A P      1 
ATOM 536  O OP1    . DC A 1 18 ? 1.672   -2.406  19.918  1.00 47.39  ? 18 DC A OP1    1 
ATOM 537  O OP2    . DC A 1 18 ? -0.756  -2.895  20.593  1.00 58.96  ? 18 DC A OP2    1 
ATOM 538  O "O5'"  . DC A 1 18 ? -0.093  -0.638  19.790  1.00 53.51  ? 18 DC A "O5'"  1 
ATOM 539  C "C5'"  . DC A 1 18 ? 0.797   0.259   19.171  1.00 51.86  ? 18 DC A "C5'"  1 
ATOM 540  C "C4'"  . DC A 1 18 ? 0.196   1.639   19.068  1.00 40.30  ? 18 DC A "C4'"  1 
ATOM 541  O "O4'"  . DC A 1 18 ? -1.131  1.554   18.505  1.00 39.68  ? 18 DC A "O4'"  1 
ATOM 542  C "C3'"  . DC A 1 18 ? 0.034   2.377   20.393  1.00 39.37  ? 18 DC A "C3'"  1 
ATOM 543  O "O3'"  . DC A 1 18 ? 0.740   3.603   20.346  1.00 47.15  ? 18 DC A "O3'"  1 
ATOM 544  C "C2'"  . DC A 1 18 ? -1.477  2.576   20.514  1.00 42.58  ? 18 DC A "C2'"  1 
ATOM 545  C "C1'"  . DC A 1 18 ? -1.893  2.579   19.067  1.00 34.99  ? 18 DC A "C1'"  1 
ATOM 546  N N1     . DC A 1 18 ? -3.332  2.306   18.801  1.00 37.45  ? 18 DC A N1     1 
ATOM 547  C C2     . DC A 1 18 ? -4.182  3.357   18.452  1.00 38.65  ? 18 DC A C2     1 
ATOM 548  O O2     . DC A 1 18 ? -3.727  4.502   18.408  1.00 39.91  ? 18 DC A O2     1 
ATOM 549  N N3     . DC A 1 18 ? -5.479  3.087   18.181  1.00 36.07  ? 18 DC A N3     1 
ATOM 550  C C4     . DC A 1 18 ? -5.926  1.839   18.241  1.00 40.04  ? 18 DC A C4     1 
ATOM 551  N N4     . DC A 1 18 ? -7.210  1.621   17.968  1.00 45.98  ? 18 DC A N4     1 
ATOM 552  C C5     . DC A 1 18 ? -5.076  0.754   18.588  1.00 42.82  ? 18 DC A C5     1 
ATOM 553  C C6     . DC A 1 18 ? -3.795  1.029   18.842  1.00 43.91  ? 18 DC A C6     1 
ATOM 554  H "H5'"  . DC A 1 18 ? 1.005   -0.063  18.280  1.00 62.23  ? 18 DC A "H5'"  1 
ATOM 555  H "H5''" . DC A 1 18 ? 1.614   0.306   19.691  1.00 62.23  ? 18 DC A "H5''" 1 
ATOM 556  H "H4'"  . DC A 1 18 ? 0.751   2.175   18.478  1.00 48.37  ? 18 DC A "H4'"  1 
ATOM 557  H "H3'"  . DC A 1 18 ? 0.359   1.828   21.124  1.00 47.24  ? 18 DC A "H3'"  1 
ATOM 558  H "H2'"  . DC A 1 18 ? -1.887  1.839   20.992  1.00 51.10  ? 18 DC A "H2'"  1 
ATOM 559  H "H2''" . DC A 1 18 ? -1.682  3.426   20.935  1.00 51.10  ? 18 DC A "H2''" 1 
ATOM 560  H "H1'"  . DC A 1 18 ? -1.645  3.424   18.661  1.00 41.98  ? 18 DC A "H1'"  1 
ATOM 561  H H41    . DC A 1 18 ? -7.526  0.821   17.997  1.00 55.18  ? 18 DC A H41    1 
ATOM 562  H H42    . DC A 1 18 ? -7.724  2.278   17.762  1.00 55.18  ? 18 DC A H42    1 
ATOM 563  H H5     . DC A 1 18 ? -5.397  -0.118  18.622  1.00 51.38  ? 18 DC A H5     1 
ATOM 564  H H6     . DC A 1 18 ? -3.215  0.339   19.070  1.00 52.69  ? 18 DC A H6     1 
ATOM 565  P P      . DT A 1 19 ? 1.204   4.324   21.703  1.00 54.78  ? 19 DT A P      1 
ATOM 566  O OP1    . DT A 1 19 ? 2.657   4.593   21.604  1.00 52.64  ? 19 DT A OP1    1 
ATOM 567  O OP2    . DT A 1 19 ? 0.689   3.507   22.829  1.00 47.61  ? 19 DT A OP2    1 
ATOM 568  O "O5'"  . DT A 1 19 ? 0.423   5.721   21.668  1.00 45.72  ? 19 DT A "O5'"  1 
ATOM 569  C "C5'"  . DT A 1 19 ? -0.756  5.843   20.915  1.00 34.99  ? 19 DT A "C5'"  1 
ATOM 570  C "C4'"  . DT A 1 19 ? -1.120  7.289   20.742  1.00 41.35  ? 19 DT A "C4'"  1 
ATOM 571  O "O4'"  . DT A 1 19 ? -2.488  7.407   20.281  1.00 45.39  ? 19 DT A "O4'"  1 
ATOM 572  C "C3'"  . DT A 1 19 ? -1.082  8.098   21.998  1.00 38.24  ? 19 DT A "C3'"  1 
ATOM 573  O "O3'"  . DT A 1 19 ? -0.911  9.466   21.665  1.00 47.19  ? 19 DT A "O3'"  1 
ATOM 574  C "C2'"  . DT A 1 19 ? -2.450  7.785   22.610  1.00 55.96  ? 19 DT A "C2'"  1 
ATOM 575  C "C1'"  . DT A 1 19 ? -3.352  7.685   21.375  1.00 45.05  ? 19 DT A "C1'"  1 
ATOM 576  N N1     . DT A 1 19 ? -4.406  6.593   21.379  1.00 40.76  ? 19 DT A N1     1 
ATOM 577  C C2     . DT A 1 19 ? -5.687  6.879   20.921  1.00 43.38  ? 19 DT A C2     1 
ATOM 578  O O2     . DT A 1 19 ? -6.048  7.992   20.573  1.00 43.48  ? 19 DT A O2     1 
ATOM 579  N N3     . DT A 1 19 ? -6.541  5.806   20.910  1.00 36.50  ? 19 DT A N3     1 
ATOM 580  C C4     . DT A 1 19 ? -6.251  4.508   21.279  1.00 40.09  ? 19 DT A C4     1 
ATOM 581  O O4     . DT A 1 19 ? -7.085  3.611   21.237  1.00 43.80  ? 19 DT A O4     1 
ATOM 582  C C5     . DT A 1 19 ? -4.900  4.274   21.718  1.00 34.99  ? 19 DT A C5     1 
ATOM 583  C C7     . DT A 1 19 ? -4.482  2.903   22.138  1.00 34.99  ? 19 DT A C7     1 
ATOM 584  C C6     . DT A 1 19 ? -4.048  5.306   21.731  1.00 34.99  ? 19 DT A C6     1 
ATOM 585  H "H5'"  . DT A 1 19 ? -1.478  5.384   21.373  1.00 41.98  ? 19 DT A "H5'"  1 
ATOM 586  H "H5''" . DT A 1 19 ? -0.622  5.441   20.042  1.00 41.98  ? 19 DT A "H5''" 1 
ATOM 587  H "H4'"  . DT A 1 19 ? -0.527  7.691   20.087  1.00 49.62  ? 19 DT A "H4'"  1 
ATOM 588  H "H3'"  . DT A 1 19 ? -0.368  7.792   22.580  1.00 45.89  ? 19 DT A "H3'"  1 
ATOM 589  H "H2'"  . DT A 1 19 ? -2.428  6.942   23.089  1.00 67.15  ? 19 DT A "H2'"  1 
ATOM 590  H "H2''" . DT A 1 19 ? -2.740  8.506   23.191  1.00 67.15  ? 19 DT A "H2''" 1 
ATOM 591  H "H1'"  . DT A 1 19 ? -3.783  8.542   21.228  1.00 54.06  ? 19 DT A "H1'"  1 
ATOM 592  H H3     . DT A 1 19 ? -7.344  5.958   20.644  1.00 43.80  ? 19 DT A H3     1 
ATOM 593  H H71    . DT A 1 19 ? -5.231  2.293   22.046  1.00 41.98  ? 19 DT A H71    1 
ATOM 594  H H72    . DT A 1 19 ? -3.749  2.603   21.579  1.00 41.98  ? 19 DT A H72    1 
ATOM 595  H H73    . DT A 1 19 ? -4.195  2.923   23.064  1.00 41.98  ? 19 DT A H73    1 
ATOM 596  H H6     . DT A 1 19 ? -3.176  5.155   22.019  1.00 41.98  ? 19 DT A H6     1 
ATOM 597  P P      . DC A 1 20 ? -0.372  10.526  22.742  1.00 66.91  ? 20 DC A P      1 
ATOM 598  O OP1    . DC A 1 20 ? 0.342   11.582  21.985  1.00 60.12  ? 20 DC A OP1    1 
ATOM 599  O OP2    . DC A 1 20 ? 0.325   9.787   23.824  1.00 56.85  ? 20 DC A OP2    1 
ATOM 600  O "O5'"  . DC A 1 20 ? -1.717  11.179  23.298  1.00 46.97  ? 20 DC A "O5'"  1 
ATOM 601  C "C5'"  . DC A 1 20 ? -2.590  11.798  22.386  1.00 58.20  ? 20 DC A "C5'"  1 
ATOM 602  C "C4'"  . DC A 1 20 ? -3.977  11.957  22.969  1.00 66.90  ? 20 DC A "C4'"  1 
ATOM 603  O "O4'"  . DC A 1 20 ? -4.653  10.666  22.982  1.00 60.58  ? 20 DC A "O4'"  1 
ATOM 604  C "C3'"  . DC A 1 20 ? -4.016  12.466  24.416  1.00 65.02  ? 20 DC A "C3'"  1 
ATOM 605  O "O3'"  . DC A 1 20 ? -5.020  13.444  24.568  1.00 70.63  ? 20 DC A "O3'"  1 
ATOM 606  C "C2'"  . DC A 1 20 ? -4.326  11.210  25.206  1.00 61.63  ? 20 DC A "C2'"  1 
ATOM 607  C "C1'"  . DC A 1 20 ? -5.256  10.493  24.241  1.00 60.57  ? 20 DC A "C1'"  1 
ATOM 608  N N1     . DC A 1 20 ? -5.438  9.040   24.496  1.00 52.77  ? 20 DC A N1     1 
ATOM 609  C C2     . DC A 1 20 ? -6.626  8.417   24.095  1.00 51.65  ? 20 DC A C2     1 
ATOM 610  O O2     . DC A 1 20 ? -7.500  9.090   23.532  1.00 50.58  ? 20 DC A O2     1 
ATOM 611  N N3     . DC A 1 20 ? -6.779  7.090   24.332  1.00 44.75  ? 20 DC A N3     1 
ATOM 612  C C4     . DC A 1 20 ? -5.812  6.406   24.938  1.00 44.60  ? 20 DC A C4     1 
ATOM 613  N N4     . DC A 1 20 ? -5.997  5.102   25.151  1.00 44.09  ? 20 DC A N4     1 
ATOM 614  C C5     . DC A 1 20 ? -4.601  7.028   25.355  1.00 52.58  ? 20 DC A C5     1 
ATOM 615  C C6     . DC A 1 20 ? -4.461  8.330   25.119  1.00 50.13  ? 20 DC A C6     1 
ATOM 616  H "H5'"  . DC A 1 20 ? -2.645  11.256  21.583  1.00 69.84  ? 20 DC A "H5'"  1 
ATOM 617  H "H5''" . DC A 1 20 ? -2.241  12.672  22.156  1.00 69.84  ? 20 DC A "H5''" 1 
ATOM 618  H "H4'"  . DC A 1 20 ? -4.481  12.568  22.410  1.00 80.28  ? 20 DC A "H4'"  1 
ATOM 619  H "H3'"  . DC A 1 20 ? -3.151  12.823  24.673  1.00 78.03  ? 20 DC A "H3'"  1 
ATOM 620  H "H2'"  . DC A 1 20 ? -3.523  10.692  25.367  1.00 73.96  ? 20 DC A "H2'"  1 
ATOM 621  H "H2''" . DC A 1 20 ? -4.781  11.423  26.035  1.00 73.96  ? 20 DC A "H2''" 1 
ATOM 622  H "H1'"  . DC A 1 20 ? -6.121  10.930  24.245  1.00 72.69  ? 20 DC A "H1'"  1 
ATOM 623  H H41    . DC A 1 20 ? -5.387  4.639   25.542  1.00 52.91  ? 20 DC A H41    1 
ATOM 624  H H42    . DC A 1 20 ? -6.727  4.724   24.896  1.00 52.91  ? 20 DC A H42    1 
ATOM 625  H H5     . DC A 1 20 ? -3.931  6.540   25.778  1.00 63.10  ? 20 DC A H5     1 
ATOM 626  H H6     . DC A 1 20 ? -3.678  8.761   25.380  1.00 60.16  ? 20 DC A H6     1 
ATOM 627  P P      . DA A 1 21 ? -4.812  14.690  25.558  1.00 89.63  ? 21 DA A P      1 
ATOM 628  O OP1    . DA A 1 21 ? -3.808  15.578  24.927  1.00 93.83  ? 21 DA A OP1    1 
ATOM 629  O OP2    . DA A 1 21 ? -4.563  14.163  26.919  1.00 82.03  ? 21 DA A OP2    1 
ATOM 630  O "O5'"  . DA A 1 21 ? -6.249  15.408  25.551  1.00 80.22  ? 21 DA A "O5'"  1 
ATOM 631  C "C5'"  . DA A 1 21 ? -6.956  15.593  24.307  1.00 79.00  ? 21 DA A "C5'"  1 
ATOM 632  C "C4'"  . DA A 1 21 ? -8.388  15.075  24.396  1.00 74.92  ? 21 DA A "C4'"  1 
ATOM 633  O "O4'"  . DA A 1 21 ? -8.378  13.631  24.572  1.00 73.13  ? 21 DA A "O4'"  1 
ATOM 634  C "C3'"  . DA A 1 21 ? -9.206  15.623  25.564  1.00 78.41  ? 21 DA A "C3'"  1 
ATOM 635  O "O3'"  . DA A 1 21 ? -10.555 15.861  25.171  1.00 82.61  ? 21 DA A "O3'"  1 
ATOM 636  C "C2'"  . DA A 1 21 ? -9.097  14.521  26.604  1.00 65.43  ? 21 DA A "C2'"  1 
ATOM 637  C "C1'"  . DA A 1 21 ? -9.096  13.281  25.739  1.00 48.04  ? 21 DA A "C1'"  1 
ATOM 638  N N9     . DA A 1 21 ? -8.450  12.125  26.347  1.00 53.03  ? 21 DA A N9     1 
ATOM 639  C C8     . DA A 1 21 ? -7.204  12.073  26.908  1.00 56.09  ? 21 DA A C8     1 
ATOM 640  N N7     . DA A 1 21 ? -6.877  10.886  27.362  1.00 51.74  ? 21 DA A N7     1 
ATOM 641  C C5     . DA A 1 21 ? -7.982  10.103  27.068  1.00 48.10  ? 21 DA A C5     1 
ATOM 642  C C6     . DA A 1 21 ? -8.267  8.740   27.287  1.00 48.71  ? 21 DA A C6     1 
ATOM 643  N N6     . DA A 1 21 ? -7.414  7.901   27.880  1.00 51.26  ? 21 DA A N6     1 
ATOM 644  N N1     . DA A 1 21 ? -9.466  8.274   26.876  1.00 45.28  ? 21 DA A N1     1 
ATOM 645  C C2     . DA A 1 21 ? -10.314 9.122   26.281  1.00 52.33  ? 21 DA A C2     1 
ATOM 646  N N3     . DA A 1 21 ? -10.157 10.421  26.018  1.00 53.69  ? 21 DA A N3     1 
ATOM 647  C C4     . DA A 1 21 ? -8.958  10.851  26.439  1.00 53.44  ? 21 DA A C4     1 
ATOM 648  H "H5'"  . DA A 1 21 ? -6.489  15.114  23.603  1.00 94.80  ? 21 DA A "H5'"  1 
ATOM 649  H "H5''" . DA A 1 21 ? -6.972  16.538  24.090  1.00 94.80  ? 21 DA A "H5''" 1 
ATOM 650  H "H4'"  . DA A 1 21 ? -8.848  15.286  23.568  1.00 89.90  ? 21 DA A "H4'"  1 
ATOM 651  H "H3'"  . DA A 1 21 ? -8.804  16.441  25.898  1.00 94.09  ? 21 DA A "H3'"  1 
ATOM 652  H "HO3'" . DA A 1 21 ? -11.184 15.476  25.574  1.00 99.13  ? 21 DA A "HO3'" 1 
ATOM 653  H "H2'"  . DA A 1 21 ? -8.270  14.596  27.103  1.00 78.51  ? 21 DA A "H2'"  1 
ATOM 654  H "H2''" . DA A 1 21 ? -9.865  14.528  27.197  1.00 78.51  ? 21 DA A "H2''" 1 
ATOM 655  H "H1'"  . DA A 1 21 ? -10.008 13.052  25.501  1.00 57.65  ? 21 DA A "H1'"  1 
ATOM 656  H H8     . DA A 1 21 ? -6.642  12.812  26.965  1.00 67.31  ? 21 DA A H8     1 
ATOM 657  H H61    . DA A 1 21 ? -7.633  7.078   27.997  1.00 61.51  ? 21 DA A H61    1 
ATOM 658  H H62    . DA A 1 21 ? -6.646  8.183   28.145  1.00 61.51  ? 21 DA A H62    1 
ATOM 659  H H2     . DA A 1 21 ? -11.126 8.755   26.015  1.00 62.79  ? 21 DA A H2     1 
ATOM 660  P P      . DC B 2 1  ? 3.114   5.538   8.480   1.00 76.45  ? 0  DC B P      1 
ATOM 661  O OP1    . DC B 2 1  ? 3.487   6.681   9.335   1.00 52.13  ? 0  DC B OP1    1 
ATOM 662  O OP2    . DC B 2 1  ? 3.451   5.572   7.036   1.00 50.61  ? 0  DC B OP2    1 
ATOM 663  O "O5'"  . DC B 2 1  ? 3.742   4.330   9.276   1.00 81.41  ? 0  DC B "O5'"  1 
ATOM 664  C "C5'"  . DC B 2 1  ? 3.242   4.076   10.548  1.00 56.36  ? 0  DC B "C5'"  1 
ATOM 665  C "C4'"  . DC B 2 1  ? 2.172   3.025   10.462  1.00 54.54  ? 0  DC B "C4'"  1 
ATOM 666  O "O4'"  . DC B 2 1  ? 0.852   3.591   10.407  1.00 46.20  ? 0  DC B "O4'"  1 
ATOM 667  C "C3'"  . DC B 2 1  ? 2.194   2.216   9.201   1.00 53.78  ? 0  DC B "C3'"  1 
ATOM 668  O "O3'"  . DC B 2 1  ? 3.288   1.336   9.183   1.00 52.21  ? 0  DC B "O3'"  1 
ATOM 669  C "C2'"  . DC B 2 1  ? 0.834   1.522   9.275   1.00 51.00  ? 0  DC B "C2'"  1 
ATOM 670  C "C1'"  . DC B 2 1  ? -0.004  2.510   10.089  1.00 48.51  ? 0  DC B "C1'"  1 
ATOM 671  N N1     . DC B 2 1  ? -1.225  2.987   9.385   1.00 41.76  ? 0  DC B N1     1 
ATOM 672  C C2     . DC B 2 1  ? -2.318  2.124   9.314   1.00 47.67  ? 0  DC B C2     1 
ATOM 673  O O2     . DC B 2 1  ? -2.210  1.002   9.824   1.00 49.76  ? 0  DC B O2     1 
ATOM 674  N N3     . DC B 2 1  ? -3.449  2.534   8.698   1.00 43.78  ? 0  DC B N3     1 
ATOM 675  C C4     . DC B 2 1  ? -3.506  3.748   8.159   1.00 43.48  ? 0  DC B C4     1 
ATOM 676  N N4     . DC B 2 1  ? -4.646  4.107   7.555   1.00 50.11  ? 0  DC B N4     1 
ATOM 677  C C5     . DC B 2 1  ? -2.396  4.653   8.226   1.00 48.22  ? 0  DC B C5     1 
ATOM 678  C C6     . DC B 2 1  ? -1.286  4.233   8.845   1.00 44.58  ? 0  DC B C6     1 
ATOM 679  H "H5'"  . DC B 2 1  ? 2.866   4.891   10.917  1.00 67.63  ? 0  DC B "H5'"  1 
ATOM 680  H "H5''" . DC B 2 1  ? 3.959   3.762   11.120  1.00 67.63  ? 0  DC B "H5''" 1 
ATOM 681  H "H4'"  . DC B 2 1  ? 2.238   2.432   11.227  1.00 65.45  ? 0  DC B "H4'"  1 
ATOM 682  H "H3'"  . DC B 2 1  ? 2.225   2.804   8.430   1.00 64.54  ? 0  DC B "H3'"  1 
ATOM 683  H "H2'"  . DC B 2 1  ? 0.460   1.404   8.387   1.00 61.20  ? 0  DC B "H2'"  1 
ATOM 684  H "H2''" . DC B 2 1  ? 0.907   0.672   9.735   1.00 61.20  ? 0  DC B "H2''" 1 
ATOM 685  H "H1'"  . DC B 2 1  ? -0.274  2.077   10.915  1.00 58.21  ? 0  DC B "H1'"  1 
ATOM 686  H H41    . DC B 2 1  ? -4.719  4.890   7.206   1.00 60.14  ? 0  DC B H41    1 
ATOM 687  H H42    . DC B 2 1  ? -5.305  3.556   7.517   1.00 60.14  ? 0  DC B H42    1 
ATOM 688  H H5     . DC B 2 1  ? -2.446  5.502   7.852   1.00 57.87  ? 0  DC B H5     1 
ATOM 689  H H6     . DC B 2 1  ? -0.550  4.797   8.904   1.00 53.50  ? 0  DC B H6     1 
ATOM 690  P P      . DC B 2 2  ? 4.239   1.279   7.890   1.00 64.38  ? 1  DC B P      1 
ATOM 691  O OP1    . DC B 2 2  ? 5.634   1.285   8.396   1.00 56.63  ? 1  DC B OP1    1 
ATOM 692  O OP2    . DC B 2 2  ? 3.802   2.301   6.911   1.00 41.69  ? 1  DC B OP2    1 
ATOM 693  O "O5'"  . DC B 2 2  ? 3.897   -0.146  7.269   1.00 54.83  ? 1  DC B "O5'"  1 
ATOM 694  C "C5'"  . DC B 2 2  ? 3.854   -1.274  8.130   1.00 51.32  ? 1  DC B "C5'"  1 
ATOM 695  C "C4'"  . DC B 2 2  ? 2.550   -2.033  7.979   1.00 45.88  ? 1  DC B "C4'"  1 
ATOM 696  O "O4'"  . DC B 2 2  ? 1.457   -1.120  7.858   1.00 45.13  ? 1  DC B "O4'"  1 
ATOM 697  C "C3'"  . DC B 2 2  ? 2.447   -2.875  6.726   1.00 79.18  ? 1  DC B "C3'"  1 
ATOM 698  O "O3'"  . DC B 2 2  ? 3.022   -4.142  6.928   1.00 73.49  ? 1  DC B "O3'"  1 
ATOM 699  C "C2'"  . DC B 2 2  ? 0.937   -2.950  6.459   1.00 70.08  ? 1  DC B "C2'"  1 
ATOM 700  C "C1'"  . DC B 2 2  ? 0.362   -1.812  7.289   1.00 48.48  ? 1  DC B "C1'"  1 
ATOM 701  N N1     . DC B 2 2  ? -0.461  -0.826  6.542   1.00 39.01  ? 1  DC B N1     1 
ATOM 702  C C2     . DC B 2 2  ? -1.800  -1.110  6.219   1.00 48.05  ? 1  DC B C2     1 
ATOM 703  O O2     . DC B 2 2  ? -2.277  -2.221  6.502   1.00 51.57  ? 1  DC B O2     1 
ATOM 704  N N3     . DC B 2 2  ? -2.536  -0.155  5.586   1.00 46.25  ? 1  DC B N3     1 
ATOM 705  C C4     . DC B 2 2  ? -1.985  1.030   5.304   1.00 47.92  ? 1  DC B C4     1 
ATOM 706  N N4     . DC B 2 2  ? -2.734  1.943   4.679   1.00 49.56  ? 1  DC B N4     1 
ATOM 707  C C5     . DC B 2 2  ? -0.637  1.332   5.645   1.00 47.34  ? 1  DC B C5     1 
ATOM 708  C C6     . DC B 2 2  ? 0.078   0.386   6.249   1.00 38.97  ? 1  DC B C6     1 
ATOM 709  H "H5'"  . DC B 2 2  ? 3.944   -0.975  9.048   1.00 61.58  ? 1  DC B "H5'"  1 
ATOM 710  H "H5''" . DC B 2 2  ? 4.593   -1.864  7.915   1.00 61.58  ? 1  DC B "H5''" 1 
ATOM 711  H "H4'"  . DC B 2 2  ? 2.414   -2.596  8.756   1.00 55.06  ? 1  DC B "H4'"  1 
ATOM 712  H "H3'"  . DC B 2 2  ? 2.889   -2.424  5.990   1.00 95.02  ? 1  DC B "H3'"  1 
ATOM 713  H "H2'"  . DC B 2 2  ? 0.751   -2.812  5.517   1.00 84.10  ? 1  DC B "H2'"  1 
ATOM 714  H "H2''" . DC B 2 2  ? 0.581   -3.801  6.757   1.00 84.10  ? 1  DC B "H2''" 1 
ATOM 715  H "H1'"  . DC B 2 2  ? -0.174  -2.188  8.004   1.00 58.17  ? 1  DC B "H1'"  1 
ATOM 716  H H41    . DC B 2 2  ? -2.403  2.714   4.490   1.00 59.48  ? 1  DC B H41    1 
ATOM 717  H H42    . DC B 2 2  ? -3.547  1.759   4.465   1.00 59.48  ? 1  DC B H42    1 
ATOM 718  H H5     . DC B 2 2  ? -0.262  2.158   5.438   1.00 56.80  ? 1  DC B H5     1 
ATOM 719  H H6     . DC B 2 2  ? 0.956   0.567   6.496   1.00 46.77  ? 1  DC B H6     1 
ATOM 720  P P      . DG B 2 3  ? 3.767   -4.855  5.708   1.00 84.70  ? 2  DG B P      1 
ATOM 721  O OP1    . DG B 2 3  ? 4.680   -5.858  6.302   1.00 93.40  ? 2  DG B OP1    1 
ATOM 722  O OP2    . DG B 2 3  ? 4.261   -3.779  4.809   1.00 71.59  ? 2  DG B OP2    1 
ATOM 723  O "O5'"  . DG B 2 3  ? 2.585   -5.575  4.909   1.00 79.81  ? 2  DG B "O5'"  1 
ATOM 724  C "C5'"  . DG B 2 3  ? 1.638   -6.377  5.602   1.00 74.13  ? 2  DG B "C5'"  1 
ATOM 725  C "C4'"  . DG B 2 3  ? 0.327   -6.412  4.847   1.00 69.21  ? 2  DG B "C4'"  1 
ATOM 726  O "O4'"  . DG B 2 3  ? -0.191  -5.062  4.729   1.00 64.95  ? 2  DG B "O4'"  1 
ATOM 727  C "C3'"  . DG B 2 3  ? 0.429   -6.952  3.416   1.00 76.90  ? 2  DG B "C3'"  1 
ATOM 728  O "O3'"  . DG B 2 3  ? -0.353  -8.141  3.268   1.00 82.34  ? 2  DG B "O3'"  1 
ATOM 729  C "C2'"  . DG B 2 3  ? -0.075  -5.798  2.541   1.00 72.61  ? 2  DG B "C2'"  1 
ATOM 730  C "C1'"  . DG B 2 3  ? -0.875  -4.953  3.515   1.00 63.98  ? 2  DG B "C1'"  1 
ATOM 731  N N9     . DG B 2 3  ? -0.979  -3.537  3.145   1.00 57.81  ? 2  DG B N9     1 
ATOM 732  C C8     . DG B 2 3  ? 0.028   -2.600  3.146   1.00 57.89  ? 2  DG B C8     1 
ATOM 733  N N7     . DG B 2 3  ? -0.363  -1.414  2.761   1.00 44.91  ? 2  DG B N7     1 
ATOM 734  C C5     . DG B 2 3  ? -1.708  -1.576  2.482   1.00 45.02  ? 2  DG B C5     1 
ATOM 735  C C6     . DG B 2 3  ? -2.658  -0.632  2.026   1.00 50.33  ? 2  DG B C6     1 
ATOM 736  O O6     . DG B 2 3  ? -2.484  0.569   1.769   1.00 39.03  ? 2  DG B O6     1 
ATOM 737  N N1     . DG B 2 3  ? -3.919  -1.207  1.872   1.00 54.58  ? 2  DG B N1     1 
ATOM 738  C C2     . DG B 2 3  ? -4.220  -2.529  2.128   1.00 58.41  ? 2  DG B C2     1 
ATOM 739  N N2     . DG B 2 3  ? -5.491  -2.904  1.921   1.00 60.73  ? 2  DG B N2     1 
ATOM 740  N N3     . DG B 2 3  ? -3.334  -3.423  2.554   1.00 47.85  ? 2  DG B N3     1 
ATOM 741  C C4     . DG B 2 3  ? -2.105  -2.878  2.711   1.00 49.45  ? 2  DG B C4     1 
ATOM 742  H "H5'"  . DG B 2 3  ? 1.490   -6.006  6.486   1.00 88.96  ? 2  DG B "H5'"  1 
ATOM 743  H "H5''" . DG B 2 3  ? 1.983   -7.279  5.686   1.00 88.96  ? 2  DG B "H5''" 1 
ATOM 744  H "H4'"  . DG B 2 3  ? -0.309  -6.950  5.343   1.00 83.05  ? 2  DG B "H4'"  1 
ATOM 745  H "H3'"  . DG B 2 3  ? 1.356   -7.143  3.205   1.00 92.29  ? 2  DG B "H3'"  1 
ATOM 746  H "H2'"  . DG B 2 3  ? 0.670   -5.292  2.179   1.00 87.13  ? 2  DG B "H2'"  1 
ATOM 747  H "H2''" . DG B 2 3  ? -0.643  -6.132  1.828   1.00 87.13  ? 2  DG B "H2''" 1 
ATOM 748  H "H1'"  . DG B 2 3  ? -1.765  -5.327  3.612   1.00 76.78  ? 2  DG B "H1'"  1 
ATOM 749  H H8     . DG B 2 3  ? 0.901   -2.791  3.400   1.00 69.47  ? 2  DG B H8     1 
ATOM 750  H H1     . DG B 2 3  ? -4.556  -0.701  1.596   1.00 65.50  ? 2  DG B H1     1 
ATOM 751  H H21    . DG B 2 3  ? -5.726  -3.720  2.056   1.00 72.87  ? 2  DG B H21    1 
ATOM 752  H H22    . DG B 2 3  ? -6.070  -2.328  1.654   1.00 72.87  ? 2  DG B H22    1 
ATOM 753  P P      . DT B 2 4  ? -0.371  -8.939  1.870   1.00 106.25 ? 3  DT B P      1 
ATOM 754  O OP1    . DT B 2 4  ? -0.561  -10.375 2.194   1.00 87.54  ? 3  DT B OP1    1 
ATOM 755  O OP2    . DT B 2 4  ? 0.797   -8.511  1.065   1.00 96.73  ? 3  DT B OP2    1 
ATOM 756  O "O5'"  . DT B 2 4  ? -1.687  -8.388  1.145   1.00 76.54  ? 3  DT B "O5'"  1 
ATOM 757  C "C5'"  . DT B 2 4  ? -2.918  -8.425  1.842   1.00 82.09  ? 3  DT B "C5'"  1 
ATOM 758  C "C4'"  . DT B 2 4  ? -4.065  -7.968  0.966   1.00 79.85  ? 3  DT B "C4'"  1 
ATOM 759  O "O4'"  . DT B 2 4  ? -4.062  -6.512  0.854   1.00 79.63  ? 3  DT B "O4'"  1 
ATOM 760  C "C3'"  . DT B 2 4  ? -4.037  -8.500  -0.460  1.00 71.77  ? 3  DT B "C3'"  1 
ATOM 761  O "O3'"  . DT B 2 4  ? -5.340  -8.972  -0.808  1.00 71.39  ? 3  DT B "O3'"  1 
ATOM 762  C "C2'"  . DT B 2 4  ? -3.581  -7.285  -1.277  1.00 72.64  ? 3  DT B "C2'"  1 
ATOM 763  C "C1'"  . DT B 2 4  ? -4.189  -6.136  -0.500  1.00 58.54  ? 3  DT B "C1'"  1 
ATOM 764  N N1     . DT B 2 4  ? -3.509  -4.809  -0.679  1.00 52.98  ? 3  DT B N1     1 
ATOM 765  C C2     . DT B 2 4  ? -4.238  -3.699  -1.099  1.00 60.40  ? 3  DT B C2     1 
ATOM 766  O O2     . DT B 2 4  ? -5.428  -3.733  -1.373  1.00 62.94  ? 3  DT B O2     1 
ATOM 767  N N3     . DT B 2 4  ? -3.505  -2.540  -1.190  1.00 56.75  ? 3  DT B N3     1 
ATOM 768  C C4     . DT B 2 4  ? -2.162  -2.383  -0.905  1.00 54.42  ? 3  DT B C4     1 
ATOM 769  O O4     . DT B 2 4  ? -1.584  -1.308  -1.020  1.00 60.48  ? 3  DT B O4     1 
ATOM 770  C C5     . DT B 2 4  ? -1.479  -3.575  -0.463  1.00 52.18  ? 3  DT B C5     1 
ATOM 771  C C7     . DT B 2 4  ? -0.023  -3.522  -0.129  1.00 52.95  ? 3  DT B C7     1 
ATOM 772  C C6     . DT B 2 4  ? -2.176  -4.710  -0.363  1.00 52.82  ? 3  DT B C6     1 
ATOM 773  H "H5'"  . DT B 2 4  ? -2.860  -7.846  2.618   1.00 98.51  ? 3  DT B "H5'"  1 
ATOM 774  H "H5''" . DT B 2 4  ? -3.087  -9.333  2.137   1.00 98.51  ? 3  DT B "H5''" 1 
ATOM 775  H "H4'"  . DT B 2 4  ? -4.897  -8.244  1.381   1.00 95.82  ? 3  DT B "H4'"  1 
ATOM 776  H "H3'"  . DT B 2 4  ? -3.388  -9.218  -0.534  1.00 86.13  ? 3  DT B "H3'"  1 
ATOM 777  H "H2'"  . DT B 2 4  ? -2.612  -7.221  -1.289  1.00 87.17  ? 3  DT B "H2'"  1 
ATOM 778  H "H2''" . DT B 2 4  ? -3.938  -7.322  -2.178  1.00 87.17  ? 3  DT B "H2''" 1 
ATOM 779  H "H1'"  . DT B 2 4  ? -5.129  -6.052  -0.727  1.00 70.25  ? 3  DT B "H1'"  1 
ATOM 780  H H3     . DT B 2 4  ? -3.924  -1.840  -1.461  1.00 68.10  ? 3  DT B H3     1 
ATOM 781  H H71    . DT B 2 4  ? 0.105   -3.779  0.798   1.00 63.54  ? 3  DT B H71    1 
ATOM 782  H H72    . DT B 2 4  ? 0.463   -4.133  -0.704  1.00 63.54  ? 3  DT B H72    1 
ATOM 783  H H73    . DT B 2 4  ? 0.308   -2.620  -0.263  1.00 63.54  ? 3  DT B H73    1 
ATOM 784  H H6     . DT B 2 4  ? -1.733  -5.475  -0.075  1.00 63.38  ? 3  DT B H6     1 
ATOM 785  P P      . DC B 2 5  ? -5.586  -9.893  -2.101  1.00 97.45  ? 4  DC B P      1 
ATOM 786  O OP1    . DC B 2 5  ? -6.247  -11.147 -1.670  1.00 101.86 ? 4  DC B OP1    1 
ATOM 787  O OP2    . DC B 2 5  ? -4.319  -9.985  -2.867  1.00 76.71  ? 4  DC B OP2    1 
ATOM 788  O "O5'"  . DC B 2 5  ? -6.613  -9.003  -2.933  1.00 67.66  ? 4  DC B "O5'"  1 
ATOM 789  C "C5'"  . DC B 2 5  ? -6.308  -7.637  -3.116  1.00 59.62  ? 4  DC B "C5'"  1 
ATOM 790  C "C4'"  . DC B 2 5  ? -7.359  -6.937  -3.934  1.00 62.79  ? 4  DC B "C4'"  1 
ATOM 791  O "O4'"  . DC B 2 5  ? -7.045  -5.524  -4.037  1.00 67.63  ? 4  DC B "O4'"  1 
ATOM 792  C "C3'"  . DC B 2 5  ? -7.467  -7.403  -5.355  1.00 50.79  ? 4  DC B "C3'"  1 
ATOM 793  O "O3'"  . DC B 2 5  ? -8.779  -7.171  -5.827  1.00 39.00  ? 4  DC B "O3'"  1 
ATOM 794  C "C2'"  . DC B 2 5  ? -6.404  -6.558  -6.069  1.00 52.53  ? 4  DC B "C2'"  1 
ATOM 795  C "C1'"  . DC B 2 5  ? -6.387  -5.255  -5.267  1.00 44.97  ? 4  DC B "C1'"  1 
ATOM 796  N N1     . DC B 2 5  ? -5.011  -4.709  -4.938  1.00 44.11  ? 4  DC B N1     1 
ATOM 797  C C2     . DC B 2 5  ? -4.729  -3.351  -5.159  1.00 45.34  ? 4  DC B C2     1 
ATOM 798  O O2     . DC B 2 5  ? -5.596  -2.628  -5.651  1.00 43.82  ? 4  DC B O2     1 
ATOM 799  N N3     . DC B 2 5  ? -3.500  -2.871  -4.838  1.00 45.04  ? 4  DC B N3     1 
ATOM 800  C C4     . DC B 2 5  ? -2.591  -3.680  -4.299  1.00 52.98  ? 4  DC B C4     1 
ATOM 801  N N4     . DC B 2 5  ? -1.393  -3.167  -3.997  1.00 55.10  ? 4  DC B N4     1 
ATOM 802  C C5     . DC B 2 5  ? -2.863  -5.058  -4.054  1.00 52.78  ? 4  DC B C5     1 
ATOM 803  C C6     . DC B 2 5  ? -4.072  -5.520  -4.376  1.00 45.10  ? 4  DC B C6     1 
ATOM 804  H "H5'"  . DC B 2 5  ? -5.453  -7.562  -3.568  1.00 71.54  ? 4  DC B "H5'"  1 
ATOM 805  H "H5''" . DC B 2 5  ? -6.245  -7.210  -2.247  1.00 71.54  ? 4  DC B "H5''" 1 
ATOM 806  H "H4'"  . DC B 2 5  ? -8.220  -7.038  -3.500  1.00 75.35  ? 4  DC B "H4'"  1 
ATOM 807  H "H3'"  . DC B 2 5  ? -7.245  -8.345  -5.417  1.00 60.94  ? 4  DC B "H3'"  1 
ATOM 808  H "H2'"  . DC B 2 5  ? -5.539  -6.994  -6.031  1.00 63.04  ? 4  DC B "H2'"  1 
ATOM 809  H "H2''" . DC B 2 5  ? -6.663  -6.388  -6.988  1.00 63.04  ? 4  DC B "H2''" 1 
ATOM 810  H "H1'"  . DC B 2 5  ? -6.887  -4.580  -5.750  1.00 53.97  ? 4  DC B "H1'"  1 
ATOM 811  H H41    . DC B 2 5  ? -0.792  -3.663  -3.634  1.00 66.12  ? 4  DC B H41    1 
ATOM 812  H H42    . DC B 2 5  ? -1.225  -2.340  -4.165  1.00 66.12  ? 4  DC B H42    1 
ATOM 813  H H5     . DC B 2 5  ? -2.217  -5.617  -3.686  1.00 63.34  ? 4  DC B H5     1 
ATOM 814  H H6     . DC B 2 5  ? -4.272  -6.417  -4.230  1.00 54.12  ? 4  DC B H6     1 
ATOM 815  P P      . DA B 2 6  ? -9.210  -7.663  -7.286  1.00 43.95  ? 5  DA B P      1 
ATOM 816  O OP1    . DA B 2 6  ? -10.430 -8.501  -7.187  1.00 47.00  ? 5  DA B OP1    1 
ATOM 817  O OP2    . DA B 2 6  ? -7.988  -8.213  -7.912  1.00 72.29  ? 5  DA B OP2    1 
ATOM 818  O "O5'"  . DA B 2 6  ? -9.575  -6.310  -8.029  1.00 40.38  ? 5  DA B "O5'"  1 
ATOM 819  C "C5'"  . DA B 2 6  ? -9.317  -6.182  -9.400  1.00 48.58  ? 5  DA B "C5'"  1 
ATOM 820  C "C4'"  . DA B 2 6  ? -8.633  -4.868  -9.694  1.00 51.10  ? 5  DA B "C4'"  1 
ATOM 821  O "O4'"  . DA B 2 6  ? -7.393  -4.786  -8.973  1.00 42.91  ? 5  DA B "O4'"  1 
ATOM 822  C "C3'"  . DA B 2 6  ? -8.275  -4.674  -11.151 1.00 34.99  ? 5  DA B "C3'"  1 
ATOM 823  O "O3'"  . DA B 2 6  ? -8.967  -3.558  -11.681 1.00 34.99  ? 5  DA B "O3'"  1 
ATOM 824  C "C2'"  . DA B 2 6  ? -6.757  -4.471  -11.165 1.00 34.99  ? 5  DA B "C2'"  1 
ATOM 825  C "C1'"  . DA B 2 6  ? -6.477  -4.061  -9.746  1.00 34.99  ? 5  DA B "C1'"  1 
ATOM 826  N N9     . DA B 2 6  ? -5.156  -4.366  -9.239  1.00 34.99  ? 5  DA B N9     1 
ATOM 827  C C8     . DA B 2 6  ? -4.689  -5.590  -8.857  1.00 40.40  ? 5  DA B C8     1 
ATOM 828  N N7     . DA B 2 6  ? -3.478  -5.561  -8.362  1.00 38.87  ? 5  DA B N7     1 
ATOM 829  C C5     . DA B 2 6  ? -3.137  -4.222  -8.410  1.00 38.30  ? 5  DA B C5     1 
ATOM 830  C C6     . DA B 2 6  ? -1.979  -3.533  -8.028  1.00 39.83  ? 5  DA B C6     1 
ATOM 831  N N6     . DA B 2 6  ? -0.914  -4.139  -7.498  1.00 43.35  ? 5  DA B N6     1 
ATOM 832  N N1     . DA B 2 6  ? -1.957  -2.198  -8.209  1.00 38.92  ? 5  DA B N1     1 
ATOM 833  C C2     . DA B 2 6  ? -3.039  -1.603  -8.718  1.00 45.57  ? 5  DA B C2     1 
ATOM 834  N N3     . DA B 2 6  ? -4.187  -2.146  -9.112  1.00 44.50  ? 5  DA B N3     1 
ATOM 835  C C4     . DA B 2 6  ? -4.166  -3.472  -8.934  1.00 37.42  ? 5  DA B C4     1 
ATOM 836  H "H5'"  . DA B 2 6  ? -10.155 -6.223  -9.888  1.00 58.30  ? 5  DA B "H5'"  1 
ATOM 837  H "H5''" . DA B 2 6  ? -8.745  -6.911  -9.686  1.00 58.30  ? 5  DA B "H5''" 1 
ATOM 838  H "H4'"  . DA B 2 6  ? -9.212  -4.142  -9.413  1.00 61.32  ? 5  DA B "H4'"  1 
ATOM 839  H "H3'"  . DA B 2 6  ? -8.504  -5.471  -11.654 1.00 41.98  ? 5  DA B "H3'"  1 
ATOM 840  H "HO3'" . DA B 2 6  ? -8.537  -2.901  -11.983 1.00 41.98  ? 5  DA B "HO3'" 1 
ATOM 841  H "H2'"  . DA B 2 6  ? -6.300  -5.300  -11.379 1.00 41.98  ? 5  DA B "H2'"  1 
ATOM 842  H "H2''" . DA B 2 6  ? -6.508  -3.767  -11.783 1.00 41.98  ? 5  DA B "H2''" 1 
ATOM 843  H "H1'"  . DA B 2 6  ? -6.650  -3.111  -9.645  1.00 41.98  ? 5  DA B "H1'"  1 
ATOM 844  H H8     . DA B 2 6  ? -5.184  -6.373  -8.946  1.00 48.49  ? 5  DA B H8     1 
ATOM 845  H H61    . DA B 2 6  ? -0.222  -3.677  -7.277  1.00 52.02  ? 5  DA B H61    1 
ATOM 846  H H62    . DA B 2 6  ? -0.919  -4.990  -7.376  1.00 52.02  ? 5  DA B H62    1 
ATOM 847  H H2     . DA B 2 6  ? -2.977  -0.680  -8.819  1.00 54.68  ? 5  DA B H2     1 
ATOM 848  C "C4'"  . DT C 3 1  ? -7.125  1.815   36.672  1.00 52.27  ? 1  DT C "C4'"  1 
ATOM 849  O "O4'"  . DT C 3 1  ? -7.751  3.111   36.588  1.00 61.03  ? 1  DT C "O4'"  1 
ATOM 850  C "C3'"  . DT C 3 1  ? -6.781  1.454   35.226  1.00 84.35  ? 1  DT C "C3'"  1 
ATOM 851  O "O3'"  . DT C 3 1  ? -7.058  0.060   34.926  1.00 96.69  ? 1  DT C "O3'"  1 
ATOM 852  C "C2'"  . DT C 3 1  ? -7.631  2.406   34.379  1.00 77.53  ? 1  DT C "C2'"  1 
ATOM 853  C "C1'"  . DT C 3 1  ? -8.472  3.162   35.388  1.00 56.93  ? 1  DT C "C1'"  1 
ATOM 854  N N1     . DT C 3 1  ? -8.716  4.587   35.008  1.00 62.22  ? 1  DT C N1     1 
ATOM 855  C C2     . DT C 3 1  ? -9.976  4.966   34.595  1.00 70.19  ? 1  DT C C2     1 
ATOM 856  O O2     . DT C 3 1  ? -10.922 4.196   34.546  1.00 71.47  ? 1  DT C O2     1 
ATOM 857  N N3     . DT C 3 1  ? -10.096 6.290   34.257  1.00 63.71  ? 1  DT C N3     1 
ATOM 858  C C4     . DT C 3 1  ? -9.103  7.250   34.277  1.00 61.07  ? 1  DT C C4     1 
ATOM 859  O O4     . DT C 3 1  ? -9.310  8.416   33.959  1.00 52.05  ? 1  DT C O4     1 
ATOM 860  C C5     . DT C 3 1  ? -7.804  6.787   34.708  1.00 62.33  ? 1  DT C C5     1 
ATOM 861  C C7     . DT C 3 1  ? -6.649  7.742   34.764  1.00 58.51  ? 1  DT C C7     1 
ATOM 862  C C6     . DT C 3 1  ? -7.671  5.491   35.045  1.00 60.18  ? 1  DT C C6     1 
ATOM 863  H "H3'"  . DT C 3 1  ? -5.842  1.636   35.066  1.00 101.22 ? 1  DT C "H3'"  1 
ATOM 864  H "H2'"  . DT C 3 1  ? -7.063  3.017   33.884  1.00 93.04  ? 1  DT C "H2'"  1 
ATOM 865  H "H2''" . DT C 3 1  ? -8.199  1.904   33.774  1.00 93.04  ? 1  DT C "H2''" 1 
ATOM 866  H "H1'"  . DT C 3 1  ? -9.322  2.710   35.503  1.00 68.32  ? 1  DT C "H1'"  1 
ATOM 867  H H3     . DT C 3 1  ? -10.876 6.551   34.004  1.00 76.45  ? 1  DT C H3     1 
ATOM 868  H H71    . DT C 3 1  ? -6.312  7.788   35.672  1.00 70.22  ? 1  DT C H71    1 
ATOM 869  H H72    . DT C 3 1  ? -5.946  7.435   34.171  1.00 70.22  ? 1  DT C H72    1 
ATOM 870  H H73    . DT C 3 1  ? -6.945  8.623   34.484  1.00 70.22  ? 1  DT C H73    1 
ATOM 871  H H6     . DT C 3 1  ? -6.835  5.190   35.322  1.00 72.22  ? 1  DT C H6     1 
ATOM 872  P P      . DC C 3 2  ? -8.514  -0.602  35.149  1.00 95.05  ? 2  DC C P      1 
ATOM 873  O OP1    . DC C 3 2  ? -8.938  -0.310  36.533  1.00 107.02 ? 2  DC C OP1    1 
ATOM 874  O OP2    . DC C 3 2  ? -8.405  -2.010  34.688  1.00 78.00  ? 2  DC C OP2    1 
ATOM 875  O "O5'"  . DC C 3 2  ? -9.512  0.178   34.160  1.00 61.45  ? 2  DC C "O5'"  1 
ATOM 876  C "C5'"  . DC C 3 2  ? -10.032 -0.492  33.019  1.00 70.38  ? 2  DC C "C5'"  1 
ATOM 877  C "C4'"  . DC C 3 2  ? -11.419 0.008   32.652  1.00 72.82  ? 2  DC C "C4'"  1 
ATOM 878  O "O4'"  . DC C 3 2  ? -11.466 1.463   32.750  1.00 70.61  ? 2  DC C "O4'"  1 
ATOM 879  C "C3'"  . DC C 3 2  ? -11.833 -0.300  31.221  1.00 74.14  ? 2  DC C "C3'"  1 
ATOM 880  O "O3'"  . DC C 3 2  ? -13.257 -0.392  31.101  1.00 80.92  ? 2  DC C "O3'"  1 
ATOM 881  C "C2'"  . DC C 3 2  ? -11.257 0.894   30.481  1.00 73.90  ? 2  DC C "C2'"  1 
ATOM 882  C "C1'"  . DC C 3 2  ? -11.573 2.027   31.446  1.00 74.20  ? 2  DC C "C1'"  1 
ATOM 883  N N1     . DC C 3 2  ? -10.643 3.206   31.361  1.00 71.56  ? 2  DC C N1     1 
ATOM 884  C C2     . DC C 3 2  ? -11.107 4.449   30.890  1.00 65.74  ? 2  DC C C2     1 
ATOM 885  O O2     . DC C 3 2  ? -12.285 4.560   30.520  1.00 68.52  ? 2  DC C O2     1 
ATOM 886  N N3     . DC C 3 2  ? -10.239 5.497   30.846  1.00 51.29  ? 2  DC C N3     1 
ATOM 887  C C4     . DC C 3 2  ? -8.981  5.338   31.256  1.00 56.08  ? 2  DC C C4     1 
ATOM 888  N N4     . DC C 3 2  ? -8.165  6.392   31.201  1.00 50.55  ? 2  DC C N4     1 
ATOM 889  C C5     . DC C 3 2  ? -8.499  4.088   31.741  1.00 65.24  ? 2  DC C C5     1 
ATOM 890  C C6     . DC C 3 2  ? -9.357  3.063   31.775  1.00 69.79  ? 2  DC C C6     1 
ATOM 891  H "H5'"  . DC C 3 2  ? -10.080 -1.442  33.207  1.00 84.45  ? 2  DC C "H5'"  1 
ATOM 892  H "H5''" . DC C 3 2  ? -9.435  -0.347  32.269  1.00 84.45  ? 2  DC C "H5''" 1 
ATOM 893  H "H4'"  . DC C 3 2  ? -12.069 -0.374  33.262  1.00 87.38  ? 2  DC C "H4'"  1 
ATOM 894  H "H3'"  . DC C 3 2  ? -11.412 -1.121  30.918  1.00 88.96  ? 2  DC C "H3'"  1 
ATOM 895  H "H2'"  . DC C 3 2  ? -10.299 0.798   30.359  1.00 88.68  ? 2  DC C "H2'"  1 
ATOM 896  H "H2''" . DC C 3 2  ? -11.707 1.025   29.632  1.00 88.68  ? 2  DC C "H2''" 1 
ATOM 897  H "H1'"  . DC C 3 2  ? -12.485 2.327   31.301  1.00 89.04  ? 2  DC C "H1'"  1 
ATOM 898  H H41    . DC C 3 2  ? -7.333  6.303   31.400  1.00 60.66  ? 2  DC C H41    1 
ATOM 899  H H42    . DC C 3 2  ? -8.471  7.161   30.965  1.00 60.66  ? 2  DC C H42    1 
ATOM 900  H H5     . DC C 3 2  ? -7.619  3.988   32.021  1.00 78.29  ? 2  DC C H5     1 
ATOM 901  H H6     . DC C 3 2  ? -9.069  2.238   32.091  1.00 83.75  ? 2  DC C H6     1 
ATOM 902  P P      . DT C 3 3  ? -13.938 -0.844  29.714  1.00 85.95  ? 3  DT C P      1 
ATOM 903  O OP1    . DT C 3 3  ? -15.402 -0.915  29.925  1.00 90.16  ? 3  DT C OP1    1 
ATOM 904  O OP2    . DT C 3 3  ? -13.211 -2.029  29.204  1.00 58.97  ? 3  DT C OP2    1 
ATOM 905  O "O5'"  . DT C 3 3  ? -13.718 0.416   28.762  1.00 74.64  ? 3  DT C "O5'"  1 
ATOM 906  C "C5'"  . DT C 3 3  ? -14.230 1.670   29.160  1.00 67.53  ? 3  DT C "C5'"  1 
ATOM 907  C "C4'"  . DT C 3 3  ? -14.888 2.392   28.005  1.00 82.11  ? 3  DT C "C4'"  1 
ATOM 908  O "O4'"  . DT C 3 3  ? -14.157 3.616   27.722  1.00 84.03  ? 3  DT C "O4'"  1 
ATOM 909  C "C3'"  . DT C 3 3  ? -14.934 1.633   26.690  1.00 75.80  ? 3  DT C "C3'"  1 
ATOM 910  O "O3'"  . DT C 3 3  ? -16.164 1.981   25.987  1.00 65.33  ? 3  DT C "O3'"  1 
ATOM 911  C "C2'"  . DT C 3 3  ? -13.624 2.070   26.002  1.00 70.68  ? 3  DT C "C2'"  1 
ATOM 912  C "C1'"  . DT C 3 3  ? -13.417 3.501   26.516  1.00 74.37  ? 3  DT C "C1'"  1 
ATOM 913  N N1     . DT C 3 3  ? -11.979 3.905   26.831  1.00 63.52  ? 3  DT C N1     1 
ATOM 914  C C2     . DT C 3 3  ? -11.617 5.231   26.678  1.00 58.82  ? 3  DT C C2     1 
ATOM 915  O O2     . DT C 3 3  ? -12.380 6.086   26.263  1.00 63.42  ? 3  DT C O2     1 
ATOM 916  N N3     . DT C 3 3  ? -10.318 5.517   27.017  1.00 55.28  ? 3  DT C N3     1 
ATOM 917  C C4     . DT C 3 3  ? -9.370  4.636   27.503  1.00 58.81  ? 3  DT C C4     1 
ATOM 918  O O4     . DT C 3 3  ? -8.225  4.987   27.786  1.00 49.58  ? 3  DT C O4     1 
ATOM 919  C C5     . DT C 3 3  ? -9.813  3.271   27.653  1.00 58.60  ? 3  DT C C5     1 
ATOM 920  C C7     . DT C 3 3  ? -8.862  2.232   28.164  1.00 57.40  ? 3  DT C C7     1 
ATOM 921  C C6     . DT C 3 3  ? -11.084 2.972   27.326  1.00 60.51  ? 3  DT C C6     1 
ATOM 922  H "H5'"  . DT C 3 3  ? -13.504 2.215   29.502  1.00 81.03  ? 3  DT C "H5'"  1 
ATOM 923  H "H5''" . DT C 3 3  ? -14.884 1.537   29.863  1.00 81.03  ? 3  DT C "H5''" 1 
ATOM 924  H "H4'"  . DT C 3 3  ? -15.795 2.624   28.260  1.00 98.53  ? 3  DT C "H4'"  1 
ATOM 925  H "H3'"  . DT C 3 3  ? -14.912 0.678   26.862  1.00 90.96  ? 3  DT C "H3'"  1 
ATOM 926  H "H2'"  . DT C 3 3  ? -12.889 1.500   26.273  1.00 84.82  ? 3  DT C "H2'"  1 
ATOM 927  H "H2''" . DT C 3 3  ? -13.727 2.065   25.037  1.00 84.82  ? 3  DT C "H2''" 1 
ATOM 928  H "H1'"  . DT C 3 3  ? -13.780 4.123   25.865  1.00 89.24  ? 3  DT C "H1'"  1 
ATOM 929  H H3     . DT C 3 3  ? -10.070 6.335   26.925  1.00 66.33  ? 3  DT C H3     1 
ATOM 930  H H71    . DT C 3 3  ? -8.004  2.645   28.354  1.00 68.89  ? 3  DT C H71    1 
ATOM 931  H H72    . DT C 3 3  ? -9.219  1.839   28.976  1.00 68.89  ? 3  DT C H72    1 
ATOM 932  H H73    . DT C 3 3  ? -8.746  1.541   27.494  1.00 68.89  ? 3  DT C H73    1 
ATOM 933  H H6     . DT C 3 3  ? -11.371 2.092   27.422  1.00 72.62  ? 3  DT C H6     1 
ATOM 934  P P      . DG C 3 4  ? -16.228 2.179   24.398  1.00 79.39  ? 4  DG C P      1 
ATOM 935  O OP1    . DG C 3 4  ? -17.655 2.275   24.002  1.00 78.08  ? 4  DG C OP1    1 
ATOM 936  O OP2    . DG C 3 4  ? -15.395 1.112   23.794  1.00 82.18  ? 4  DG C OP2    1 
ATOM 937  O "O5'"  . DG C 3 4  ? -15.519 3.603   24.185  1.00 78.68  ? 4  DG C "O5'"  1 
ATOM 938  C "C5'"  . DG C 3 4  ? -16.290 4.766   23.854  1.00 79.50  ? 4  DG C "C5'"  1 
ATOM 939  C "C4'"  . DG C 3 4  ? -15.852 5.333   22.515  1.00 76.91  ? 4  DG C "C4'"  1 
ATOM 940  O "O4'"  . DG C 3 4  ? -14.419 5.583   22.548  1.00 65.38  ? 4  DG C "O4'"  1 
ATOM 941  C "C3'"  . DG C 3 4  ? -16.042 4.407   21.323  1.00 75.85  ? 4  DG C "C3'"  1 
ATOM 942  O "O3'"  . DG C 3 4  ? -16.073 5.149   20.106  1.00 72.30  ? 4  DG C "O3'"  1 
ATOM 943  C "C2'"  . DG C 3 4  ? -14.792 3.557   21.412  1.00 58.90  ? 4  DG C "C2'"  1 
ATOM 944  C "C1'"  . DG C 3 4  ? -13.760 4.631   21.723  1.00 52.85  ? 4  DG C "C1'"  1 
ATOM 945  N N9     . DG C 3 4  ? -12.574 4.161   22.411  1.00 50.21  ? 4  DG C N9     1 
ATOM 946  C C8     . DG C 3 4  ? -12.272 2.871   22.778  1.00 55.91  ? 4  DG C C8     1 
ATOM 947  N N7     . DG C 3 4  ? -11.120 2.759   23.382  1.00 45.78  ? 4  DG C N7     1 
ATOM 948  C C5     . DG C 3 4  ? -10.629 4.059   23.408  1.00 50.38  ? 4  DG C C5     1 
ATOM 949  C C6     . DG C 3 4  ? -9.421  4.566   23.935  1.00 47.18  ? 4  DG C C6     1 
ATOM 950  O O6     . DG C 3 4  ? -8.517  3.945   24.497  1.00 50.06  ? 4  DG C O6     1 
ATOM 951  N N1     . DG C 3 4  ? -9.315  5.940   23.754  1.00 43.53  ? 4  DG C N1     1 
ATOM 952  C C2     . DG C 3 4  ? -10.257 6.728   23.131  1.00 53.14  ? 4  DG C C2     1 
ATOM 953  N N2     . DG C 3 4  ? -9.985  8.037   23.042  1.00 48.99  ? 4  DG C N2     1 
ATOM 954  N N3     . DG C 3 4  ? -11.397 6.265   22.634  1.00 51.72  ? 4  DG C N3     1 
ATOM 955  C C4     . DG C 3 4  ? -11.512 4.928   22.808  1.00 54.43  ? 4  DG C C4     1 
ATOM 956  H "H5'"  . DG C 3 4  ? -16.166 5.438   24.543  1.00 95.40  ? 4  DG C "H5'"  1 
ATOM 957  H "H5''" . DG C 3 4  ? -17.229 4.525   23.808  1.00 95.40  ? 4  DG C "H5''" 1 
ATOM 958  H "H4'"  . DG C 3 4  ? -16.319 6.167   22.351  1.00 92.30  ? 4  DG C "H4'"  1 
ATOM 959  H "H3'"  . DG C 3 4  ? -16.840 3.865   21.427  1.00 91.03  ? 4  DG C "H3'"  1 
ATOM 960  H "H2'"  . DG C 3 4  ? -14.856 2.912   22.134  1.00 70.68  ? 4  DG C "H2'"  1 
ATOM 961  H "H2''" . DG C 3 4  ? -14.602 3.123   20.565  1.00 70.68  ? 4  DG C "H2''" 1 
ATOM 962  H "H1'"  . DG C 3 4  ? -13.494 5.062   20.896  1.00 63.42  ? 4  DG C "H1'"  1 
ATOM 963  H H8     . DG C 3 4  ? -12.837 2.149   22.620  1.00 67.09  ? 4  DG C H8     1 
ATOM 964  H H1     . DG C 3 4  ? -8.603  6.326   24.042  1.00 52.24  ? 4  DG C H1     1 
ATOM 965  H H21    . DG C 3 4  ? -10.546 8.570   22.665  1.00 58.78  ? 4  DG C H21    1 
ATOM 966  H H22    . DG C 3 4  ? -9.248  8.346   23.361  1.00 58.78  ? 4  DG C H22    1 
ATOM 967  P P      . DA C 3 5  ? -17.431 5.806   19.563  1.00 90.62  ? 5  DA C P      1 
ATOM 968  O OP1    . DA C 3 5  ? -18.070 6.504   20.702  1.00 86.88  ? 5  DA C OP1    1 
ATOM 969  O OP2    . DA C 3 5  ? -18.167 4.745   18.834  1.00 92.46  ? 5  DA C OP2    1 
ATOM 970  O "O5'"  . DA C 3 5  ? -16.923 6.877   18.477  1.00 84.82  ? 5  DA C "O5'"  1 
ATOM 971  C "C5'"  . DA C 3 5  ? -17.057 8.281   18.725  1.00 86.91  ? 5  DA C "C5'"  1 
ATOM 972  C "C4'"  . DA C 3 5  ? -15.741 9.018   18.496  1.00 75.76  ? 5  DA C "C4'"  1 
ATOM 973  O "O4'"  . DA C 3 5  ? -14.645 8.266   19.091  1.00 73.11  ? 5  DA C "O4'"  1 
ATOM 974  C "C3'"  . DA C 3 5  ? -15.351 9.227   17.032  1.00 67.64  ? 5  DA C "C3'"  1 
ATOM 975  O "O3'"  . DA C 3 5  ? -14.864 10.559  16.839  1.00 67.41  ? 5  DA C "O3'"  1 
ATOM 976  C "C2'"  . DA C 3 5  ? -14.273 8.164   16.802  1.00 68.85  ? 5  DA C "C2'"  1 
ATOM 977  C "C1'"  . DA C 3 5  ? -13.594 8.138   18.153  1.00 56.80  ? 5  DA C "C1'"  1 
ATOM 978  N N9     . DA C 3 5  ? -12.847 6.918   18.469  1.00 47.46  ? 5  DA C N9     1 
ATOM 979  C C8     . DA C 3 5  ? -13.291 5.625   18.388  1.00 52.38  ? 5  DA C C8     1 
ATOM 980  N N7     . DA C 3 5  ? -12.404 4.735   18.783  1.00 48.88  ? 5  DA C N7     1 
ATOM 981  C C5     . DA C 3 5  ? -11.311 5.497   19.163  1.00 49.53  ? 5  DA C C5     1 
ATOM 982  C C6     . DA C 3 5  ? -10.038 5.152   19.677  1.00 45.89  ? 5  DA C C6     1 
ATOM 983  N N6     . DA C 3 5  ? -9.651  3.892   19.902  1.00 40.03  ? 5  DA C N6     1 
ATOM 984  N N1     . DA C 3 5  ? -9.175  6.158   19.944  1.00 42.88  ? 5  DA C N1     1 
ATOM 985  C C2     . DA C 3 5  ? -9.566  7.420   19.718  1.00 50.09  ? 5  DA C C2     1 
ATOM 986  N N3     . DA C 3 5  ? -10.733 7.865   19.242  1.00 46.43  ? 5  DA C N3     1 
ATOM 987  C C4     . DA C 3 5  ? -11.567 6.845   18.982  1.00 48.09  ? 5  DA C C4     1 
ATOM 988  H "H5'"  . DA C 3 5  ? -17.339 8.415   19.644  1.00 104.29 ? 5  DA C "H5'"  1 
ATOM 989  H "H5''" . DA C 3 5  ? -17.731 8.645   18.130  1.00 104.29 ? 5  DA C "H5''" 1 
ATOM 990  H "H4'"  . DA C 3 5  ? -15.794 9.885   18.929  1.00 90.91  ? 5  DA C "H4'"  1 
ATOM 991  H "H3'"  . DA C 3 5  ? -16.114 9.061   16.455  1.00 81.17  ? 5  DA C "H3'"  1 
ATOM 992  H "H2'"  . DA C 3 5  ? -14.672 7.305   16.596  1.00 82.62  ? 5  DA C "H2'"  1 
ATOM 993  H "H2''" . DA C 3 5  ? -13.655 8.441   16.108  1.00 82.62  ? 5  DA C "H2''" 1 
ATOM 994  H "H1'"  . DA C 3 5  ? -13.003 8.903   18.228  1.00 68.16  ? 5  DA C "H1'"  1 
ATOM 995  H H8     . DA C 3 5  ? -14.140 5.398   18.083  1.00 62.85  ? 5  DA C H8     1 
ATOM 996  H H61    . DA C 3 5  ? -8.869  3.733   20.222  1.00 48.04  ? 5  DA C H61    1 
ATOM 997  H H62    . DA C 3 5  ? -10.185 3.241   19.725  1.00 48.04  ? 5  DA C H62    1 
ATOM 998  H H2     . DA C 3 5  ? -8.938  8.076   19.919  1.00 60.11  ? 5  DA C H2     1 
ATOM 999  P P      . DG C 3 6  ? -14.443 11.078  15.374  1.00 91.17  ? 6  DG C P      1 
ATOM 1000 O OP1    . DG C 3 6  ? -15.236 12.294  15.078  1.00 91.63  ? 6  DG C OP1    1 
ATOM 1001 O OP2    . DG C 3 6  ? -14.472 9.912   14.458  1.00 68.30  ? 6  DG C OP2    1 
ATOM 1002 O "O5'"  . DG C 3 6  ? -12.923 11.536  15.553  1.00 66.23  ? 6  DG C "O5'"  1 
ATOM 1003 C "C5'"  . DG C 3 6  ? -12.034 10.712  16.254  1.00 59.84  ? 6  DG C "C5'"  1 
ATOM 1004 C "C4'"  . DG C 3 6  ? -10.645 11.302  16.287  1.00 53.61  ? 6  DG C "C4'"  1 
ATOM 1005 O "O4'"  . DG C 3 6  ? -9.771  10.360  16.950  1.00 49.28  ? 6  DG C "O4'"  1 
ATOM 1006 C "C3'"  . DG C 3 6  ? -10.011 11.536  14.927  1.00 55.90  ? 6  DG C "C3'"  1 
ATOM 1007 O "O3'"  . DG C 3 6  ? -9.004  12.558  14.983  1.00 59.06  ? 6  DG C "O3'"  1 
ATOM 1008 C "C2'"  . DG C 3 6  ? -9.435  10.170  14.610  1.00 44.05  ? 6  DG C "C2'"  1 
ATOM 1009 C "C1'"  . DG C 3 6  ? -9.030  9.642   15.986  1.00 42.23  ? 6  DG C "C1'"  1 
ATOM 1010 N N9     . DG C 3 6  ? -9.282  8.213   16.137  1.00 43.33  ? 6  DG C N9     1 
ATOM 1011 C C8     . DG C 3 6  ? -10.436 7.520   15.848  1.00 43.74  ? 6  DG C C8     1 
ATOM 1012 N N7     . DG C 3 6  ? -10.334 6.234   16.056  1.00 38.49  ? 6  DG C N7     1 
ATOM 1013 C C5     . DG C 3 6  ? -9.034  6.073   16.498  1.00 34.99  ? 6  DG C C5     1 
ATOM 1014 C C6     . DG C 3 6  ? -8.345  4.908   16.881  1.00 42.11  ? 6  DG C C6     1 
ATOM 1015 O O6     . DG C 3 6  ? -8.761  3.745   16.906  1.00 40.61  ? 6  DG C O6     1 
ATOM 1016 N N1     . DG C 3 6  ? -7.032  5.191   17.269  1.00 41.81  ? 6  DG C N1     1 
ATOM 1017 C C2     . DG C 3 6  ? -6.470  6.448   17.279  1.00 42.77  ? 6  DG C C2     1 
ATOM 1018 N N2     . DG C 3 6  ? -5.197  6.543   17.680  1.00 40.15  ? 6  DG C N2     1 
ATOM 1019 N N3     . DG C 3 6  ? -7.111  7.539   16.918  1.00 34.99  ? 6  DG C N3     1 
ATOM 1020 C C4     . DG C 3 6  ? -8.377  7.280   16.545  1.00 35.89  ? 6  DG C C4     1 
ATOM 1021 H "H5'"  . DG C 3 6  ? -12.000 9.843   15.824  1.00 71.81  ? 6  DG C "H5'"  1 
ATOM 1022 H "H5''" . DG C 3 6  ? -12.354 10.602  17.163  1.00 71.81  ? 6  DG C "H5''" 1 
ATOM 1023 H "H4'"  . DG C 3 6  ? -10.659 12.134  16.785  1.00 64.33  ? 6  DG C "H4'"  1 
ATOM 1024 H "H3'"  . DG C 3 6  ? -10.692 11.771  14.277  1.00 67.08  ? 6  DG C "H3'"  1 
ATOM 1025 H "H2'"  . DG C 3 6  ? -10.108 9.599   14.207  1.00 52.85  ? 6  DG C "H2'"  1 
ATOM 1026 H "H2''" . DG C 3 6  ? -8.659  10.251  14.032  1.00 52.85  ? 6  DG C "H2''" 1 
ATOM 1027 H "H1'"  . DG C 3 6  ? -8.086  9.811   16.124  1.00 50.68  ? 6  DG C "H1'"  1 
ATOM 1028 H H8     . DG C 3 6  ? -11.210 7.928   15.534  1.00 52.48  ? 6  DG C H8     1 
ATOM 1029 H H1     . DG C 3 6  ? -6.540  4.532   17.520  1.00 50.18  ? 6  DG C H1     1 
ATOM 1030 H H21    . DG C 3 6  ? -4.804  7.309   17.687  1.00 48.18  ? 6  DG C H21    1 
ATOM 1031 H H22    . DG C 3 6  ? -4.771  5.840   17.930  1.00 48.18  ? 6  DG C H22    1 
ATOM 1032 P P      . DT C 3 7  ? -8.007  12.782  13.738  1.00 59.93  ? 7  DT C P      1 
ATOM 1033 O OP1    . DT C 3 7  ? -7.449  14.152  13.821  1.00 52.92  ? 7  DT C OP1    1 
ATOM 1034 O OP2    . DT C 3 7  ? -8.720  12.355  12.514  1.00 51.66  ? 7  DT C OP2    1 
ATOM 1035 O "O5'"  . DT C 3 7  ? -6.814  11.758  14.021  1.00 42.67  ? 7  DT C "O5'"  1 
ATOM 1036 C "C5'"  . DT C 3 7  ? -5.980  11.987  15.129  1.00 41.54  ? 7  DT C "C5'"  1 
ATOM 1037 C "C4'"  . DT C 3 7  ? -4.837  10.989  15.197  1.00 44.30  ? 7  DT C "C4'"  1 
ATOM 1038 O "O4'"  . DT C 3 7  ? -5.357  9.639   15.193  1.00 46.31  ? 7  DT C "O4'"  1 
ATOM 1039 C "C3'"  . DT C 3 7  ? -3.829  11.055  14.051  1.00 34.99  ? 7  DT C "C3'"  1 
ATOM 1040 O "O3'"  . DT C 3 7  ? -2.543  11.283  14.609  1.00 36.26  ? 7  DT C "O3'"  1 
ATOM 1041 C "C2'"  . DT C 3 7  ? -3.968  9.689   13.342  1.00 35.64  ? 7  DT C "C2'"  1 
ATOM 1042 C "C1'"  . DT C 3 7  ? -4.496  8.808   14.457  1.00 38.94  ? 7  DT C "C1'"  1 
ATOM 1043 N N1     . DT C 3 7  ? -5.294  7.599   14.058  1.00 36.49  ? 7  DT C N1     1 
ATOM 1044 C C2     . DT C 3 7  ? -4.800  6.328   14.324  1.00 45.68  ? 7  DT C C2     1 
ATOM 1045 O O2     . DT C 3 7  ? -3.696  6.116   14.807  1.00 47.69  ? 7  DT C O2     1 
ATOM 1046 N N3     . DT C 3 7  ? -5.646  5.304   13.975  1.00 43.65  ? 7  DT C N3     1 
ATOM 1047 C C4     . DT C 3 7  ? -6.912  5.417   13.436  1.00 38.07  ? 7  DT C C4     1 
ATOM 1048 O O4     . DT C 3 7  ? -7.599  4.442   13.161  1.00 41.55  ? 7  DT C O4     1 
ATOM 1049 C C5     . DT C 3 7  ? -7.371  6.757   13.219  1.00 34.99  ? 7  DT C C5     1 
ATOM 1050 C C7     . DT C 3 7  ? -8.726  6.980   12.636  1.00 36.67  ? 7  DT C C7     1 
ATOM 1051 C C6     . DT C 3 7  ? -6.561  7.774   13.545  1.00 34.99  ? 7  DT C C6     1 
ATOM 1052 H "H5'"  . DT C 3 7  ? -6.507  11.917  15.940  1.00 49.84  ? 7  DT C "H5'"  1 
ATOM 1053 H "H5''" . DT C 3 7  ? -5.613  12.883  15.068  1.00 49.84  ? 7  DT C "H5''" 1 
ATOM 1054 H "H4'"  . DT C 3 7  ? -4.360  11.129  16.029  1.00 53.16  ? 7  DT C "H4'"  1 
ATOM 1055 H "H3'"  . DT C 3 7  ? -4.061  11.773  13.443  1.00 41.98  ? 7  DT C "H3'"  1 
ATOM 1056 H "H2'"  . DT C 3 7  ? -4.605  9.742   12.614  1.00 42.77  ? 7  DT C "H2'"  1 
ATOM 1057 H "H2''" . DT C 3 7  ? -3.106  9.372   13.031  1.00 42.77  ? 7  DT C "H2''" 1 
ATOM 1058 H "H1'"  . DT C 3 7  ? -3.757  8.532   15.022  1.00 46.72  ? 7  DT C "H1'"  1 
ATOM 1059 H H3     . DT C 3 7  ? -5.360  4.505   14.118  1.00 52.37  ? 7  DT C H3     1 
ATOM 1060 H H71    . DT C 3 7  ? -9.264  7.495   13.257  1.00 44.00  ? 7  DT C H71    1 
ATOM 1061 H H72    . DT C 3 7  ? -8.643  7.465   11.800  1.00 44.00  ? 7  DT C H72    1 
ATOM 1062 H H73    . DT C 3 7  ? -9.152  6.124   12.472  1.00 44.00  ? 7  DT C H73    1 
ATOM 1063 H H6     . DT C 3 7  ? -6.863  8.642   13.403  1.00 41.98  ? 7  DT C H6     1 
ATOM 1064 P P      . DT C 3 8  ? -1.219  11.261  13.712  1.00 56.30  ? 8  DT C P      1 
ATOM 1065 O OP1    . DT C 3 8  ? -0.138  11.914  14.491  1.00 45.29  ? 8  DT C OP1    1 
ATOM 1066 O OP2    . DT C 3 8  ? -1.587  11.721  12.347  1.00 34.99  ? 8  DT C OP2    1 
ATOM 1067 O "O5'"  . DT C 3 8  ? -0.827  9.719   13.669  1.00 34.99  ? 8  DT C "O5'"  1 
ATOM 1068 C "C5'"  . DT C 3 8  ? 0.519   9.365   13.463  1.00 46.00  ? 8  DT C "C5'"  1 
ATOM 1069 C "C4'"  . DT C 3 8  ? 0.709   7.857   13.487  1.00 38.97  ? 8  DT C "C4'"  1 
ATOM 1070 O "O4'"  . DT C 3 8  ? -0.580  7.202   13.365  1.00 42.00  ? 8  DT C "O4'"  1 
ATOM 1071 C "C3'"  . DT C 3 8  ? 1.567   7.303   12.346  1.00 34.99  ? 8  DT C "C3'"  1 
ATOM 1072 O "O3'"  . DT C 3 8  ? 2.619   6.508   12.844  1.00 38.02  ? 8  DT C "O3'"  1 
ATOM 1073 C "C2'"  . DT C 3 8  ? 0.581   6.491   11.518  1.00 40.43  ? 8  DT C "C2'"  1 
ATOM 1074 C "C1'"  . DT C 3 8  ? -0.429  6.072   12.552  1.00 36.06  ? 8  DT C "C1'"  1 
ATOM 1075 N N1     . DT C 3 8  ? -1.749  5.695   12.004  1.00 34.99  ? 8  DT C N1     1 
ATOM 1076 C C2     . DT C 3 8  ? -2.152  4.383   12.073  1.00 41.88  ? 8  DT C C2     1 
ATOM 1077 O O2     . DT C 3 8  ? -1.473  3.504   12.558  1.00 47.34  ? 8  DT C O2     1 
ATOM 1078 N N3     . DT C 3 8  ? -3.389  4.135   11.548  1.00 42.00  ? 8  DT C N3     1 
ATOM 1079 C C4     . DT C 3 8  ? -4.242  5.052   10.978  1.00 44.73  ? 8  DT C C4     1 
ATOM 1080 O O4     . DT C 3 8  ? -5.341  4.739   10.532  1.00 47.47  ? 8  DT C O4     1 
ATOM 1081 C C5     . DT C 3 8  ? -3.755  6.405   10.941  1.00 39.67  ? 8  DT C C5     1 
ATOM 1082 C C7     . DT C 3 8  ? -4.598  7.478   10.349  1.00 43.63  ? 8  DT C C7     1 
ATOM 1083 C C6     . DT C 3 8  ? -2.547  6.661   11.453  1.00 34.99  ? 8  DT C C6     1 
ATOM 1084 H "H5'"  . DT C 3 8  ? 1.060   9.764   14.162  1.00 55.20  ? 8  DT C "H5'"  1 
ATOM 1085 H "H5''" . DT C 3 8  ? 0.809   9.708   12.604  1.00 55.20  ? 8  DT C "H5''" 1 
ATOM 1086 H "H4'"  . DT C 3 8  ? 1.111   7.605   14.332  1.00 46.77  ? 8  DT C "H4'"  1 
ATOM 1087 H "H3'"  . DT C 3 8  ? 1.924   8.033   11.816  1.00 41.98  ? 8  DT C "H3'"  1 
ATOM 1088 H "HO3'" . DT C 3 8  ? 3.415   6.691   12.645  1.00 45.63  ? 8  DT C "HO3'" 1 
ATOM 1089 H "H2'"  . DT C 3 8  ? 0.168   7.042   10.835  1.00 48.52  ? 8  DT C "H2'"  1 
ATOM 1090 H "H2''" . DT C 3 8  ? 1.015   5.716   11.126  1.00 48.52  ? 8  DT C "H2''" 1 
ATOM 1091 H "H1'"  . DT C 3 8  ? -0.072  5.340   13.078  1.00 43.27  ? 8  DT C "H1'"  1 
ATOM 1092 H H3     . DT C 3 8  ? -3.663  3.320   11.578  1.00 50.40  ? 8  DT C H3     1 
ATOM 1093 H H71    . DT C 3 8  ? -5.436  7.097   10.043  1.00 52.35  ? 8  DT C H71    1 
ATOM 1094 H H72    . DT C 3 8  ? -4.776  8.155   11.019  1.00 52.35  ? 8  DT C H72    1 
ATOM 1095 H H73    . DT C 3 8  ? -4.131  7.878   9.600   1.00 52.35  ? 8  DT C H73    1 
ATOM 1096 H H6     . DT C 3 8  ? -2.234  7.537   11.431  1.00 41.98  ? 8  DT C H6     1 
ATOM 1097 P P      . DG D 4 1  ? -3.075  -6.032  -15.575 1.00 77.52  ? 10 DG D P      1 
ATOM 1098 O OP1    . DG D 4 1  ? -3.441  -6.757  -16.813 1.00 84.41  ? 10 DG D OP1    1 
ATOM 1099 O OP2    . DG D 4 1  ? -2.963  -6.766  -14.303 1.00 41.62  ? 10 DG D OP2    1 
ATOM 1100 O "O5'"  . DG D 4 1  ? -4.138  -4.855  -15.381 1.00 61.62  ? 10 DG D "O5'"  1 
ATOM 1101 C "C5'"  . DG D 4 1  ? -4.642  -4.546  -14.096 1.00 43.53  ? 10 DG D "C5'"  1 
ATOM 1102 C "C4'"  . DG D 4 1  ? -4.684  -3.049  -13.871 1.00 43.14  ? 10 DG D "C4'"  1 
ATOM 1103 O "O4'"  . DG D 4 1  ? -4.483  -2.783  -12.461 1.00 49.54  ? 10 DG D "O4'"  1 
ATOM 1104 C "C3'"  . DG D 4 1  ? -3.603  -2.265  -14.600 1.00 56.12  ? 10 DG D "C3'"  1 
ATOM 1105 O "O3'"  . DG D 4 1  ? -4.097  -1.742  -15.810 1.00 45.48  ? 10 DG D "O3'"  1 
ATOM 1106 C "C2'"  . DG D 4 1  ? -3.217  -1.171  -13.613 1.00 45.04  ? 10 DG D "C2'"  1 
ATOM 1107 C "C1'"  . DG D 4 1  ? -3.460  -1.827  -12.270 1.00 41.57  ? 10 DG D "C1'"  1 
ATOM 1108 N N9     . DG D 4 1  ? -2.303  -2.509  -11.721 1.00 34.99  ? 10 DG D N9     1 
ATOM 1109 C C8     . DG D 4 1  ? -2.153  -3.856  -11.558 1.00 41.52  ? 10 DG D C8     1 
ATOM 1110 N N7     . DG D 4 1  ? -1.014  -4.191  -11.029 1.00 41.66  ? 10 DG D N7     1 
ATOM 1111 C C5     . DG D 4 1  ? -0.372  -2.981  -10.818 1.00 37.37  ? 10 DG D C5     1 
ATOM 1112 C C6     . DG D 4 1  ? 0.901   -2.717  -10.267 1.00 38.40  ? 10 DG D C6     1 
ATOM 1113 O O6     . DG D 4 1  ? 1.737   -3.531  -9.845  1.00 43.50  ? 10 DG D O6     1 
ATOM 1114 N N1     . DG D 4 1  ? 1.170   -1.354  -10.230 1.00 39.36  ? 10 DG D N1     1 
ATOM 1115 C C2     . DG D 4 1  ? 0.318   -0.373  -10.672 1.00 48.56  ? 10 DG D C2     1 
ATOM 1116 N N2     . DG D 4 1  ? 0.748   0.892   -10.556 1.00 59.32  ? 10 DG D N2     1 
ATOM 1117 N N3     . DG D 4 1  ? -0.881  -0.613  -11.200 1.00 44.67  ? 10 DG D N3     1 
ATOM 1118 C C4     . DG D 4 1  ? -1.154  -1.936  -11.238 1.00 38.24  ? 10 DG D C4     1 
ATOM 1119 H "H5'"  . DG D 4 1  ? -4.072  -4.952  -13.426 1.00 52.24  ? 10 DG D "H5'"  1 
ATOM 1120 H "H5''" . DG D 4 1  ? -5.538  -4.905  -14.011 1.00 52.24  ? 10 DG D "H5''" 1 
ATOM 1121 H "H4'"  . DG D 4 1  ? -5.553  -2.712  -14.137 1.00 51.77  ? 10 DG D "H4'"  1 
ATOM 1122 H "H3'"  . DG D 4 1  ? -2.840  -2.838  -14.774 1.00 67.35  ? 10 DG D "H3'"  1 
ATOM 1123 H "H2'"  . DG D 4 1  ? -2.282  -0.932  -13.714 1.00 54.05  ? 10 DG D "H2'"  1 
ATOM 1124 H "H2''" . DG D 4 1  ? -3.786  -0.394  -13.723 1.00 54.05  ? 10 DG D "H2''" 1 
ATOM 1125 H "H1'"  . DG D 4 1  ? -3.764  -1.157  -11.639 1.00 49.89  ? 10 DG D "H1'"  1 
ATOM 1126 H H8     . DG D 4 1  ? -2.799  -4.476  -11.813 1.00 49.82  ? 10 DG D H8     1 
ATOM 1127 H H1     . DG D 4 1  ? 1.929   -1.107  -9.907  1.00 47.23  ? 10 DG D H1     1 
ATOM 1128 H H21    . DG D 4 1  ? 0.254   1.541   -10.828 1.00 71.18  ? 10 DG D H21    1 
ATOM 1129 H H22    . DG D 4 1  ? 1.519   1.054   -10.209 1.00 71.18  ? 10 DG D H22    1 
ATOM 1130 P P      . DG D 4 2  ? -3.102  -1.570  -17.052 1.00 57.80  ? 11 DG D P      1 
ATOM 1131 O OP1    . DG D 4 2  ? -3.841  -0.789  -18.072 1.00 46.29  ? 11 DG D OP1    1 
ATOM 1132 O OP2    . DG D 4 2  ? -2.517  -2.896  -17.364 1.00 57.46  ? 11 DG D OP2    1 
ATOM 1133 O "O5'"  . DG D 4 2  ? -1.911  -0.682  -16.466 1.00 47.13  ? 11 DG D "O5'"  1 
ATOM 1134 C "C5'"  . DG D 4 2  ? -2.063  0.723   -16.384 1.00 55.25  ? 11 DG D "C5'"  1 
ATOM 1135 C "C4'"  . DG D 4 2  ? -0.868  1.353   -15.705 1.00 60.98  ? 11 DG D "C4'"  1 
ATOM 1136 O "O4'"  . DG D 4 2  ? -0.532  0.594   -14.527 1.00 55.81  ? 11 DG D "O4'"  1 
ATOM 1137 C "C3'"  . DG D 4 2  ? 0.398   1.355   -16.533 1.00 72.22  ? 11 DG D "C3'"  1 
ATOM 1138 O "O3'"  . DG D 4 2  ? 0.460   2.507   -17.353 1.00 82.52  ? 11 DG D "O3'"  1 
ATOM 1139 C "C2'"  . DG D 4 2  ? 1.511   1.324   -15.490 1.00 63.19  ? 11 DG D "C2'"  1 
ATOM 1140 C "C1'"  . DG D 4 2  ? 0.849   0.712   -14.260 1.00 41.71  ? 11 DG D "C1'"  1 
ATOM 1141 N N9     . DG D 4 2  ? 1.352   -0.602  -13.923 1.00 44.90  ? 11 DG D N9     1 
ATOM 1142 C C8     . DG D 4 2  ? 0.733   -1.810  -14.139 1.00 55.93  ? 11 DG D C8     1 
ATOM 1143 N N7     . DG D 4 2  ? 1.432   -2.834  -13.720 1.00 45.50  ? 11 DG D N7     1 
ATOM 1144 C C5     . DG D 4 2  ? 2.583   -2.262  -13.201 1.00 42.84  ? 11 DG D C5     1 
ATOM 1145 C C6     . DG D 4 2  ? 3.715   -2.868  -12.604 1.00 46.90  ? 11 DG D C6     1 
ATOM 1146 O O6     . DG D 4 2  ? 3.930   -4.076  -12.408 1.00 40.36  ? 11 DG D O6     1 
ATOM 1147 N N1     . DG D 4 2  ? 4.657   -1.919  -12.215 1.00 45.43  ? 11 DG D N1     1 
ATOM 1148 C C2     . DG D 4 2  ? 4.516   -0.558  -12.382 1.00 55.54  ? 11 DG D C2     1 
ATOM 1149 N N2     . DG D 4 2  ? 5.522   0.205   -11.948 1.00 59.66  ? 11 DG D N2     1 
ATOM 1150 N N3     . DG D 4 2  ? 3.460   0.020   -12.936 1.00 44.08  ? 11 DG D N3     1 
ATOM 1151 C C4     . DG D 4 2  ? 2.540   -0.886  -13.317 1.00 45.20  ? 11 DG D C4     1 
ATOM 1152 H "H5'"  . DG D 4 2  ? -2.863  0.929   -15.874 1.00 66.30  ? 11 DG D "H5'"  1 
ATOM 1153 H "H5''" . DG D 4 2  ? -2.152  1.088   -17.278 1.00 66.30  ? 11 DG D "H5''" 1 
ATOM 1154 H "H4'"  . DG D 4 2  ? -1.085  2.263   -15.450 1.00 73.18  ? 11 DG D "H4'"  1 
ATOM 1155 H "H3'"  . DG D 4 2  ? 0.435   0.555   -17.081 1.00 86.66  ? 11 DG D "H3'"  1 
ATOM 1156 H "H2'"  . DG D 4 2  ? 2.245   0.767   -15.793 1.00 75.83  ? 11 DG D "H2'"  1 
ATOM 1157 H "H2''" . DG D 4 2  ? 1.821   2.223   -15.297 1.00 75.83  ? 11 DG D "H2''" 1 
ATOM 1158 H "H1'"  . DG D 4 2  ? 0.976   1.305   -13.502 1.00 50.05  ? 11 DG D "H1'"  1 
ATOM 1159 H H8     . DG D 4 2  ? -0.103  -1.891  -14.538 1.00 67.12  ? 11 DG D H8     1 
ATOM 1160 H H1     . DG D 4 2  ? 5.376   -2.201  -11.840 1.00 54.52  ? 11 DG D H1     1 
ATOM 1161 H H21    . DG D 4 2  ? 5.482   1.061   -12.035 1.00 71.60  ? 11 DG D H21    1 
ATOM 1162 H H22    . DG D 4 2  ? 6.210   -0.159  -11.582 1.00 71.60  ? 11 DG D H22    1 
ATOM 1163 P P      . DT D 4 3  ? 1.543   2.571   -18.534 1.00 99.23  ? 12 DT D P      1 
ATOM 1164 O OP1    . DT D 4 3  ? 1.184   3.744   -19.371 1.00 83.56  ? 12 DT D OP1    1 
ATOM 1165 O OP2    . DT D 4 3  ? 1.637   1.218   -19.128 1.00 89.61  ? 12 DT D OP2    1 
ATOM 1166 O "O5'"  . DT D 4 3  ? 2.930   2.814   -17.771 1.00 62.69  ? 12 DT D "O5'"  1 
ATOM 1167 C "C5'"  . DT D 4 3  ? 3.158   4.043   -17.104 1.00 66.77  ? 12 DT D "C5'"  1 
ATOM 1168 C "C4'"  . DT D 4 3  ? 4.561   4.099   -16.542 1.00 64.86  ? 12 DT D "C4'"  1 
ATOM 1169 O "O4'"  . DT D 4 3  ? 4.803   2.910   -15.744 1.00 61.09  ? 12 DT D "O4'"  1 
ATOM 1170 C "C3'"  . DT D 4 3  ? 5.669   4.134   -17.590 1.00 74.22  ? 12 DT D "C3'"  1 
ATOM 1171 O "O3'"  . DT D 4 3  ? 6.667   5.084   -17.238 1.00 80.29  ? 12 DT D "O3'"  1 
ATOM 1172 C "C2'"  . DT D 4 3  ? 6.201   2.706   -17.588 1.00 82.14  ? 12 DT D "C2'"  1 
ATOM 1173 C "C1'"  . DT D 4 3  ? 6.003   2.298   -16.145 1.00 55.95  ? 12 DT D "C1'"  1 
ATOM 1174 N N1     . DT D 4 3  ? 5.866   0.847   -15.950 1.00 50.60  ? 12 DT D N1     1 
ATOM 1175 C C2     . DT D 4 3  ? 6.836   0.151   -15.253 1.00 61.47  ? 12 DT D C2     1 
ATOM 1176 O O2     . DT D 4 3  ? 7.831   0.676   -14.782 1.00 65.26  ? 12 DT D O2     1 
ATOM 1177 N N3     . DT D 4 3  ? 6.595   -1.193  -15.134 1.00 61.04  ? 12 DT D N3     1 
ATOM 1178 C C4     . DT D 4 3  ? 5.503   -1.889  -15.630 1.00 53.37  ? 12 DT D C4     1 
ATOM 1179 O O4     . DT D 4 3  ? 5.368   -3.096  -15.483 1.00 54.43  ? 12 DT D O4     1 
ATOM 1180 C C5     . DT D 4 3  ? 4.531   -1.093  -16.341 1.00 51.63  ? 12 DT D C5     1 
ATOM 1181 C C7     . DT D 4 3  ? 3.308   -1.736  -16.923 1.00 63.64  ? 12 DT D C7     1 
ATOM 1182 C C6     . DT D 4 3  ? 4.757   0.219   -16.464 1.00 53.08  ? 12 DT D C6     1 
ATOM 1183 H "H5'"  . DT D 4 3  ? 2.520   4.135   -16.379 1.00 80.13  ? 12 DT D "H5'"  1 
ATOM 1184 H "H5''" . DT D 4 3  ? 3.036   4.773   -17.731 1.00 80.13  ? 12 DT D "H5''" 1 
ATOM 1185 H "H4'"  . DT D 4 3  ? 4.641   4.881   -15.974 1.00 77.84  ? 12 DT D "H4'"  1 
ATOM 1186 H "H3'"  . DT D 4 3  ? 5.297   4.349   -18.461 1.00 89.07  ? 12 DT D "H3'"  1 
ATOM 1187 H "H2'"  . DT D 4 3  ? 5.679   2.143   -18.180 1.00 98.57  ? 12 DT D "H2'"  1 
ATOM 1188 H "H2''" . DT D 4 3  ? 7.140   2.688   -17.826 1.00 98.57  ? 12 DT D "H2''" 1 
ATOM 1189 H "H1'"  . DT D 4 3  ? 6.736   2.633   -15.606 1.00 67.14  ? 12 DT D "H1'"  1 
ATOM 1190 H H3     . DT D 4 3  ? 7.184   -1.652  -14.707 1.00 73.24  ? 12 DT D H3     1 
ATOM 1191 H H71    . DT D 4 3  ? 3.328   -2.689  -16.742 1.00 76.37  ? 12 DT D H71    1 
ATOM 1192 H H72    . DT D 4 3  ? 2.515   -1.347  -16.520 1.00 76.37  ? 12 DT D H72    1 
ATOM 1193 H H73    . DT D 4 3  ? 3.290   -1.589  -17.881 1.00 76.37  ? 12 DT D H73    1 
ATOM 1194 H H6     . DT D 4 3  ? 4.132   0.733   -16.924 1.00 63.70  ? 12 DT D H6     1 
ATOM 1195 P P      . DC D 4 4  ? 7.821   5.474   -18.287 1.00 93.91  ? 13 DC D P      1 
ATOM 1196 O OP1    . DC D 4 4  ? 7.627   6.907   -18.611 1.00 56.52  ? 13 DC D OP1    1 
ATOM 1197 O OP2    . DC D 4 4  ? 7.832   4.451   -19.360 1.00 92.68  ? 13 DC D OP2    1 
ATOM 1198 O "O5'"  . DC D 4 4  ? 9.172   5.263   -17.458 1.00 69.52  ? 13 DC D "O5'"  1 
ATOM 1199 C "C5'"  . DC D 4 4  ? 9.285   4.149   -16.607 1.00 65.58  ? 13 DC D "C5'"  1 
ATOM 1200 C "C4'"  . DC D 4 4  ? 10.725  3.880   -16.243 1.00 85.41  ? 13 DC D "C4'"  1 
ATOM 1201 O "O4'"  . DC D 4 4  ? 10.822  2.529   -15.722 1.00 91.22  ? 13 DC D "O4'"  1 
ATOM 1202 C "C3'"  . DC D 4 4  ? 11.705  3.947   -17.404 1.00 99.87  ? 13 DC D "C3'"  1 
ATOM 1203 O "O3'"  . DC D 4 4  ? 13.003  4.382   -16.980 1.00 120.34 ? 13 DC D "O3'"  1 
ATOM 1204 C "C2'"  . DC D 4 4  ? 11.720  2.519   -17.926 1.00 101.11 ? 13 DC D "C2'"  1 
ATOM 1205 C "C1'"  . DC D 4 4  ? 11.383  1.666   -16.695 1.00 81.96  ? 13 DC D "C1'"  1 
ATOM 1206 N N1     . DC D 4 4  ? 10.413  0.561   -17.004 1.00 75.87  ? 13 DC D N1     1 
ATOM 1207 C C2     . DC D 4 4  ? 10.672  -0.752  -16.567 1.00 71.43  ? 13 DC D C2     1 
ATOM 1208 O O2     . DC D 4 4  ? 11.684  -0.980  -15.891 1.00 65.43  ? 13 DC D O2     1 
ATOM 1209 N N3     . DC D 4 4  ? 9.789   -1.734  -16.890 1.00 69.91  ? 13 DC D N3     1 
ATOM 1210 C C4     . DC D 4 4  ? 8.706   -1.447  -17.623 1.00 79.61  ? 13 DC D C4     1 
ATOM 1211 N N4     . DC D 4 4  ? 7.863   -2.442  -17.920 1.00 80.23  ? 13 DC D N4     1 
ATOM 1212 C C5     . DC D 4 4  ? 8.435   -0.125  -18.084 1.00 69.71  ? 13 DC D C5     1 
ATOM 1213 C C6     . DC D 4 4  ? 9.302   0.832   -17.758 1.00 71.58  ? 13 DC D C6     1 
ATOM 1214 H "H5'"  . DC D 4 4  ? 8.920   3.370   -17.055 1.00 78.70  ? 13 DC D "H5'"  1 
ATOM 1215 H "H5''" . DC D 4 4  ? 8.779   4.316   -15.797 1.00 78.70  ? 13 DC D "H5''" 1 
ATOM 1216 H "H4'"  . DC D 4 4  ? 11.001  4.506   -15.556 1.00 102.49 ? 13 DC D "H4'"  1 
ATOM 1217 H "H3'"  . DC D 4 4  ? 11.364  4.544   -18.089 1.00 119.84 ? 13 DC D "H3'"  1 
ATOM 1218 H "H2'"  . DC D 4 4  ? 11.047  2.403   -18.614 1.00 121.33 ? 13 DC D "H2'"  1 
ATOM 1219 H "H2''" . DC D 4 4  ? 12.599  2.291   -18.266 1.00 121.33 ? 13 DC D "H2''" 1 
ATOM 1220 H "H1'"  . DC D 4 4  ? 12.201  1.281   -16.343 1.00 98.35  ? 13 DC D "H1'"  1 
ATOM 1221 H H41    . DC D 4 4  ? 7.157   -2.283  -18.387 1.00 96.28  ? 13 DC D H41    1 
ATOM 1222 H H42    . DC D 4 4  ? 8.026   -3.240  -17.646 1.00 96.28  ? 13 DC D H42    1 
ATOM 1223 H H5     . DC D 4 4  ? 7.677   0.064   -18.590 1.00 83.65  ? 13 DC D H5     1 
ATOM 1224 H H6     . DC D 4 4  ? 9.153   1.703   -18.052 1.00 85.90  ? 13 DC D H6     1 
ATOM 1225 P P      . DT D 4 5  ? 14.240  4.388   -18.014 1.00 134.55 ? 14 DT D P      1 
ATOM 1226 O OP1    . DT D 4 5  ? 15.235  5.366   -17.518 1.00 132.71 ? 14 DT D OP1    1 
ATOM 1227 O OP2    . DT D 4 5  ? 13.693  4.543   -19.383 1.00 113.50 ? 14 DT D OP2    1 
ATOM 1228 O "O5'"  . DT D 4 5  ? 14.862  2.915   -17.882 1.00 112.67 ? 14 DT D "O5'"  1 
ATOM 1229 C "C5'"  . DT D 4 5  ? 15.078  2.352   -16.587 1.00 111.38 ? 14 DT D "C5'"  1 
ATOM 1230 C "C4'"  . DT D 4 5  ? 15.879  1.059   -16.667 1.00 115.01 ? 14 DT D "C4'"  1 
ATOM 1231 O "O4'"  . DT D 4 5  ? 14.975  -0.077  -16.815 1.00 112.48 ? 14 DT D "O4'"  1 
ATOM 1232 C "C3'"  . DT D 4 5  ? 16.860  0.975   -17.837 1.00 112.99 ? 14 DT D "C3'"  1 
ATOM 1233 O "O3'"  . DT D 4 5  ? 18.111  0.451   -17.395 1.00 109.61 ? 14 DT D "O3'"  1 
ATOM 1234 C "C2'"  . DT D 4 5  ? 16.157  0.052   -18.829 1.00 110.31 ? 14 DT D "C2'"  1 
ATOM 1235 C "C1'"  . DT D 4 5  ? 15.372  -0.877  -17.915 1.00 100.04 ? 14 DT D "C1'"  1 
ATOM 1236 N N1     . DT D 4 5  ? 14.137  -1.485  -18.540 1.00 84.88  ? 14 DT D N1     1 
ATOM 1237 C C2     . DT D 4 5  ? 13.886  -2.845  -18.399 1.00 76.38  ? 14 DT D C2     1 
ATOM 1238 O O2     . DT D 4 5  ? 14.632  -3.609  -17.799 1.00 77.22  ? 14 DT D O2     1 
ATOM 1239 N N3     . DT D 4 5  ? 12.724  -3.278  -19.001 1.00 70.39  ? 14 DT D N3     1 
ATOM 1240 C C4     . DT D 4 5  ? 11.809  -2.499  -19.699 1.00 73.65  ? 14 DT D C4     1 
ATOM 1241 O O4     . DT D 4 5  ? 10.793  -2.966  -20.204 1.00 70.56  ? 14 DT D O4     1 
ATOM 1242 C C5     . DT D 4 5  ? 12.135  -1.094  -19.797 1.00 74.21  ? 14 DT D C5     1 
ATOM 1243 C C7     . DT D 4 5  ? 11.224  -0.158  -20.536 1.00 69.16  ? 14 DT D C7     1 
ATOM 1244 C C6     . DT D 4 5  ? 13.263  -0.661  -19.218 1.00 75.52  ? 14 DT D C6     1 
ATOM 1245 H "H5'"  . DT D 4 5  ? 14.220  2.167   -16.175 1.00 133.66 ? 14 DT D "H5'"  1 
ATOM 1246 H "H5''" . DT D 4 5  ? 15.562  2.991   -16.041 1.00 133.66 ? 14 DT D "H5''" 1 
ATOM 1247 H "H4'"  . DT D 4 5  ? 16.376  0.953   -15.840 1.00 138.01 ? 14 DT D "H4'"  1 
ATOM 1248 H "H3'"  . DT D 4 5  ? 16.986  1.853   -18.229 1.00 135.59 ? 14 DT D "H3'"  1 
ATOM 1249 H "H2'"  . DT D 4 5  ? 15.558  0.556   -19.404 1.00 132.37 ? 14 DT D "H2'"  1 
ATOM 1250 H "H2''" . DT D 4 5  ? 16.802  -0.446  -19.355 1.00 132.37 ? 14 DT D "H2''" 1 
ATOM 1251 H "H1'"  . DT D 4 5  ? 15.955  -1.586  -17.601 1.00 120.05 ? 14 DT D "H1'"  1 
ATOM 1252 H H3     . DT D 4 5  ? 12.541  -4.115  -18.930 1.00 84.47  ? 14 DT D H3     1 
ATOM 1253 H H71    . DT D 4 5  ? 10.906  0.530   -19.929 1.00 82.99  ? 14 DT D H71    1 
ATOM 1254 H H72    . DT D 4 5  ? 11.708  0.256   -21.267 1.00 82.99  ? 14 DT D H72    1 
ATOM 1255 H H73    . DT D 4 5  ? 10.467  -0.653  -20.888 1.00 82.99  ? 14 DT D H73    1 
ATOM 1256 H H6     . DT D 4 5  ? 13.472  0.242   -19.284 1.00 90.62  ? 14 DT D H6     1 
ATOM 1257 P P      . DG D 4 6  ? 19.440  0.651   -18.277 1.00 121.76 ? 15 DG D P      1 
ATOM 1258 O OP1    . DG D 4 6  ? 20.546  0.961   -17.345 1.00 130.34 ? 15 DG D OP1    1 
ATOM 1259 O OP2    . DG D 4 6  ? 19.124  1.568   -19.397 1.00 114.78 ? 15 DG D OP2    1 
ATOM 1260 O "O5'"  . DG D 4 6  ? 19.730  -0.808  -18.859 1.00 114.07 ? 15 DG D "O5'"  1 
ATOM 1261 C "C5'"  . DG D 4 6  ? 19.948  -1.896  -17.965 1.00 116.31 ? 15 DG D "C5'"  1 
ATOM 1262 C "C4'"  . DG D 4 6  ? 19.691  -3.209  -18.667 1.00 110.36 ? 15 DG D "C4'"  1 
ATOM 1263 O "O4'"  . DG D 4 6  ? 18.290  -3.282  -19.020 1.00 100.14 ? 15 DG D "O4'"  1 
ATOM 1264 C "C3'"  . DG D 4 6  ? 20.474  -3.387  -19.973 1.00 113.50 ? 15 DG D "C3'"  1 
ATOM 1265 O "O3'"  . DG D 4 6  ? 21.528  -4.385  -19.823 1.00 126.31 ? 15 DG D "O3'"  1 
ATOM 1266 C "C2'"  . DG D 4 6  ? 19.413  -3.761  -21.021 1.00 98.07  ? 15 DG D "C2'"  1 
ATOM 1267 C "C1'"  . DG D 4 6  ? 18.155  -4.027  -20.201 1.00 92.33  ? 15 DG D "C1'"  1 
ATOM 1268 N N9     . DG D 4 6  ? 16.920  -3.632  -20.880 1.00 83.62  ? 15 DG D N9     1 
ATOM 1269 C C8     . DG D 4 6  ? 16.588  -2.384  -21.357 1.00 82.98  ? 15 DG D C8     1 
ATOM 1270 N N7     . DG D 4 6  ? 15.412  -2.341  -21.928 1.00 72.68  ? 15 DG D N7     1 
ATOM 1271 C C5     . DG D 4 6  ? 14.938  -3.645  -21.824 1.00 74.50  ? 15 DG D C5     1 
ATOM 1272 C C6     . DG D 4 6  ? 13.713  -4.212  -22.263 1.00 69.11  ? 15 DG D C6     1 
ATOM 1273 O O6     . DG D 4 6  ? 12.780  -3.649  -22.851 1.00 67.49  ? 15 DG D O6     1 
ATOM 1274 N N1     . DG D 4 6  ? 13.631  -5.576  -21.954 1.00 65.10  ? 15 DG D N1     1 
ATOM 1275 C C2     . DG D 4 6  ? 14.613  -6.297  -21.305 1.00 68.16  ? 15 DG D C2     1 
ATOM 1276 N N2     . DG D 4 6  ? 14.368  -7.606  -21.092 1.00 61.54  ? 15 DG D N2     1 
ATOM 1277 N N3     . DG D 4 6  ? 15.761  -5.773  -20.893 1.00 75.54  ? 15 DG D N3     1 
ATOM 1278 C C4     . DG D 4 6  ? 15.854  -4.451  -21.183 1.00 78.54  ? 15 DG D C4     1 
ATOM 1279 H "H5'"  . DG D 4 6  ? 19.348  -1.814  -17.207 1.00 139.58 ? 15 DG D "H5'"  1 
ATOM 1280 H "H5''" . DG D 4 6  ? 20.865  -1.874  -17.650 1.00 139.58 ? 15 DG D "H5''" 1 
ATOM 1281 H "H4'"  . DG D 4 6  ? 19.906  -3.940  -18.064 1.00 132.44 ? 15 DG D "H4'"  1 
ATOM 1282 H "H3'"  . DG D 4 6  ? 20.875  -2.539  -20.218 1.00 136.20 ? 15 DG D "H3'"  1 
ATOM 1283 H "H2'"  . DG D 4 6  ? 19.269  -3.025  -21.635 1.00 117.69 ? 15 DG D "H2'"  1 
ATOM 1284 H "H2''" . DG D 4 6  ? 19.679  -4.560  -21.502 1.00 117.69 ? 15 DG D "H2''" 1 
ATOM 1285 H "H1'"  . DG D 4 6  ? 18.110  -4.970  -19.980 1.00 110.79 ? 15 DG D "H1'"  1 
ATOM 1286 H H8     . DG D 4 6  ? 17.146  -1.644  -21.281 1.00 99.58  ? 15 DG D H8     1 
ATOM 1287 H H1     . DG D 4 6  ? 12.918  -5.996  -22.190 1.00 78.12  ? 15 DG D H1     1 
ATOM 1288 H H21    . DG D 4 6  ? 14.950  -8.091  -20.686 1.00 73.85  ? 15 DG D H21    1 
ATOM 1289 H H22    . DG D 4 6  ? 13.629  -7.955  -21.362 1.00 73.85  ? 15 DG D H22    1 
ATOM 1290 P P      . DC D 4 7  ? 21.234  -5.970  -19.871 1.00 122.89 ? 16 DC D P      1 
ATOM 1291 O OP1    . DC D 4 7  ? 19.941  -6.229  -19.195 1.00 109.49 ? 16 DC D OP1    1 
ATOM 1292 O OP2    . DC D 4 7  ? 22.455  -6.656  -19.390 1.00 96.74  ? 16 DC D OP2    1 
ATOM 1293 O "O5'"  . DC D 4 7  ? 21.126  -6.299  -21.436 1.00 98.13  ? 16 DC D "O5'"  1 
ATOM 1294 C "C5'"  . DC D 4 7  ? 21.454  -7.598  -21.918 1.00 92.39  ? 16 DC D "C5'"  1 
ATOM 1295 C "C4'"  . DC D 4 7  ? 20.510  -8.647  -21.359 1.00 91.15  ? 16 DC D "C4'"  1 
ATOM 1296 O "O4'"  . DC D 4 7  ? 19.160  -8.113  -21.322 1.00 90.00  ? 16 DC D "O4'"  1 
ATOM 1297 C "C3'"  . DC D 4 7  ? 20.411  -9.918  -22.183 1.00 94.60  ? 16 DC D "C3'"  1 
ATOM 1298 O "O3'"  . DC D 4 7  ? 20.109  -11.040 -21.351 1.00 98.20  ? 16 DC D "O3'"  1 
ATOM 1299 C "C2'"  . DC D 4 7  ? 19.289  -9.597  -23.164 1.00 81.98  ? 16 DC D "C2'"  1 
ATOM 1300 C "C1'"  . DC D 4 7  ? 18.366  -8.705  -22.341 1.00 79.86  ? 16 DC D "C1'"  1 
ATOM 1301 N N1     . DC D 4 7  ? 17.707  -7.604  -23.115 1.00 82.45  ? 16 DC D N1     1 
ATOM 1302 C C2     . DC D 4 7  ? 16.471  -7.829  -23.749 1.00 76.32  ? 16 DC D C2     1 
ATOM 1303 O O2     . DC D 4 7  ? 15.943  -8.950  -23.679 1.00 75.49  ? 16 DC D O2     1 
ATOM 1304 N N3     . DC D 4 7  ? 15.885  -6.804  -24.433 1.00 67.10  ? 16 DC D N3     1 
ATOM 1305 C C4     . DC D 4 7  ? 16.483  -5.605  -24.484 1.00 68.55  ? 16 DC D C4     1 
ATOM 1306 N N4     . DC D 4 7  ? 15.867  -4.629  -25.162 1.00 66.86  ? 16 DC D N4     1 
ATOM 1307 C C5     . DC D 4 7  ? 17.732  -5.360  -23.838 1.00 77.81  ? 16 DC D C5     1 
ATOM 1308 C C6     . DC D 4 7  ? 18.302  -6.373  -23.173 1.00 81.08  ? 16 DC D C6     1 
ATOM 1309 H "H5'"  . DC D 4 7  ? 22.363  -7.814  -21.654 1.00 110.86 ? 16 DC D "H5'"  1 
ATOM 1310 H "H5''" . DC D 4 7  ? 21.396  -7.600  -22.887 1.00 110.86 ? 16 DC D "H5''" 1 
ATOM 1311 H "H4'"  . DC D 4 7  ? 20.786  -8.873  -20.458 1.00 109.38 ? 16 DC D "H4'"  1 
ATOM 1312 H "H3'"  . DC D 4 7  ? 21.240  -10.071 -22.662 1.00 113.52 ? 16 DC D "H3'"  1 
ATOM 1313 H "HO3'" . DC D 4 7  ? 19.406  -11.482 -21.481 1.00 117.84 ? 16 DC D "HO3'" 1 
ATOM 1314 H "H2'"  . DC D 4 7  ? 19.633  -9.117  -23.934 1.00 98.37  ? 16 DC D "H2'"  1 
ATOM 1315 H "H2''" . DC D 4 7  ? 18.830  -10.406 -23.438 1.00 98.37  ? 16 DC D "H2''" 1 
ATOM 1316 H "H1'"  . DC D 4 7  ? 17.681  -9.254  -21.928 1.00 95.83  ? 16 DC D "H1'"  1 
ATOM 1317 H H41    . DC D 4 7  ? 16.234  -3.854  -25.227 1.00 80.23  ? 16 DC D H41    1 
ATOM 1318 H H42    . DC D 4 7  ? 15.105  -4.776  -25.530 1.00 80.23  ? 16 DC D H42    1 
ATOM 1319 H H5     . DC D 4 7  ? 18.139  -4.524  -23.882 1.00 93.37  ? 16 DC D H5     1 
ATOM 1320 H H6     . DC D 4 7  ? 19.115  -6.238  -22.741 1.00 97.30  ? 16 DC D H6     1 
# 
